data_6BP0
#
_entry.id   6BP0
#
_cell.length_a   92.222
_cell.length_b   95.118
_cell.length_c   193.553
_cell.angle_alpha   90.00
_cell.angle_beta   90.00
_cell.angle_gamma   90.00
#
_symmetry.space_group_name_H-M   'P 21 21 21'
#
loop_
_entity.id
_entity.type
_entity.pdbx_description
1 polymer 'Serine/threonine-protein kinase VRK1'
2 non-polymer 'CHLORIDE ION'
3 non-polymer (7R)-2-[(3,5-difluoro-4-hydroxyphenyl)amino]-5,7,8-trimethyl-7,8-dihydropteridin-6(5H)-one
4 non-polymer 1,2-ETHANEDIOL
5 non-polymer 'SULFATE ION'
6 non-polymer GLYCEROL
7 water water
#
_entity_poly.entity_id   1
_entity_poly.type   'polypeptide(L)'
_entity_poly.pdbx_seq_one_letter_code
;SMRVKAAQAGRQSSAKRHLAEQFAVGEIITDMAAAAWKVGLPIGQGGFGCIYLADMNSSESVGSDAPCVVKVEPSDNGPL
FTELKFYQRAAKPEQIQKWIRTRKLKYLGVPKYWGSGLHDKNGKSYRFMIMDRFGSDLQKIYEANAKRFSRKTVLQLSLR
ILDILEYIHEHEYVHGDIKASNLLLNYKNPDQVYLVDYGLAYRYCPEGVHKAYAADPKRCHDGTIEFTSIDAHNGVAPSR
RGDLEILGYCMIQWLTGHLPWEDNLKDPKYVRDSKIRYRENIASLMDKCFPAANAPGEIAKYMETVKLLDYTEKPLYENL
RDILLQGLKAIGSKDDGKLDLSVVENGGLKAKTITKKRAAEIEE
;
_entity_poly.pdbx_strand_id   A,B,C,D
#
loop_
_chem_comp.id
_chem_comp.type
_chem_comp.name
_chem_comp.formula
CL non-polymer 'CHLORIDE ION' 'Cl -1'
E1D non-polymer (7R)-2-[(3,5-difluoro-4-hydroxyphenyl)amino]-5,7,8-trimethyl-7,8-dihydropteridin-6(5H)-one 'C15 H15 F2 N5 O2'
EDO non-polymer 1,2-ETHANEDIOL 'C2 H6 O2'
GOL non-polymer GLYCEROL 'C3 H8 O3'
SO4 non-polymer 'SULFATE ION' 'O4 S -2'
#
# COMPACT_ATOMS: atom_id res chain seq x y z
N ALA A 20 -34.97 30.77 -35.06
CA ALA A 20 -36.29 30.73 -34.39
C ALA A 20 -36.21 31.29 -32.97
N GLU A 21 -37.15 32.16 -32.60
CA GLU A 21 -37.16 32.78 -31.27
C GLU A 21 -37.62 31.79 -30.24
N GLN A 22 -36.85 31.62 -29.17
CA GLN A 22 -37.18 30.62 -28.16
C GLN A 22 -38.02 31.20 -27.05
N PHE A 23 -37.92 32.51 -26.81
CA PHE A 23 -38.70 33.17 -25.76
C PHE A 23 -39.46 34.38 -26.29
N ALA A 24 -40.49 34.76 -25.54
CA ALA A 24 -41.14 36.06 -25.67
C ALA A 24 -40.47 36.92 -24.63
N VAL A 25 -39.75 37.96 -25.05
CA VAL A 25 -39.02 38.80 -24.10
C VAL A 25 -39.91 39.28 -22.94
N GLY A 26 -39.37 39.17 -21.72
CA GLY A 26 -40.13 39.48 -20.51
C GLY A 26 -41.03 38.39 -19.98
N GLU A 27 -41.11 37.24 -20.63
CA GLU A 27 -41.91 36.17 -20.05
C GLU A 27 -41.21 35.59 -18.82
N ILE A 28 -42.02 34.88 -18.05
CA ILE A 28 -41.62 34.28 -16.80
C ILE A 28 -41.52 32.80 -17.03
N ILE A 29 -40.34 32.23 -16.74
CA ILE A 29 -40.12 30.80 -16.92
C ILE A 29 -39.84 30.19 -15.54
N THR A 30 -40.38 29.01 -15.33
CA THR A 30 -40.29 28.36 -14.04
C THR A 30 -39.45 27.09 -14.18
N ASP A 31 -38.44 26.95 -13.32
CA ASP A 31 -37.50 25.82 -13.42
C ASP A 31 -38.03 24.58 -12.68
N MET A 32 -37.31 23.47 -12.75
CA MET A 32 -37.71 22.20 -12.16
C MET A 32 -37.85 22.26 -10.63
N ALA A 33 -37.16 23.20 -10.00
CA ALA A 33 -37.27 23.40 -8.54
C ALA A 33 -38.33 24.44 -8.20
N ALA A 34 -39.15 24.82 -9.19
CA ALA A 34 -40.24 25.79 -9.06
C ALA A 34 -39.79 27.23 -8.82
N ALA A 35 -38.53 27.54 -9.10
CA ALA A 35 -38.04 28.91 -8.98
C ALA A 35 -38.41 29.66 -10.27
N ALA A 36 -38.83 30.91 -10.11
CA ALA A 36 -39.30 31.72 -11.25
C ALA A 36 -38.24 32.72 -11.70
N TRP A 37 -38.10 32.86 -13.01
CA TRP A 37 -37.12 33.73 -13.65
C TRP A 37 -37.79 34.49 -14.79
N LYS A 38 -37.25 35.65 -15.10
CA LYS A 38 -37.70 36.45 -16.19
C LYS A 38 -36.62 36.54 -17.26
N VAL A 39 -37.02 36.58 -18.53
CA VAL A 39 -36.10 36.56 -19.65
C VAL A 39 -35.90 37.99 -20.18
N GLY A 40 -34.65 38.30 -20.53
CA GLY A 40 -34.25 39.60 -21.04
C GLY A 40 -33.70 39.50 -22.44
N LEU A 41 -32.87 40.50 -22.79
CA LEU A 41 -32.28 40.61 -24.12
C LEU A 41 -31.09 39.64 -24.28
N PRO A 42 -30.73 39.33 -25.54
CA PRO A 42 -29.55 38.50 -25.77
C PRO A 42 -28.25 39.14 -25.25
N ILE A 43 -27.25 38.33 -24.91
CA ILE A 43 -25.92 38.83 -24.56
C ILE A 43 -24.81 37.85 -24.97
N GLY A 49 -23.79 30.31 -28.62
CA GLY A 49 -25.07 29.75 -28.21
C GLY A 49 -26.19 30.80 -28.15
N CYS A 50 -27.39 30.35 -27.84
CA CYS A 50 -28.53 31.25 -27.54
C CYS A 50 -28.56 31.53 -26.05
N ILE A 51 -28.13 32.75 -25.69
CA ILE A 51 -27.97 33.14 -24.30
C ILE A 51 -28.66 34.50 -24.12
N TYR A 52 -29.51 34.60 -23.10
CA TYR A 52 -30.26 35.81 -22.82
C TYR A 52 -29.96 36.23 -21.40
N LEU A 53 -30.04 37.54 -21.14
CA LEU A 53 -30.04 38.01 -19.76
C LEU A 53 -31.25 37.41 -19.02
N ALA A 54 -31.07 37.13 -17.73
CA ALA A 54 -32.13 36.62 -16.88
C ALA A 54 -32.02 37.21 -15.48
N ASP A 55 -33.14 37.27 -14.77
CA ASP A 55 -33.16 37.68 -13.37
C ASP A 55 -34.30 36.97 -12.70
N MET A 56 -34.36 37.10 -11.38
CA MET A 56 -35.49 36.61 -10.60
C MET A 56 -36.75 37.30 -11.05
N ASN A 57 -37.86 36.58 -10.97
CA ASN A 57 -39.14 37.17 -11.28
C ASN A 57 -39.44 38.32 -10.32
N SER A 58 -39.74 39.48 -10.89
CA SER A 58 -40.23 40.65 -10.15
C SER A 58 -41.12 41.47 -11.08
N SER A 59 -41.60 42.61 -10.60
CA SER A 59 -42.35 43.55 -11.45
C SER A 59 -41.44 44.24 -12.48
N GLU A 60 -40.16 44.40 -12.18
CA GLU A 60 -39.20 45.06 -13.09
C GLU A 60 -38.93 44.24 -14.35
N SER A 61 -38.49 44.92 -15.41
CA SER A 61 -37.93 44.25 -16.58
C SER A 61 -36.52 43.79 -16.24
N VAL A 62 -36.04 42.81 -17.00
CA VAL A 62 -34.66 42.34 -16.89
C VAL A 62 -33.77 43.38 -17.55
N GLY A 63 -32.84 43.95 -16.78
CA GLY A 63 -31.96 45.01 -17.26
C GLY A 63 -30.60 44.52 -17.73
N SER A 64 -29.83 45.44 -18.29
CA SER A 64 -28.49 45.16 -18.83
C SER A 64 -27.48 44.72 -17.77
N ASP A 65 -27.77 45.03 -16.51
CA ASP A 65 -26.94 44.63 -15.37
C ASP A 65 -27.45 43.36 -14.68
N ALA A 66 -28.24 42.55 -15.39
CA ALA A 66 -28.80 41.34 -14.78
C ALA A 66 -27.68 40.43 -14.23
N PRO A 67 -27.93 39.77 -13.09
CA PRO A 67 -26.91 38.91 -12.48
C PRO A 67 -26.83 37.47 -13.05
N CYS A 68 -27.77 37.10 -13.93
CA CYS A 68 -27.84 35.76 -14.47
C CYS A 68 -28.00 35.78 -15.97
N VAL A 69 -27.79 34.61 -16.58
CA VAL A 69 -28.16 34.37 -17.96
C VAL A 69 -28.95 33.06 -18.04
N VAL A 70 -29.74 32.93 -19.10
CA VAL A 70 -30.44 31.71 -19.43
C VAL A 70 -29.89 31.24 -20.77
N LYS A 71 -29.39 30.00 -20.77
CA LYS A 71 -28.92 29.32 -21.97
C LYS A 71 -30.06 28.41 -22.37
N VAL A 72 -30.41 28.42 -23.65
CA VAL A 72 -31.53 27.64 -24.14
C VAL A 72 -31.14 26.99 -25.45
N GLU A 73 -31.46 25.72 -25.61
CA GLU A 73 -31.14 24.97 -26.80
C GLU A 73 -32.22 23.93 -26.95
N PRO A 74 -32.44 23.40 -28.17
CA PRO A 74 -33.36 22.28 -28.29
C PRO A 74 -33.02 21.14 -27.31
N SER A 75 -34.04 20.45 -26.82
CA SER A 75 -33.85 19.39 -25.83
C SER A 75 -32.98 18.23 -26.35
N ASP A 76 -32.94 18.05 -27.67
CA ASP A 76 -32.03 17.09 -28.28
C ASP A 76 -30.58 17.58 -28.52
N ASN A 77 -30.25 18.81 -28.11
CA ASN A 77 -28.88 19.32 -28.18
C ASN A 77 -27.99 18.58 -27.15
N GLY A 78 -26.99 17.86 -27.65
CA GLY A 78 -26.09 17.09 -26.80
C GLY A 78 -25.27 17.96 -25.86
N PRO A 79 -24.59 19.00 -26.39
CA PRO A 79 -23.72 19.78 -25.52
C PRO A 79 -24.46 20.43 -24.31
N LEU A 80 -25.67 20.96 -24.48
CA LEU A 80 -26.36 21.58 -23.33
C LEU A 80 -26.72 20.55 -22.26
N PHE A 81 -27.07 19.33 -22.67
CA PHE A 81 -27.29 18.24 -21.71
C PHE A 81 -26.00 17.87 -20.92
N THR A 82 -24.90 17.67 -21.64
CA THR A 82 -23.60 17.45 -21.01
C THR A 82 -23.26 18.56 -20.04
N GLU A 83 -23.45 19.80 -20.49
CA GLU A 83 -23.13 20.95 -19.66
C GLU A 83 -24.01 20.98 -18.41
N LEU A 84 -25.32 20.79 -18.60
CA LEU A 84 -26.26 20.78 -17.47
C LEU A 84 -25.86 19.74 -16.43
N LYS A 85 -25.55 18.52 -16.87
CA LYS A 85 -25.08 17.46 -15.97
C LYS A 85 -23.83 17.84 -15.18
N PHE A 86 -22.85 18.44 -15.85
CA PHE A 86 -21.68 18.96 -15.16
C PHE A 86 -22.11 19.94 -14.07
N TYR A 87 -22.89 20.94 -14.46
CA TYR A 87 -23.31 21.99 -13.50
C TYR A 87 -24.10 21.41 -12.31
N GLN A 88 -25.00 20.46 -12.58
CA GLN A 88 -25.80 19.84 -11.52
C GLN A 88 -24.95 18.97 -10.61
N ARG A 89 -23.94 18.30 -11.17
CA ARG A 89 -23.06 17.40 -10.42
C ARG A 89 -22.00 18.11 -9.59
N ALA A 90 -21.51 19.23 -10.11
CA ALA A 90 -20.30 19.87 -9.56
C ALA A 90 -20.37 21.38 -9.29
N ALA A 91 -21.42 22.06 -9.72
CA ALA A 91 -21.47 23.50 -9.60
C ALA A 91 -22.62 24.01 -8.72
N LYS A 92 -23.10 23.20 -7.78
CA LYS A 92 -24.18 23.64 -6.87
C LYS A 92 -23.60 24.71 -5.94
N PRO A 93 -24.31 25.86 -5.78
CA PRO A 93 -23.73 26.99 -5.03
C PRO A 93 -23.08 26.61 -3.69
N GLU A 94 -23.73 25.73 -2.93
CA GLU A 94 -23.22 25.29 -1.61
C GLU A 94 -22.08 24.26 -1.69
N GLN A 95 -21.97 23.56 -2.81
CA GLN A 95 -20.84 22.68 -3.10
C GLN A 95 -19.55 23.51 -3.34
N ILE A 96 -19.69 24.56 -4.14
CA ILE A 96 -18.58 25.45 -4.44
C ILE A 96 -18.17 26.16 -3.14
N GLN A 97 -19.14 26.70 -2.40
CA GLN A 97 -18.82 27.45 -1.17
C GLN A 97 -18.12 26.60 -0.13
N LYS A 98 -18.54 25.37 0.03
CA LYS A 98 -17.87 24.46 0.94
C LYS A 98 -16.39 24.25 0.57
N TRP A 99 -16.13 24.04 -0.72
CA TRP A 99 -14.77 23.88 -1.24
C TRP A 99 -13.93 25.14 -1.01
N ILE A 100 -14.51 26.30 -1.25
CA ILE A 100 -13.82 27.56 -1.00
C ILE A 100 -13.36 27.59 0.47
N ARG A 101 -14.30 27.38 1.38
CA ARG A 101 -13.99 27.39 2.82
C ARG A 101 -12.91 26.36 3.21
N THR A 102 -13.04 25.11 2.76
CA THR A 102 -12.12 24.06 3.21
C THR A 102 -10.72 24.13 2.58
N ARG A 103 -10.58 24.68 1.36
CA ARG A 103 -9.27 24.90 0.74
CA ARG A 103 -9.28 24.92 0.71
C ARG A 103 -8.77 26.34 0.96
N LYS A 104 -9.53 27.16 1.69
CA LYS A 104 -9.13 28.52 2.05
C LYS A 104 -8.84 29.42 0.85
N LEU A 105 -9.68 29.32 -0.19
CA LEU A 105 -9.53 30.12 -1.40
C LEU A 105 -10.21 31.44 -1.20
N LYS A 106 -9.81 32.45 -1.96
CA LYS A 106 -10.55 33.73 -1.99
C LYS A 106 -11.89 33.53 -2.69
N TYR A 107 -11.85 32.76 -3.80
CA TYR A 107 -13.02 32.41 -4.60
C TYR A 107 -12.69 31.13 -5.44
N LEU A 108 -13.67 30.63 -6.20
CA LEU A 108 -13.44 29.56 -7.16
C LEU A 108 -14.11 29.88 -8.50
N GLY A 109 -13.33 29.86 -9.58
CA GLY A 109 -13.81 30.24 -10.92
C GLY A 109 -14.65 29.20 -11.68
N VAL A 110 -15.55 28.52 -10.97
CA VAL A 110 -16.51 27.62 -11.58
C VAL A 110 -17.80 28.40 -11.46
N PRO A 111 -18.46 28.69 -12.60
CA PRO A 111 -19.72 29.43 -12.49
C PRO A 111 -20.77 28.65 -11.71
N LYS A 112 -21.66 29.36 -11.01
CA LYS A 112 -22.74 28.73 -10.25
C LYS A 112 -23.96 28.37 -11.09
N TYR A 113 -24.49 27.18 -10.81
CA TYR A 113 -25.76 26.69 -11.34
C TYR A 113 -26.95 27.18 -10.48
N TRP A 114 -27.94 27.81 -11.11
CA TRP A 114 -29.11 28.34 -10.39
C TRP A 114 -30.41 27.63 -10.70
N GLY A 115 -30.44 26.80 -11.73
CA GLY A 115 -31.61 26.01 -12.02
C GLY A 115 -31.70 25.67 -13.48
N SER A 116 -32.64 24.80 -13.79
CA SER A 116 -32.88 24.38 -15.16
C SER A 116 -34.26 23.82 -15.31
N GLY A 117 -34.67 23.68 -16.56
CA GLY A 117 -35.96 23.13 -16.87
C GLY A 117 -36.18 22.85 -18.34
N LEU A 118 -37.45 22.68 -18.68
CA LEU A 118 -37.87 22.31 -20.01
C LEU A 118 -38.89 23.34 -20.44
N HIS A 119 -38.82 23.74 -21.69
CA HIS A 119 -39.57 24.87 -22.17
C HIS A 119 -40.07 24.50 -23.53
N ASP A 120 -41.39 24.49 -23.70
CA ASP A 120 -41.96 24.16 -25.00
C ASP A 120 -42.35 25.45 -25.74
N LYS A 121 -42.13 25.46 -27.04
CA LYS A 121 -42.50 26.60 -27.88
C LYS A 121 -42.72 26.19 -29.31
N ASN A 122 -43.86 26.61 -29.87
CA ASN A 122 -44.23 26.31 -31.26
C ASN A 122 -44.14 24.81 -31.61
N GLY A 123 -44.54 23.97 -30.64
CA GLY A 123 -44.40 22.51 -30.74
C GLY A 123 -43.00 21.92 -30.62
N LYS A 124 -41.96 22.74 -30.42
CA LYS A 124 -40.59 22.24 -30.20
C LYS A 124 -40.27 22.24 -28.69
N SER A 125 -39.45 21.27 -28.29
CA SER A 125 -39.03 21.13 -26.89
CA SER A 125 -39.02 21.12 -26.89
C SER A 125 -37.63 21.72 -26.69
N TYR A 126 -37.49 22.60 -25.71
CA TYR A 126 -36.20 23.22 -25.39
C TYR A 126 -35.79 22.87 -23.98
N ARG A 127 -34.48 22.84 -23.75
CA ARG A 127 -33.88 22.75 -22.44
C ARG A 127 -33.34 24.12 -22.08
N PHE A 128 -33.48 24.54 -20.83
CA PHE A 128 -32.84 25.79 -20.42
C PHE A 128 -32.08 25.65 -19.11
N MET A 129 -31.07 26.51 -18.93
CA MET A 129 -30.27 26.52 -17.73
C MET A 129 -29.97 27.96 -17.33
N ILE A 130 -30.10 28.24 -16.05
CA ILE A 130 -29.80 29.53 -15.47
C ILE A 130 -28.43 29.45 -14.78
N MET A 131 -27.55 30.40 -15.08
CA MET A 131 -26.22 30.43 -14.48
C MET A 131 -25.78 31.86 -14.28
N ASP A 132 -24.68 32.05 -13.58
CA ASP A 132 -24.05 33.36 -13.39
C ASP A 132 -23.84 34.07 -14.71
N ARG A 133 -24.02 35.38 -14.67
CA ARG A 133 -23.67 36.26 -15.76
C ARG A 133 -22.25 36.81 -15.52
N PHE A 134 -21.48 36.96 -16.58
CA PHE A 134 -20.10 37.44 -16.47
C PHE A 134 -19.86 38.68 -17.30
N GLY A 135 -18.73 39.34 -17.02
CA GLY A 135 -18.19 40.41 -17.85
C GLY A 135 -17.46 39.87 -19.06
N SER A 136 -16.42 40.58 -19.48
CA SER A 136 -15.70 40.28 -20.71
C SER A 136 -14.95 38.94 -20.67
N ASP A 137 -14.82 38.32 -21.83
CA ASP A 137 -13.87 37.23 -21.98
C ASP A 137 -12.45 37.78 -22.05
N LEU A 138 -11.48 36.93 -21.74
CA LEU A 138 -10.09 37.33 -21.75
C LEU A 138 -9.52 37.53 -23.14
N GLN A 139 -10.10 36.88 -24.15
CA GLN A 139 -9.56 36.98 -25.51
C GLN A 139 -9.73 38.39 -26.06
N LYS A 140 -10.86 39.03 -25.78
CA LYS A 140 -11.11 40.43 -26.14
C LYS A 140 -10.04 41.32 -25.51
N ILE A 141 -9.76 41.11 -24.22
CA ILE A 141 -8.81 41.93 -23.47
C ILE A 141 -7.36 41.67 -23.93
N TYR A 142 -7.04 40.42 -24.21
CA TYR A 142 -5.75 40.04 -24.81
C TYR A 142 -5.50 40.75 -26.16
N GLU A 143 -6.52 40.78 -27.01
CA GLU A 143 -6.40 41.45 -28.30
C GLU A 143 -6.34 43.00 -28.19
N ALA A 144 -6.98 43.56 -27.16
CA ALA A 144 -6.88 44.98 -26.89
C ALA A 144 -5.51 45.35 -26.31
N ASN A 145 -4.83 44.39 -25.67
CA ASN A 145 -3.44 44.58 -25.20
C ASN A 145 -2.36 44.12 -26.21
N ALA A 146 -2.69 44.16 -27.52
CA ALA A 146 -1.78 43.76 -28.61
C ALA A 146 -1.27 42.31 -28.50
N LYS A 147 -2.15 41.41 -28.06
CA LYS A 147 -1.86 39.97 -27.95
C LYS A 147 -0.70 39.65 -27.02
N ARG A 148 -0.66 40.33 -25.88
CA ARG A 148 0.22 40.04 -24.77
C ARG A 148 -0.55 40.16 -23.46
N PHE A 149 -0.21 39.28 -22.53
CA PHE A 149 -0.42 39.49 -21.13
C PHE A 149 0.95 39.53 -20.49
N SER A 150 1.07 40.32 -19.43
CA SER A 150 2.30 40.39 -18.68
C SER A 150 2.52 39.10 -17.93
N ARG A 151 3.77 38.90 -17.53
CA ARG A 151 4.14 37.76 -16.71
C ARG A 151 3.34 37.69 -15.41
N LYS A 152 3.20 38.83 -14.74
CA LYS A 152 2.35 38.94 -13.53
C LYS A 152 0.90 38.43 -13.81
N THR A 153 0.31 38.91 -14.89
CA THR A 153 -1.03 38.50 -15.28
C THR A 153 -1.12 37.00 -15.55
N VAL A 154 -0.19 36.49 -16.37
CA VAL A 154 -0.18 35.07 -16.70
C VAL A 154 -0.04 34.20 -15.46
N LEU A 155 0.85 34.58 -14.53
CA LEU A 155 0.99 33.77 -13.31
C LEU A 155 -0.28 33.81 -12.45
N GLN A 156 -0.88 34.98 -12.32
CA GLN A 156 -2.10 35.11 -11.53
C GLN A 156 -3.30 34.40 -12.17
N LEU A 157 -3.44 34.49 -13.48
CA LEU A 157 -4.48 33.73 -14.20
C LEU A 157 -4.31 32.23 -14.01
N SER A 158 -3.07 31.77 -14.14
CA SER A 158 -2.76 30.36 -14.13
C SER A 158 -2.93 29.69 -12.77
N LEU A 159 -2.58 30.41 -11.70
CA LEU A 159 -2.88 29.98 -10.35
C LEU A 159 -4.38 29.71 -10.12
N ARG A 160 -5.22 30.62 -10.59
CA ARG A 160 -6.66 30.48 -10.42
C ARG A 160 -7.21 29.37 -11.34
N ILE A 161 -6.65 29.24 -12.54
CA ILE A 161 -7.02 28.14 -13.43
C ILE A 161 -6.65 26.79 -12.81
N LEU A 162 -5.47 26.71 -12.17
CA LEU A 162 -5.11 25.49 -11.43
C LEU A 162 -6.10 25.17 -10.31
N ASP A 163 -6.59 26.18 -9.58
CA ASP A 163 -7.64 25.95 -8.56
C ASP A 163 -8.89 25.31 -9.21
N ILE A 164 -9.27 25.86 -10.34
CA ILE A 164 -10.47 25.41 -11.08
C ILE A 164 -10.26 24.00 -11.57
N LEU A 165 -9.11 23.74 -12.20
CA LEU A 165 -8.85 22.42 -12.75
C LEU A 165 -8.80 21.36 -11.65
N GLU A 166 -8.16 21.66 -10.52
CA GLU A 166 -8.14 20.72 -9.42
C GLU A 166 -9.57 20.39 -8.97
N TYR A 167 -10.40 21.42 -8.86
CA TYR A 167 -11.80 21.23 -8.46
C TYR A 167 -12.56 20.32 -9.42
N ILE A 168 -12.56 20.65 -10.71
CA ILE A 168 -13.31 19.87 -11.64
C ILE A 168 -12.79 18.45 -11.76
N HIS A 169 -11.45 18.29 -11.70
CA HIS A 169 -10.82 16.97 -11.73
C HIS A 169 -11.23 16.10 -10.54
N GLU A 170 -11.22 16.70 -9.35
CA GLU A 170 -11.69 16.03 -8.15
C GLU A 170 -13.17 15.63 -8.23
N HIS A 171 -13.94 16.31 -9.07
CA HIS A 171 -15.35 15.96 -9.32
C HIS A 171 -15.58 15.22 -10.62
N GLU A 172 -14.54 14.53 -11.09
CA GLU A 172 -14.62 13.50 -12.14
C GLU A 172 -14.62 14.02 -13.56
N TYR A 173 -14.38 15.32 -13.75
CA TYR A 173 -14.44 15.95 -15.09
C TYR A 173 -13.12 16.61 -15.50
N VAL A 174 -12.87 16.59 -16.81
CA VAL A 174 -11.86 17.47 -17.43
C VAL A 174 -12.59 18.39 -18.37
N HIS A 175 -11.99 19.54 -18.65
CA HIS A 175 -12.54 20.55 -19.52
C HIS A 175 -12.15 20.35 -20.99
N GLY A 176 -10.86 20.12 -21.23
CA GLY A 176 -10.33 19.84 -22.58
C GLY A 176 -10.27 20.99 -23.56
N ASP A 177 -10.62 22.21 -23.12
CA ASP A 177 -10.72 23.35 -24.04
C ASP A 177 -10.50 24.70 -23.36
N ILE A 178 -9.52 24.72 -22.46
CA ILE A 178 -9.12 25.94 -21.79
C ILE A 178 -8.49 26.88 -22.82
N LYS A 179 -8.96 28.11 -22.83
CA LYS A 179 -8.44 29.15 -23.71
C LYS A 179 -9.07 30.45 -23.27
N ALA A 180 -8.51 31.56 -23.74
CA ALA A 180 -8.90 32.87 -23.25
C ALA A 180 -10.35 33.22 -23.55
N SER A 181 -10.88 32.77 -24.70
CA SER A 181 -12.33 32.95 -24.99
C SER A 181 -13.27 32.18 -24.06
N ASN A 182 -12.75 31.19 -23.31
CA ASN A 182 -13.54 30.46 -22.31
C ASN A 182 -13.20 30.89 -20.88
N LEU A 183 -12.51 32.02 -20.74
CA LEU A 183 -12.20 32.59 -19.44
C LEU A 183 -12.91 33.94 -19.32
N LEU A 184 -13.82 34.07 -18.34
CA LEU A 184 -14.65 35.27 -18.22
C LEU A 184 -14.42 35.90 -16.86
N LEU A 185 -14.48 37.23 -16.83
CA LEU A 185 -14.29 37.96 -15.59
C LEU A 185 -15.58 38.07 -14.85
N ASN A 186 -15.52 37.97 -13.53
CA ASN A 186 -16.64 38.31 -12.67
C ASN A 186 -17.19 39.68 -13.11
N TYR A 187 -18.50 39.77 -13.23
CA TYR A 187 -19.17 41.01 -13.67
C TYR A 187 -18.90 42.19 -12.71
N LYS A 188 -18.81 41.91 -11.42
CA LYS A 188 -18.56 42.95 -10.39
C LYS A 188 -17.10 42.99 -9.88
N ASN A 189 -16.25 42.07 -10.31
CA ASN A 189 -14.85 42.02 -9.83
C ASN A 189 -13.89 41.57 -10.94
N PRO A 190 -13.24 42.52 -11.61
CA PRO A 190 -12.31 42.18 -12.70
C PRO A 190 -10.97 41.50 -12.30
N ASP A 191 -10.78 41.18 -11.02
CA ASP A 191 -9.67 40.34 -10.59
C ASP A 191 -10.04 38.87 -10.35
N GLN A 192 -11.27 38.48 -10.71
CA GLN A 192 -11.72 37.11 -10.57
C GLN A 192 -12.08 36.55 -11.94
N VAL A 193 -11.37 35.50 -12.32
CA VAL A 193 -11.56 34.85 -13.62
C VAL A 193 -12.26 33.50 -13.45
N TYR A 194 -13.18 33.23 -14.36
CA TYR A 194 -13.99 32.02 -14.34
C TYR A 194 -13.75 31.18 -15.64
N LEU A 195 -13.75 29.82 -15.57
CA LEU A 195 -13.58 28.90 -16.73
C LEU A 195 -15.05 28.50 -17.08
N VAL A 196 -15.55 28.80 -18.30
CA VAL A 196 -16.94 28.54 -18.78
C VAL A 196 -16.93 27.52 -19.96
N ASP A 197 -18.11 27.16 -20.48
CA ASP A 197 -18.29 26.25 -21.61
C ASP A 197 -17.98 24.75 -21.36
N TYR A 198 -18.84 24.03 -20.60
CA TYR A 198 -18.73 22.56 -20.30
C TYR A 198 -19.61 21.70 -21.29
N GLY A 199 -20.08 22.23 -22.44
CA GLY A 199 -20.88 21.49 -23.38
C GLY A 199 -20.10 20.25 -23.93
N LEU A 200 -18.81 20.44 -24.12
CA LEU A 200 -17.92 19.35 -24.49
C LEU A 200 -17.00 18.85 -23.33
N ALA A 201 -17.36 19.08 -22.04
CA ALA A 201 -16.52 18.61 -20.90
C ALA A 201 -16.67 17.05 -20.84
N TYR A 202 -15.65 16.32 -20.35
CA TYR A 202 -15.59 14.83 -20.33
C TYR A 202 -15.45 14.27 -18.92
N ARG A 203 -16.32 13.34 -18.59
CA ARG A 203 -16.23 12.67 -17.27
C ARG A 203 -15.20 11.57 -17.46
N TYR A 204 -13.97 11.90 -17.12
CA TYR A 204 -12.83 10.96 -17.26
C TYR A 204 -12.80 9.86 -16.15
N CYS A 205 -13.51 10.11 -15.05
CA CYS A 205 -13.46 9.23 -13.90
C CYS A 205 -14.83 8.88 -13.27
N PRO A 206 -15.83 8.43 -14.08
CA PRO A 206 -17.18 8.20 -13.51
C PRO A 206 -17.19 7.15 -12.41
N GLU A 207 -17.67 7.51 -11.23
CA GLU A 207 -17.69 6.65 -10.05
C GLU A 207 -16.30 6.18 -9.65
N GLY A 208 -15.28 7.02 -9.87
CA GLY A 208 -13.89 6.66 -9.58
C GLY A 208 -13.23 5.70 -10.57
N VAL A 209 -13.88 5.34 -11.66
CA VAL A 209 -13.31 4.44 -12.67
C VAL A 209 -12.72 5.23 -13.86
N HIS A 210 -11.39 5.41 -13.82
CA HIS A 210 -10.63 6.15 -14.87
C HIS A 210 -10.84 5.48 -16.22
N LYS A 211 -11.09 6.27 -17.25
CA LYS A 211 -11.27 5.74 -18.59
C LYS A 211 -9.97 5.15 -19.08
N ALA A 212 -10.06 4.21 -20.02
CA ALA A 212 -8.88 3.56 -20.58
C ALA A 212 -8.21 4.45 -21.62
N TYR A 213 -6.93 4.17 -21.85
CA TYR A 213 -6.13 4.90 -22.85
C TYR A 213 -6.59 4.54 -24.25
N ALA A 214 -7.67 5.18 -24.67
CA ALA A 214 -8.30 4.88 -25.95
C ALA A 214 -9.31 5.95 -26.32
N ALA A 215 -9.71 5.95 -27.59
CA ALA A 215 -10.79 6.81 -28.07
C ALA A 215 -12.08 6.41 -27.37
N ASP A 216 -12.90 7.41 -27.07
CA ASP A 216 -14.25 7.19 -26.59
C ASP A 216 -15.19 7.37 -27.79
N PRO A 217 -15.95 6.31 -28.17
CA PRO A 217 -16.85 6.45 -29.33
C PRO A 217 -17.96 7.50 -29.15
N LYS A 218 -18.39 7.74 -27.90
CA LYS A 218 -19.35 8.80 -27.57
C LYS A 218 -18.83 10.23 -27.76
N ARG A 219 -17.51 10.42 -27.71
CA ARG A 219 -16.89 11.74 -27.82
C ARG A 219 -16.22 11.93 -29.16
N CYS A 220 -16.67 12.92 -29.93
CA CYS A 220 -16.04 13.30 -31.20
C CYS A 220 -14.94 14.37 -31.04
N HIS A 221 -15.10 15.27 -30.10
CA HIS A 221 -14.32 16.52 -30.06
C HIS A 221 -12.83 16.33 -29.69
N ASP A 222 -11.99 17.19 -30.26
CA ASP A 222 -10.52 17.13 -30.10
C ASP A 222 -9.95 18.39 -29.46
N GLY A 223 -10.81 19.24 -28.90
CA GLY A 223 -10.43 20.55 -28.37
C GLY A 223 -10.16 21.59 -29.46
N THR A 224 -9.43 22.64 -29.12
CA THR A 224 -9.12 23.70 -30.07
C THR A 224 -7.69 23.41 -30.51
N ILE A 225 -7.50 23.27 -31.83
CA ILE A 225 -6.29 22.64 -32.38
C ILE A 225 -4.97 23.27 -31.89
N GLU A 226 -4.87 24.60 -31.89
CA GLU A 226 -3.62 25.20 -31.40
C GLU A 226 -3.29 24.91 -29.92
N PHE A 227 -4.31 24.69 -29.08
CA PHE A 227 -4.10 24.48 -27.64
C PHE A 227 -4.22 23.05 -27.16
N THR A 228 -4.80 22.17 -27.98
CA THR A 228 -5.19 20.86 -27.47
C THR A 228 -3.99 19.98 -27.08
N SER A 229 -4.29 18.92 -26.34
CA SER A 229 -3.27 18.05 -25.78
C SER A 229 -2.83 17.00 -26.82
N ILE A 230 -1.64 16.48 -26.62
CA ILE A 230 -1.06 15.41 -27.44
C ILE A 230 -1.99 14.18 -27.34
N ASP A 231 -2.50 13.89 -26.16
CA ASP A 231 -3.53 12.81 -25.99
C ASP A 231 -4.70 12.99 -26.94
N ALA A 232 -5.25 14.20 -26.98
CA ALA A 232 -6.36 14.51 -27.92
C ALA A 232 -5.95 14.29 -29.38
N HIS A 233 -4.77 14.79 -29.77
CA HIS A 233 -4.27 14.62 -31.14
C HIS A 233 -4.11 13.15 -31.51
N ASN A 234 -3.76 12.33 -30.52
CA ASN A 234 -3.66 10.87 -30.71
C ASN A 234 -5.00 10.14 -30.73
N GLY A 235 -6.10 10.91 -30.61
CA GLY A 235 -7.45 10.38 -30.70
C GLY A 235 -7.92 9.65 -29.47
N VAL A 236 -7.26 9.83 -28.33
CA VAL A 236 -7.75 9.24 -27.09
C VAL A 236 -8.57 10.27 -26.30
N ALA A 237 -9.36 9.78 -25.36
CA ALA A 237 -10.15 10.61 -24.48
C ALA A 237 -9.27 11.51 -23.61
N PRO A 238 -9.72 12.74 -23.36
CA PRO A 238 -8.93 13.66 -22.55
C PRO A 238 -8.85 13.24 -21.08
N SER A 239 -7.72 13.47 -20.44
CA SER A 239 -7.55 13.17 -19.01
C SER A 239 -6.93 14.41 -18.34
N ARG A 240 -6.52 14.26 -17.09
CA ARG A 240 -6.09 15.39 -16.28
C ARG A 240 -4.84 16.06 -16.80
N ARG A 241 -3.86 15.25 -17.23
CA ARG A 241 -2.61 15.80 -17.73
C ARG A 241 -2.85 16.67 -18.97
N GLY A 242 -3.83 16.28 -19.79
CA GLY A 242 -4.24 17.03 -20.96
C GLY A 242 -4.66 18.44 -20.65
N ASP A 243 -5.47 18.62 -19.61
CA ASP A 243 -5.87 19.97 -19.18
C ASP A 243 -4.69 20.85 -18.80
N LEU A 244 -3.74 20.27 -18.07
CA LEU A 244 -2.56 20.97 -17.61
C LEU A 244 -1.65 21.30 -18.78
N GLU A 245 -1.57 20.39 -19.74
CA GLU A 245 -0.84 20.63 -20.99
C GLU A 245 -1.44 21.81 -21.81
N ILE A 246 -2.77 21.82 -21.91
CA ILE A 246 -3.49 22.92 -22.58
C ILE A 246 -3.15 24.26 -21.93
N LEU A 247 -3.18 24.31 -20.60
CA LEU A 247 -2.89 25.53 -19.89
C LEU A 247 -1.45 25.99 -20.21
N GLY A 248 -0.52 25.05 -20.32
CA GLY A 248 0.87 25.34 -20.70
C GLY A 248 0.97 26.06 -22.02
N TYR A 249 0.28 25.58 -23.05
CA TYR A 249 0.24 26.24 -24.34
C TYR A 249 -0.42 27.61 -24.27
N CYS A 250 -1.48 27.74 -23.46
CA CYS A 250 -2.09 29.04 -23.25
C CYS A 250 -1.07 30.03 -22.65
N MET A 251 -0.32 29.61 -21.64
CA MET A 251 0.64 30.52 -21.01
C MET A 251 1.65 31.07 -22.01
N ILE A 252 2.17 30.20 -22.87
CA ILE A 252 3.12 30.62 -23.91
C ILE A 252 2.48 31.59 -24.87
N GLN A 253 1.30 31.26 -25.35
CA GLN A 253 0.52 32.14 -26.24
C GLN A 253 0.33 33.51 -25.60
N TRP A 254 -0.02 33.52 -24.32
CA TRP A 254 -0.31 34.78 -23.64
C TRP A 254 0.96 35.65 -23.44
N LEU A 255 2.06 35.02 -23.06
CA LEU A 255 3.30 35.74 -22.79
C LEU A 255 3.93 36.28 -24.06
N THR A 256 3.80 35.57 -25.17
CA THR A 256 4.60 35.84 -26.39
C THR A 256 3.80 36.29 -27.60
N GLY A 257 2.48 36.12 -27.58
CA GLY A 257 1.65 36.35 -28.75
C GLY A 257 1.62 35.23 -29.80
N HIS A 258 2.36 34.15 -29.58
CA HIS A 258 2.57 33.13 -30.62
C HIS A 258 2.70 31.74 -30.03
N LEU A 259 2.45 30.76 -30.90
CA LEU A 259 2.87 29.39 -30.72
C LEU A 259 3.53 28.96 -32.03
N PRO A 260 4.52 28.04 -31.96
CA PRO A 260 5.31 27.65 -33.14
C PRO A 260 4.52 27.09 -34.31
N TRP A 261 3.43 26.40 -33.98
CA TRP A 261 2.63 25.66 -34.97
C TRP A 261 1.45 26.49 -35.53
N GLU A 262 1.39 27.78 -35.18
CA GLU A 262 0.22 28.64 -35.48
C GLU A 262 -0.09 28.88 -36.96
N ASP A 263 0.89 28.68 -37.84
CA ASP A 263 0.68 28.84 -39.28
C ASP A 263 0.31 27.51 -39.97
N ASN A 264 0.11 26.45 -39.18
CA ASN A 264 -0.16 25.12 -39.73
C ASN A 264 -1.43 24.49 -39.15
N LEU A 265 -2.36 25.31 -38.67
CA LEU A 265 -3.52 24.81 -37.93
C LEU A 265 -4.52 24.00 -38.77
N LYS A 266 -4.43 24.14 -40.11
CA LYS A 266 -5.21 23.31 -41.02
C LYS A 266 -4.61 21.92 -41.22
N ASP A 267 -3.49 21.64 -40.54
CA ASP A 267 -2.73 20.41 -40.74
C ASP A 267 -2.45 19.77 -39.37
N PRO A 268 -3.41 18.98 -38.86
CA PRO A 268 -3.29 18.43 -37.50
C PRO A 268 -2.05 17.59 -37.26
N LYS A 269 -1.65 16.80 -38.24
CA LYS A 269 -0.47 15.96 -38.08
C LYS A 269 0.81 16.78 -37.85
N TYR A 270 0.91 17.95 -38.49
CA TYR A 270 2.02 18.89 -38.24
C TYR A 270 1.98 19.43 -36.82
N VAL A 271 0.79 19.88 -36.40
CA VAL A 271 0.63 20.42 -35.06
C VAL A 271 0.99 19.38 -34.04
N ARG A 272 0.49 18.15 -34.20
CA ARG A 272 0.89 17.08 -33.28
C ARG A 272 2.38 16.78 -33.28
N ASP A 273 2.95 16.63 -34.47
CA ASP A 273 4.38 16.36 -34.59
C ASP A 273 5.20 17.40 -33.82
N SER A 274 4.82 18.66 -34.02
CA SER A 274 5.53 19.75 -33.35
C SER A 274 5.40 19.66 -31.83
N LYS A 275 4.18 19.44 -31.33
CA LYS A 275 3.97 19.34 -29.89
C LYS A 275 4.73 18.16 -29.28
N ILE A 276 4.73 17.02 -29.98
CA ILE A 276 5.47 15.85 -29.51
C ILE A 276 6.96 16.13 -29.42
N ARG A 277 7.53 16.69 -30.47
CA ARG A 277 8.99 16.97 -30.49
C ARG A 277 9.35 18.00 -29.40
N TYR A 278 8.52 19.03 -29.27
CA TYR A 278 8.76 20.05 -28.25
C TYR A 278 8.58 19.59 -26.83
N ARG A 279 7.75 18.57 -26.61
CA ARG A 279 7.64 17.95 -25.29
C ARG A 279 8.86 17.11 -24.96
N GLU A 280 9.35 16.38 -25.95
CA GLU A 280 10.58 15.60 -25.78
C GLU A 280 11.80 16.47 -25.49
N ASN A 281 11.81 17.69 -26.04
CA ASN A 281 12.92 18.66 -25.83
C ASN A 281 12.35 20.04 -25.47
N ILE A 282 12.05 20.22 -24.18
CA ILE A 282 11.40 21.46 -23.69
C ILE A 282 12.33 22.68 -23.85
N ALA A 283 13.65 22.49 -23.70
CA ALA A 283 14.60 23.59 -23.93
C ALA A 283 14.50 24.13 -25.34
N SER A 284 14.27 23.29 -26.34
CA SER A 284 14.08 23.76 -27.71
C SER A 284 12.77 24.54 -27.89
N LEU A 285 11.73 24.18 -27.14
CA LEU A 285 10.49 24.97 -27.15
C LEU A 285 10.74 26.37 -26.61
N MET A 286 11.47 26.43 -25.50
CA MET A 286 11.80 27.69 -24.85
C MET A 286 12.65 28.58 -25.78
N ASP A 287 13.64 27.99 -26.44
CA ASP A 287 14.44 28.72 -27.45
C ASP A 287 13.58 29.18 -28.63
N LYS A 288 12.64 28.36 -29.04
CA LYS A 288 11.72 28.74 -30.12
C LYS A 288 10.81 29.91 -29.73
N CYS A 289 10.22 29.86 -28.53
CA CYS A 289 9.16 30.82 -28.16
C CYS A 289 9.67 32.12 -27.52
N PHE A 290 10.87 32.06 -26.93
CA PHE A 290 11.51 33.17 -26.24
C PHE A 290 12.87 33.41 -26.88
N PRO A 291 12.88 33.82 -28.15
CA PRO A 291 14.10 33.69 -28.97
C PRO A 291 15.19 34.72 -28.61
N ALA A 292 16.45 34.29 -28.71
CA ALA A 292 17.62 35.13 -28.45
C ALA A 292 17.53 35.81 -27.07
N ALA A 293 17.04 35.05 -26.09
CA ALA A 293 16.61 35.60 -24.82
C ALA A 293 16.34 34.49 -23.81
N ASN A 294 16.44 34.83 -22.54
CA ASN A 294 16.14 33.91 -21.47
C ASN A 294 14.62 33.70 -21.42
N ALA A 295 14.20 32.47 -21.15
CA ALA A 295 12.78 32.17 -20.97
C ALA A 295 12.45 32.34 -19.50
N PRO A 296 11.23 32.81 -19.18
CA PRO A 296 10.87 32.79 -17.75
C PRO A 296 10.89 31.35 -17.22
N GLY A 297 11.67 31.14 -16.17
CA GLY A 297 11.97 29.81 -15.64
C GLY A 297 10.78 28.97 -15.23
N GLU A 298 9.75 29.62 -14.66
CA GLU A 298 8.56 28.88 -14.22
C GLU A 298 7.87 28.11 -15.35
N ILE A 299 7.89 28.65 -16.57
CA ILE A 299 7.21 28.02 -17.67
C ILE A 299 7.86 26.68 -18.06
N ALA A 300 9.18 26.64 -18.19
CA ALA A 300 9.86 25.36 -18.46
C ALA A 300 9.64 24.37 -17.33
N LYS A 301 9.74 24.83 -16.08
CA LYS A 301 9.50 23.94 -14.92
C LYS A 301 8.07 23.38 -14.91
N TYR A 302 7.08 24.26 -15.14
CA TYR A 302 5.67 23.84 -15.28
C TYR A 302 5.56 22.69 -16.30
N MET A 303 6.09 22.93 -17.49
CA MET A 303 6.04 21.93 -18.57
C MET A 303 6.81 20.65 -18.27
N GLU A 304 7.94 20.75 -17.59
CA GLU A 304 8.69 19.55 -17.17
C GLU A 304 7.89 18.72 -16.19
N THR A 305 7.22 19.38 -15.25
CA THR A 305 6.41 18.67 -14.25
C THR A 305 5.21 17.97 -14.89
N VAL A 306 4.50 18.65 -15.80
CA VAL A 306 3.36 18.04 -16.54
C VAL A 306 3.78 16.86 -17.41
N LYS A 307 4.95 16.99 -18.04
CA LYS A 307 5.51 15.90 -18.85
C LYS A 307 5.67 14.58 -18.08
N LEU A 308 5.97 14.66 -16.80
CA LEU A 308 6.14 13.47 -15.95
C LEU A 308 4.85 12.69 -15.67
N LEU A 309 3.67 13.30 -15.90
CA LEU A 309 2.40 12.65 -15.60
C LEU A 309 2.04 11.55 -16.59
N ASP A 310 1.68 10.38 -16.07
CA ASP A 310 1.04 9.35 -16.89
C ASP A 310 -0.43 9.72 -17.16
N TYR A 311 -1.04 9.02 -18.11
CA TYR A 311 -2.40 9.28 -18.57
C TYR A 311 -3.41 9.29 -17.42
N THR A 312 -3.29 8.31 -16.53
CA THR A 312 -4.24 8.11 -15.44
C THR A 312 -3.83 8.78 -14.15
N GLU A 313 -2.67 9.43 -14.15
CA GLU A 313 -2.07 9.86 -12.89
C GLU A 313 -2.69 11.15 -12.37
N LYS A 314 -2.81 11.23 -11.04
CA LYS A 314 -3.33 12.40 -10.36
C LYS A 314 -2.24 13.46 -10.28
N PRO A 315 -2.48 14.66 -10.85
CA PRO A 315 -1.46 15.71 -10.72
C PRO A 315 -1.18 16.16 -9.28
N LEU A 316 0.03 16.63 -9.06
CA LEU A 316 0.37 17.32 -7.84
C LEU A 316 0.16 18.80 -8.08
N TYR A 317 -1.06 19.27 -7.81
CA TYR A 317 -1.47 20.62 -8.17
C TYR A 317 -0.72 21.65 -7.33
N GLU A 318 -0.49 21.33 -6.06
CA GLU A 318 0.20 22.27 -5.17
C GLU A 318 1.62 22.57 -5.64
N ASN A 319 2.33 21.53 -6.08
CA ASN A 319 3.64 21.69 -6.72
C ASN A 319 3.62 22.55 -7.98
N LEU A 320 2.57 22.40 -8.78
CA LEU A 320 2.40 23.26 -9.95
C LEU A 320 2.19 24.71 -9.54
N ARG A 321 1.35 24.91 -8.52
CA ARG A 321 1.14 26.25 -7.97
C ARG A 321 2.47 26.82 -7.37
N ASP A 322 3.24 26.00 -6.66
CA ASP A 322 4.57 26.40 -6.15
C ASP A 322 5.49 26.92 -7.25
N ILE A 323 5.51 26.22 -8.37
CA ILE A 323 6.29 26.67 -9.53
C ILE A 323 5.88 28.10 -9.94
N LEU A 324 4.58 28.38 -9.97
CA LEU A 324 4.11 29.68 -10.39
C LEU A 324 4.37 30.73 -9.29
N LEU A 325 4.20 30.34 -8.03
CA LEU A 325 4.53 31.20 -6.91
C LEU A 325 6.01 31.64 -6.92
N GLN A 326 6.91 30.73 -7.29
CA GLN A 326 8.32 31.07 -7.45
C GLN A 326 8.54 32.11 -8.56
N GLY A 327 7.73 32.05 -9.62
CA GLY A 327 7.74 33.07 -10.67
C GLY A 327 7.30 34.43 -10.20
N LEU A 328 6.31 34.47 -9.30
CA LEU A 328 5.92 35.73 -8.67
C LEU A 328 7.04 36.31 -7.77
N LYS A 329 7.68 35.45 -6.96
CA LYS A 329 8.86 35.85 -6.16
C LYS A 329 9.91 36.50 -7.08
N ALA A 330 10.30 35.76 -8.11
CA ALA A 330 11.26 36.22 -9.12
C ALA A 330 11.02 37.61 -9.72
N ILE A 331 9.76 38.05 -9.84
CA ILE A 331 9.46 39.39 -10.36
C ILE A 331 9.16 40.42 -9.26
N GLY A 332 9.50 40.11 -8.01
CA GLY A 332 9.25 41.01 -6.88
C GLY A 332 7.79 41.15 -6.46
N SER A 333 7.00 40.10 -6.65
CA SER A 333 5.56 40.16 -6.39
C SER A 333 5.14 39.00 -5.51
N LYS A 334 3.83 38.87 -5.32
CA LYS A 334 3.25 37.77 -4.56
C LYS A 334 1.84 37.52 -5.09
N ASP A 335 1.25 36.43 -4.62
CA ASP A 335 -0.13 36.14 -4.94
C ASP A 335 -1.06 37.05 -4.13
N ASP A 336 -1.35 38.20 -4.71
CA ASP A 336 -2.26 39.17 -4.13
C ASP A 336 -3.62 39.17 -4.85
N GLY A 337 -3.87 38.17 -5.69
CA GLY A 337 -5.12 38.05 -6.44
C GLY A 337 -5.36 39.07 -7.53
N LYS A 338 -4.35 39.87 -7.87
CA LYS A 338 -4.50 40.98 -8.82
C LYS A 338 -4.10 40.51 -10.21
N LEU A 339 -5.04 40.54 -11.15
CA LEU A 339 -4.80 40.08 -12.51
C LEU A 339 -4.12 41.13 -13.37
N ASP A 340 -4.10 42.40 -12.92
CA ASP A 340 -3.44 43.49 -13.61
C ASP A 340 -3.90 43.65 -15.06
N LEU A 341 -5.21 43.52 -15.28
CA LEU A 341 -5.78 43.72 -16.61
C LEU A 341 -6.32 45.16 -16.69
N PHE B 23 49.48 5.18 2.19
CA PHE B 23 48.41 5.19 3.25
C PHE B 23 48.44 3.91 4.06
N ALA B 24 47.98 4.00 5.32
CA ALA B 24 48.03 2.88 6.26
C ALA B 24 46.75 2.78 7.09
N VAL B 25 46.47 1.58 7.59
CA VAL B 25 45.27 1.31 8.38
C VAL B 25 45.35 2.09 9.68
N GLY B 26 44.26 2.78 10.02
CA GLY B 26 44.19 3.66 11.19
C GLY B 26 44.41 5.14 10.92
N GLU B 27 45.00 5.49 9.78
CA GLU B 27 45.33 6.89 9.45
C GLU B 27 44.12 7.83 9.38
N ILE B 28 44.19 8.95 10.11
CA ILE B 28 43.14 9.97 10.05
C ILE B 28 43.39 10.89 8.85
N ILE B 29 42.34 11.11 8.05
CA ILE B 29 42.32 12.13 6.98
C ILE B 29 41.16 13.06 7.23
N THR B 30 41.28 14.28 6.72
CA THR B 30 40.29 15.31 6.95
C THR B 30 39.80 15.86 5.62
N ASP B 31 38.46 15.88 5.45
CA ASP B 31 37.81 16.37 4.22
C ASP B 31 37.57 17.88 4.27
N MET B 32 36.90 18.43 3.26
CA MET B 32 36.68 19.89 3.13
C MET B 32 35.73 20.48 4.16
N ALA B 33 34.74 19.68 4.58
CA ALA B 33 33.83 20.09 5.65
C ALA B 33 34.40 19.81 7.06
N ALA B 34 35.72 19.62 7.16
CA ALA B 34 36.43 19.45 8.43
C ALA B 34 35.95 18.24 9.24
N ALA B 35 35.53 17.19 8.53
CA ALA B 35 35.11 15.93 9.15
C ALA B 35 36.30 14.97 9.18
N ALA B 36 36.37 14.17 10.24
CA ALA B 36 37.47 13.23 10.46
C ALA B 36 37.08 11.85 9.92
N TRP B 37 37.98 11.24 9.14
CA TRP B 37 37.75 9.90 8.57
C TRP B 37 38.96 9.02 8.87
N LYS B 38 38.73 7.83 9.43
CA LYS B 38 39.80 6.83 9.66
C LYS B 38 39.83 5.84 8.50
N VAL B 39 41.03 5.61 7.94
CA VAL B 39 41.20 4.73 6.81
C VAL B 39 41.29 3.27 7.29
N GLY B 40 40.73 2.34 6.51
CA GLY B 40 40.81 0.89 6.77
C GLY B 40 41.76 0.17 5.82
N LEU B 41 41.58 -1.14 5.68
CA LEU B 41 42.44 -1.94 4.79
C LEU B 41 42.07 -1.68 3.34
N PRO B 42 43.01 -1.90 2.39
CA PRO B 42 42.65 -1.84 0.95
C PRO B 42 41.62 -2.90 0.52
N ILE B 43 40.91 -2.64 -0.57
CA ILE B 43 39.86 -3.54 -1.09
C ILE B 43 40.07 -3.88 -2.56
N CYS B 50 44.25 3.60 -5.90
CA CYS B 50 44.06 2.73 -4.74
C CYS B 50 42.76 3.08 -3.98
N ILE B 51 42.05 2.06 -3.50
CA ILE B 51 40.79 2.25 -2.75
C ILE B 51 40.83 1.51 -1.40
N TYR B 52 40.42 2.19 -0.32
CA TYR B 52 40.40 1.64 1.06
C TYR B 52 39.03 1.76 1.71
N LEU B 53 38.69 0.82 2.61
CA LEU B 53 37.50 0.97 3.48
C LEU B 53 37.68 2.20 4.36
N ALA B 54 36.57 2.78 4.82
CA ALA B 54 36.64 4.03 5.59
C ALA B 54 35.40 4.25 6.44
N ASP B 55 35.51 5.14 7.43
CA ASP B 55 34.40 5.51 8.32
C ASP B 55 34.74 6.80 9.07
N MET B 56 33.71 7.45 9.62
CA MET B 56 33.87 8.59 10.55
C MET B 56 34.77 8.20 11.73
N ASN B 57 35.64 9.12 12.17
CA ASN B 57 36.75 8.81 13.10
C ASN B 57 36.30 8.27 14.47
N SER B 58 37.14 7.42 15.07
CA SER B 58 36.86 6.81 16.37
C SER B 58 38.18 6.35 17.03
N SER B 64 35.96 -3.79 9.02
CA SER B 64 35.54 -4.96 8.28
C SER B 64 34.22 -4.70 7.56
N ASP B 65 33.22 -4.22 8.32
CA ASP B 65 31.87 -3.96 7.81
C ASP B 65 31.62 -2.45 7.61
N ALA B 66 32.61 -1.75 7.06
CA ALA B 66 32.59 -0.28 7.01
C ALA B 66 31.58 0.27 5.99
N PRO B 67 30.90 1.39 6.31
CA PRO B 67 29.86 1.95 5.44
C PRO B 67 30.39 2.83 4.28
N CYS B 68 31.69 3.12 4.25
CA CYS B 68 32.29 3.96 3.22
C CYS B 68 33.59 3.39 2.69
N VAL B 69 34.03 3.96 1.58
CA VAL B 69 35.38 3.76 1.08
C VAL B 69 35.98 5.12 0.74
N VAL B 70 37.31 5.13 0.65
CA VAL B 70 38.04 6.32 0.25
C VAL B 70 38.86 5.96 -1.00
N LYS B 71 38.67 6.77 -2.02
CA LYS B 71 39.38 6.59 -3.28
C LYS B 71 40.52 7.65 -3.21
N VAL B 72 41.81 7.26 -3.39
CA VAL B 72 43.03 8.12 -3.31
C VAL B 72 43.86 8.11 -4.65
N GLU B 73 44.26 9.27 -5.22
CA GLU B 73 45.17 9.45 -6.40
C GLU B 73 46.25 10.54 -6.06
N PRO B 74 47.28 10.68 -6.89
CA PRO B 74 48.26 11.75 -6.68
C PRO B 74 47.59 13.15 -6.95
N SER B 75 48.09 14.26 -6.38
CA SER B 75 47.43 15.59 -6.65
C SER B 75 47.38 16.03 -8.18
N ASP B 76 48.25 15.52 -9.07
CA ASP B 76 48.18 15.92 -10.53
C ASP B 76 46.75 15.63 -11.07
N ASN B 77 46.18 16.45 -11.99
CA ASN B 77 44.73 16.30 -12.33
C ASN B 77 44.47 15.00 -13.14
N GLY B 78 44.31 13.86 -12.43
CA GLY B 78 44.07 12.55 -12.97
C GLY B 78 42.56 12.30 -13.11
N PRO B 79 42.14 11.05 -13.22
CA PRO B 79 40.73 10.73 -13.35
C PRO B 79 39.87 11.21 -12.15
N LEU B 80 40.44 11.15 -10.96
CA LEU B 80 39.69 11.52 -9.76
C LEU B 80 39.24 12.98 -9.76
N PHE B 81 39.98 13.85 -10.46
CA PHE B 81 39.57 15.26 -10.62
C PHE B 81 38.33 15.33 -11.51
N THR B 82 38.36 14.59 -12.61
CA THR B 82 37.18 14.42 -13.49
C THR B 82 35.96 13.90 -12.73
N GLU B 83 36.19 12.86 -11.92
CA GLU B 83 35.16 12.23 -11.13
C GLU B 83 34.61 13.16 -10.05
N LEU B 84 35.49 13.87 -9.36
CA LEU B 84 35.04 14.85 -8.36
C LEU B 84 34.13 15.90 -8.98
N LYS B 85 34.52 16.44 -10.12
CA LYS B 85 33.71 17.44 -10.80
C LYS B 85 32.36 16.89 -11.21
N PHE B 86 32.33 15.67 -11.76
CA PHE B 86 31.06 15.02 -12.05
C PHE B 86 30.16 15.02 -10.80
N TYR B 87 30.66 14.52 -9.68
CA TYR B 87 29.85 14.41 -8.46
C TYR B 87 29.40 15.76 -7.90
N GLN B 88 30.31 16.75 -7.92
CA GLN B 88 29.98 18.15 -7.57
C GLN B 88 28.94 18.80 -8.46
N ARG B 89 28.98 18.54 -9.76
CA ARG B 89 28.06 19.21 -10.70
C ARG B 89 26.74 18.45 -10.94
N ALA B 90 26.81 17.13 -11.09
CA ALA B 90 25.67 16.33 -11.58
C ALA B 90 25.09 15.32 -10.61
N ALA B 91 25.79 14.99 -9.53
CA ALA B 91 25.38 13.91 -8.64
C ALA B 91 25.47 14.28 -7.16
N LYS B 92 25.03 15.50 -6.85
CA LYS B 92 24.83 15.92 -5.47
C LYS B 92 23.63 15.18 -4.87
N PRO B 93 23.71 14.85 -3.57
CA PRO B 93 22.64 14.09 -2.94
C PRO B 93 21.22 14.61 -3.21
N GLU B 94 21.04 15.94 -3.24
CA GLU B 94 19.71 16.52 -3.47
C GLU B 94 19.21 16.40 -4.92
N GLN B 95 20.14 16.43 -5.89
CA GLN B 95 19.80 16.13 -7.30
C GLN B 95 19.34 14.69 -7.47
N ILE B 96 20.01 13.76 -6.81
CA ILE B 96 19.65 12.34 -6.85
C ILE B 96 18.26 12.09 -6.22
N GLN B 97 18.00 12.67 -5.05
CA GLN B 97 16.71 12.45 -4.36
C GLN B 97 15.56 13.08 -5.12
N LYS B 98 15.76 14.29 -5.64
CA LYS B 98 14.78 14.95 -6.49
C LYS B 98 14.39 14.10 -7.70
N TRP B 99 15.36 13.42 -8.30
CA TRP B 99 15.10 12.57 -9.45
C TRP B 99 14.37 11.33 -9.03
N ILE B 100 14.79 10.71 -7.92
CA ILE B 100 14.11 9.54 -7.39
C ILE B 100 12.62 9.86 -7.09
N ARG B 101 12.35 11.01 -6.47
CA ARG B 101 10.99 11.45 -6.15
C ARG B 101 10.17 11.75 -7.41
N THR B 102 10.70 12.58 -8.29
CA THR B 102 9.97 13.04 -9.49
C THR B 102 9.72 11.93 -10.49
N ARG B 103 10.69 11.03 -10.68
CA ARG B 103 10.51 9.89 -11.60
CA ARG B 103 10.54 9.89 -11.59
C ARG B 103 9.93 8.67 -10.86
N LYS B 104 9.60 8.82 -9.58
CA LYS B 104 8.95 7.75 -8.81
C LYS B 104 9.71 6.42 -8.86
N LEU B 105 11.03 6.45 -8.64
CA LEU B 105 11.84 5.22 -8.67
C LEU B 105 11.90 4.61 -7.28
N LYS B 106 12.17 3.31 -7.20
CA LYS B 106 12.51 2.67 -5.92
C LYS B 106 13.85 3.22 -5.41
N TYR B 107 14.84 3.27 -6.31
CA TYR B 107 16.18 3.79 -6.00
C TYR B 107 16.83 4.27 -7.32
N LEU B 108 18.03 4.86 -7.23
CA LEU B 108 18.83 5.19 -8.42
C LEU B 108 20.26 4.80 -8.14
N GLY B 109 20.86 4.02 -9.03
CA GLY B 109 22.19 3.48 -8.79
C GLY B 109 23.36 4.40 -9.12
N VAL B 110 23.26 5.66 -8.72
CA VAL B 110 24.38 6.62 -8.71
C VAL B 110 24.90 6.69 -7.26
N PRO B 111 26.20 6.38 -7.05
CA PRO B 111 26.74 6.34 -5.68
C PRO B 111 26.63 7.66 -4.91
N LYS B 112 26.44 7.56 -3.59
CA LYS B 112 26.51 8.73 -2.73
C LYS B 112 27.96 9.13 -2.55
N TYR B 113 28.22 10.40 -2.84
CA TYR B 113 29.44 11.10 -2.53
C TYR B 113 29.31 11.65 -1.08
N TRP B 114 30.24 11.29 -0.20
CA TRP B 114 30.19 11.73 1.22
C TRP B 114 31.13 12.90 1.48
N GLY B 115 32.21 13.02 0.71
CA GLY B 115 33.12 14.16 0.81
C GLY B 115 34.42 13.95 0.08
N SER B 116 35.30 14.93 0.19
CA SER B 116 36.61 14.89 -0.49
C SER B 116 37.60 15.87 0.12
N GLY B 117 38.86 15.80 -0.33
CA GLY B 117 39.89 16.72 0.12
C GLY B 117 41.29 16.33 -0.34
N LEU B 118 42.29 16.79 0.42
CA LEU B 118 43.71 16.52 0.16
C LEU B 118 44.40 15.95 1.39
N HIS B 119 45.58 15.35 1.20
CA HIS B 119 46.35 14.75 2.28
C HIS B 119 47.82 14.62 1.84
N ASP B 120 48.75 14.88 2.77
CA ASP B 120 50.19 14.96 2.45
C ASP B 120 51.05 13.81 3.02
N LYS B 121 52.13 13.47 2.29
CA LYS B 121 53.14 12.49 2.70
C LYS B 121 54.40 13.19 3.21
N TYR B 126 48.23 14.27 -2.36
CA TYR B 126 47.18 13.29 -2.67
C TYR B 126 45.74 13.82 -2.58
N ARG B 127 44.99 13.72 -3.68
CA ARG B 127 43.53 13.97 -3.66
C ARG B 127 42.77 12.73 -3.17
N PHE B 128 41.70 12.92 -2.38
CA PHE B 128 40.81 11.81 -1.99
C PHE B 128 39.29 12.08 -2.12
N MET B 129 38.52 10.99 -2.18
CA MET B 129 37.04 11.04 -2.22
C MET B 129 36.45 9.93 -1.40
N ILE B 130 35.52 10.27 -0.50
CA ILE B 130 34.79 9.28 0.30
C ILE B 130 33.49 8.97 -0.42
N MET B 131 33.24 7.68 -0.65
CA MET B 131 32.06 7.20 -1.35
C MET B 131 31.36 6.10 -0.56
N ASP B 132 30.14 5.76 -0.97
CA ASP B 132 29.45 4.57 -0.47
C ASP B 132 30.34 3.32 -0.54
N ARG B 133 30.27 2.47 0.50
CA ARG B 133 30.79 1.10 0.43
C ARG B 133 29.68 0.19 -0.13
N PHE B 134 30.03 -0.56 -1.16
CA PHE B 134 29.12 -1.48 -1.81
C PHE B 134 29.47 -2.90 -1.45
N GLY B 135 28.64 -3.83 -1.91
CA GLY B 135 28.92 -5.25 -1.83
C GLY B 135 29.75 -5.65 -3.03
N SER B 136 29.43 -6.82 -3.58
CA SER B 136 30.21 -7.41 -4.66
C SER B 136 30.04 -6.65 -5.95
N ASP B 137 31.04 -6.77 -6.82
CA ASP B 137 30.90 -6.34 -8.20
C ASP B 137 30.20 -7.45 -8.96
N LEU B 138 29.60 -7.12 -10.09
CA LEU B 138 28.89 -8.12 -10.88
C LEU B 138 29.80 -9.04 -11.68
N GLN B 139 31.04 -8.63 -11.94
CA GLN B 139 32.01 -9.47 -12.66
C GLN B 139 32.32 -10.76 -11.87
N LYS B 140 32.53 -10.63 -10.56
CA LYS B 140 32.71 -11.79 -9.66
C LYS B 140 31.56 -12.80 -9.74
N ILE B 141 30.34 -12.31 -9.59
CA ILE B 141 29.15 -13.16 -9.57
C ILE B 141 28.98 -13.86 -10.93
N TYR B 142 29.20 -13.10 -12.00
CA TYR B 142 29.17 -13.61 -13.38
C TYR B 142 30.14 -14.79 -13.56
N GLU B 143 31.40 -14.57 -13.20
CA GLU B 143 32.42 -15.62 -13.24
C GLU B 143 32.07 -16.81 -12.32
N ALA B 144 31.45 -16.55 -11.17
CA ALA B 144 30.95 -17.60 -10.27
C ALA B 144 29.81 -18.41 -10.88
N ASN B 145 29.00 -17.77 -11.73
CA ASN B 145 27.93 -18.44 -12.44
C ASN B 145 28.38 -19.00 -13.80
N ALA B 146 29.68 -19.25 -13.96
CA ALA B 146 30.25 -19.77 -15.22
C ALA B 146 29.99 -18.84 -16.41
N LYS B 147 30.19 -17.54 -16.18
CA LYS B 147 30.05 -16.51 -17.22
C LYS B 147 28.68 -16.53 -17.89
N ARG B 148 27.63 -16.65 -17.09
CA ARG B 148 26.25 -16.45 -17.58
C ARG B 148 25.46 -15.65 -16.56
N PHE B 149 24.52 -14.87 -17.08
CA PHE B 149 23.42 -14.35 -16.29
C PHE B 149 22.14 -14.77 -16.99
N SER B 150 21.08 -14.99 -16.23
CA SER B 150 19.80 -15.40 -16.80
C SER B 150 19.19 -14.23 -17.58
N ARG B 151 18.25 -14.54 -18.45
CA ARG B 151 17.52 -13.52 -19.20
C ARG B 151 16.82 -12.54 -18.26
N LYS B 152 16.17 -13.09 -17.23
CA LYS B 152 15.58 -12.33 -16.12
C LYS B 152 16.57 -11.34 -15.50
N THR B 153 17.70 -11.86 -15.09
CA THR B 153 18.73 -11.04 -14.46
C THR B 153 19.23 -9.90 -15.38
N VAL B 154 19.50 -10.23 -16.64
CA VAL B 154 20.03 -9.27 -17.60
C VAL B 154 19.01 -8.15 -17.82
N LEU B 155 17.75 -8.51 -17.99
CA LEU B 155 16.69 -7.51 -18.20
C LEU B 155 16.51 -6.62 -16.98
N GLN B 156 16.62 -7.20 -15.79
CA GLN B 156 16.43 -6.45 -14.55
C GLN B 156 17.62 -5.53 -14.28
N LEU B 157 18.82 -6.01 -14.55
CA LEU B 157 20.01 -5.15 -14.50
C LEU B 157 19.90 -3.97 -15.47
N SER B 158 19.55 -4.28 -16.70
CA SER B 158 19.55 -3.28 -17.76
C SER B 158 18.50 -2.18 -17.59
N LEU B 159 17.32 -2.52 -17.07
CA LEU B 159 16.32 -1.49 -16.73
C LEU B 159 16.88 -0.47 -15.76
N ARG B 160 17.63 -0.94 -14.76
CA ARG B 160 18.16 -0.07 -13.73
C ARG B 160 19.34 0.75 -14.27
N ILE B 161 20.12 0.15 -15.16
CA ILE B 161 21.21 0.85 -15.83
C ILE B 161 20.60 1.91 -16.75
N LEU B 162 19.48 1.62 -17.40
CA LEU B 162 18.79 2.67 -18.18
C LEU B 162 18.35 3.87 -17.33
N ASP B 163 17.91 3.62 -16.10
CA ASP B 163 17.58 4.71 -15.16
C ASP B 163 18.82 5.56 -14.84
N ILE B 164 19.94 4.90 -14.57
CA ILE B 164 21.22 5.57 -14.30
C ILE B 164 21.70 6.40 -15.49
N LEU B 165 21.65 5.82 -16.68
CA LEU B 165 22.11 6.49 -17.90
C LEU B 165 21.24 7.68 -18.24
N GLU B 166 19.92 7.53 -18.15
CA GLU B 166 19.04 8.65 -18.37
C GLU B 166 19.35 9.81 -17.40
N TYR B 167 19.57 9.48 -16.13
CA TYR B 167 19.93 10.47 -15.11
C TYR B 167 21.19 11.22 -15.52
N ILE B 168 22.28 10.48 -15.73
CA ILE B 168 23.54 11.15 -16.05
C ILE B 168 23.46 11.88 -17.37
N HIS B 169 22.81 11.30 -18.38
CA HIS B 169 22.65 11.99 -19.67
C HIS B 169 21.91 13.31 -19.53
N GLU B 170 20.82 13.33 -18.76
CA GLU B 170 20.05 14.54 -18.54
C GLU B 170 20.79 15.60 -17.66
N HIS B 171 21.85 15.18 -16.97
CA HIS B 171 22.74 16.06 -16.25
C HIS B 171 24.08 16.24 -16.99
N GLU B 172 24.03 16.15 -18.33
CA GLU B 172 25.11 16.55 -19.24
C GLU B 172 26.32 15.62 -19.37
N TYR B 173 26.25 14.43 -18.79
CA TYR B 173 27.40 13.51 -18.77
C TYR B 173 27.08 12.16 -19.39
N VAL B 174 28.09 11.54 -20.01
CA VAL B 174 28.05 10.14 -20.40
C VAL B 174 29.15 9.42 -19.62
N HIS B 175 28.98 8.13 -19.42
CA HIS B 175 29.89 7.33 -18.62
C HIS B 175 31.03 6.71 -19.47
N GLY B 176 30.67 6.16 -20.63
CA GLY B 176 31.64 5.58 -21.58
C GLY B 176 32.34 4.27 -21.23
N ASP B 177 32.03 3.67 -20.08
CA ASP B 177 32.74 2.47 -19.61
C ASP B 177 31.85 1.53 -18.78
N ILE B 178 30.62 1.31 -19.25
CA ILE B 178 29.67 0.40 -18.56
C ILE B 178 30.17 -1.04 -18.75
N LYS B 179 30.34 -1.74 -17.64
CA LYS B 179 30.71 -3.13 -17.63
C LYS B 179 30.49 -3.73 -16.24
N ALA B 180 30.46 -5.06 -16.17
CA ALA B 180 30.16 -5.80 -14.93
C ALA B 180 31.10 -5.47 -13.76
N SER B 181 32.39 -5.26 -14.04
CA SER B 181 33.36 -4.85 -13.00
C SER B 181 33.12 -3.45 -12.45
N ASN B 182 32.35 -2.63 -13.18
CA ASN B 182 31.94 -1.27 -12.73
C ASN B 182 30.48 -1.20 -12.20
N LEU B 183 29.89 -2.37 -11.94
CA LEU B 183 28.55 -2.48 -11.41
C LEU B 183 28.65 -3.20 -10.08
N LEU B 184 28.26 -2.52 -9.00
CA LEU B 184 28.43 -3.00 -7.64
C LEU B 184 27.05 -3.05 -6.95
N LEU B 185 26.80 -4.10 -6.19
CA LEU B 185 25.53 -4.25 -5.45
C LEU B 185 25.52 -3.38 -4.21
N ASN B 186 24.37 -2.85 -3.86
CA ASN B 186 24.20 -2.16 -2.59
C ASN B 186 24.63 -3.15 -1.48
N TYR B 187 25.44 -2.69 -0.52
CA TYR B 187 25.94 -3.52 0.59
C TYR B 187 24.79 -4.11 1.42
N LYS B 188 23.77 -3.30 1.69
CA LYS B 188 22.59 -3.71 2.45
C LYS B 188 21.39 -4.19 1.60
N ASN B 189 21.59 -4.42 0.28
CA ASN B 189 20.49 -4.80 -0.61
C ASN B 189 21.02 -5.40 -1.92
N PRO B 190 21.03 -6.74 -2.02
CA PRO B 190 21.56 -7.38 -3.24
C PRO B 190 20.68 -7.30 -4.50
N ASP B 191 19.55 -6.60 -4.42
CA ASP B 191 18.74 -6.32 -5.60
C ASP B 191 18.94 -4.91 -6.15
N GLN B 192 19.81 -4.12 -5.52
CA GLN B 192 20.12 -2.77 -6.00
C GLN B 192 21.52 -2.74 -6.60
N VAL B 193 21.61 -2.43 -7.89
CA VAL B 193 22.88 -2.32 -8.60
C VAL B 193 23.25 -0.85 -8.83
N TYR B 194 24.52 -0.56 -8.63
CA TYR B 194 25.06 0.80 -8.76
C TYR B 194 26.16 0.86 -9.90
N LEU B 195 26.21 1.94 -10.71
CA LEU B 195 27.23 2.14 -11.78
C LEU B 195 28.28 3.05 -11.08
N VAL B 196 29.57 2.64 -10.97
CA VAL B 196 30.68 3.34 -10.27
C VAL B 196 31.80 3.74 -11.27
N ASP B 197 32.86 4.40 -10.79
CA ASP B 197 34.00 4.81 -11.60
C ASP B 197 33.69 5.82 -12.75
N TYR B 198 33.45 7.11 -12.43
CA TYR B 198 33.23 8.22 -13.42
C TYR B 198 34.57 8.96 -13.79
N GLY B 199 35.77 8.40 -13.53
CA GLY B 199 37.03 9.03 -13.87
C GLY B 199 37.13 9.27 -15.42
N LEU B 200 36.61 8.35 -16.20
CA LEU B 200 36.53 8.56 -17.65
C LEU B 200 35.18 9.18 -18.15
N ALA B 201 34.31 9.74 -17.27
CA ALA B 201 32.99 10.28 -17.73
C ALA B 201 33.27 11.56 -18.57
N TYR B 202 32.44 11.89 -19.58
CA TYR B 202 32.58 13.05 -20.50
C TYR B 202 31.39 13.98 -20.41
N ARG B 203 31.66 15.26 -20.32
CA ARG B 203 30.55 16.22 -20.23
C ARG B 203 30.29 16.53 -21.68
N TYR B 204 29.32 15.81 -22.24
CA TYR B 204 29.01 15.87 -23.68
C TYR B 204 28.18 17.08 -24.11
N CYS B 205 27.54 17.74 -23.15
N CYS B 205 27.49 17.77 -23.22
CA CYS B 205 26.53 18.75 -23.42
CA CYS B 205 26.64 18.88 -23.68
C CYS B 205 26.61 19.89 -22.40
C CYS B 205 26.57 20.09 -22.75
N PRO B 206 27.75 20.61 -22.33
CA PRO B 206 27.83 21.73 -21.36
C PRO B 206 26.91 22.88 -21.78
N GLU B 207 26.08 23.33 -20.84
CA GLU B 207 25.08 24.39 -21.09
C GLU B 207 24.12 24.03 -22.22
N GLY B 208 23.76 22.74 -22.32
CA GLY B 208 22.86 22.27 -23.37
C GLY B 208 23.31 22.35 -24.82
N VAL B 209 24.60 22.55 -25.07
CA VAL B 209 25.14 22.58 -26.44
C VAL B 209 25.92 21.28 -26.65
N HIS B 210 25.45 20.43 -27.55
CA HIS B 210 26.05 19.11 -27.73
C HIS B 210 27.42 19.27 -28.42
N LYS B 211 28.45 18.67 -27.84
CA LYS B 211 29.74 18.48 -28.53
C LYS B 211 29.53 18.05 -29.98
N ALA B 212 30.20 18.73 -30.92
CA ALA B 212 30.06 18.43 -32.34
C ALA B 212 30.89 17.20 -32.68
N TYR B 213 30.43 16.43 -33.66
CA TYR B 213 31.13 15.20 -34.06
C TYR B 213 32.50 15.54 -34.68
N ALA B 214 33.56 14.98 -34.12
CA ALA B 214 34.88 15.07 -34.75
C ALA B 214 35.74 13.89 -34.31
N ALA B 215 36.48 13.33 -35.27
CA ALA B 215 37.41 12.25 -34.99
C ALA B 215 38.73 12.88 -34.59
N ASP B 216 39.18 12.57 -33.39
CA ASP B 216 40.40 13.04 -32.84
C ASP B 216 41.28 11.79 -32.61
N PRO B 217 42.44 11.68 -33.31
CA PRO B 217 43.26 10.47 -33.16
C PRO B 217 43.69 10.19 -31.73
N LYS B 218 43.77 11.24 -30.91
CA LYS B 218 44.07 11.11 -29.48
C LYS B 218 43.00 10.36 -28.65
N ARG B 219 41.76 10.32 -29.12
CA ARG B 219 40.69 9.59 -28.44
C ARG B 219 40.44 8.16 -28.97
N CYS B 220 41.08 7.76 -30.06
CA CYS B 220 40.78 6.45 -30.68
C CYS B 220 40.93 5.33 -29.68
N HIS B 221 39.88 4.52 -29.60
CA HIS B 221 39.84 3.31 -28.78
C HIS B 221 39.78 3.54 -27.28
N ASP B 222 39.33 4.72 -26.83
CA ASP B 222 39.04 4.92 -25.42
C ASP B 222 37.93 3.99 -24.97
N GLY B 223 37.93 3.72 -23.68
CA GLY B 223 37.04 2.77 -23.04
C GLY B 223 37.70 1.43 -22.79
N THR B 224 36.86 0.42 -22.55
CA THR B 224 37.29 -0.96 -22.42
C THR B 224 37.01 -1.62 -23.78
N ILE B 225 38.08 -2.09 -24.42
CA ILE B 225 38.06 -2.42 -25.84
C ILE B 225 36.93 -3.38 -26.25
N GLU B 226 36.70 -4.43 -25.46
CA GLU B 226 35.64 -5.40 -25.84
C GLU B 226 34.24 -4.77 -25.80
N PHE B 227 34.01 -3.77 -24.94
CA PHE B 227 32.69 -3.16 -24.80
C PHE B 227 32.50 -1.76 -25.38
N THR B 228 33.59 -1.05 -25.69
CA THR B 228 33.47 0.36 -26.04
C THR B 228 32.73 0.58 -27.37
N SER B 229 32.30 1.82 -27.60
CA SER B 229 31.48 2.17 -28.76
C SER B 229 32.29 2.31 -30.06
N ILE B 230 31.60 2.17 -31.18
CA ILE B 230 32.18 2.47 -32.50
C ILE B 230 32.70 3.92 -32.51
N ASP B 231 31.93 4.85 -31.94
CA ASP B 231 32.36 6.26 -31.85
C ASP B 231 33.71 6.35 -31.14
N ALA B 232 33.84 5.70 -29.99
CA ALA B 232 35.09 5.70 -29.27
C ALA B 232 36.24 5.06 -30.07
N HIS B 233 36.00 3.92 -30.71
CA HIS B 233 36.99 3.34 -31.62
C HIS B 233 37.45 4.34 -32.71
N ASN B 234 36.52 5.11 -33.24
CA ASN B 234 36.79 6.09 -34.30
C ASN B 234 37.43 7.39 -33.80
N GLY B 235 37.69 7.53 -32.50
CA GLY B 235 38.27 8.77 -31.96
C GLY B 235 37.27 9.89 -31.71
N VAL B 236 36.00 9.52 -31.57
CA VAL B 236 34.94 10.52 -31.42
C VAL B 236 34.59 10.56 -29.93
N ALA B 237 34.44 11.76 -29.39
CA ALA B 237 34.13 11.93 -27.98
C ALA B 237 32.83 11.17 -27.66
N PRO B 238 32.79 10.47 -26.53
CA PRO B 238 31.59 9.62 -26.29
C PRO B 238 30.30 10.47 -26.17
N SER B 239 29.20 9.93 -26.66
CA SER B 239 27.91 10.55 -26.48
C SER B 239 26.88 9.52 -26.00
N ARG B 240 25.61 9.91 -26.02
CA ARG B 240 24.56 9.08 -25.42
C ARG B 240 24.38 7.72 -26.15
N ARG B 241 24.36 7.73 -27.47
CA ARG B 241 24.21 6.46 -28.19
C ARG B 241 25.33 5.48 -27.82
N GLY B 242 26.54 6.02 -27.61
CA GLY B 242 27.69 5.23 -27.20
C GLY B 242 27.43 4.45 -25.91
N ASP B 243 26.89 5.11 -24.88
CA ASP B 243 26.58 4.43 -23.61
C ASP B 243 25.56 3.30 -23.82
N LEU B 244 24.57 3.53 -24.67
CA LEU B 244 23.55 2.52 -24.94
C LEU B 244 24.11 1.32 -25.73
N GLU B 245 24.98 1.59 -26.69
CA GLU B 245 25.70 0.59 -27.46
C GLU B 245 26.54 -0.29 -26.54
N ILE B 246 27.28 0.34 -25.64
CA ILE B 246 28.08 -0.37 -24.62
C ILE B 246 27.20 -1.31 -23.78
N LEU B 247 26.06 -0.81 -23.33
CA LEU B 247 25.16 -1.65 -22.54
C LEU B 247 24.69 -2.85 -23.38
N GLY B 248 24.39 -2.63 -24.66
CA GLY B 248 24.06 -3.69 -25.60
C GLY B 248 25.08 -4.81 -25.65
N TYR B 249 26.35 -4.45 -25.79
CA TYR B 249 27.42 -5.44 -25.81
C TYR B 249 27.52 -6.15 -24.46
N CYS B 250 27.34 -5.42 -23.37
CA CYS B 250 27.30 -6.05 -22.06
C CYS B 250 26.18 -7.10 -21.93
N MET B 251 24.97 -6.75 -22.38
CA MET B 251 23.81 -7.65 -22.31
C MET B 251 24.07 -8.97 -23.08
N ILE B 252 24.65 -8.86 -24.28
CA ILE B 252 25.01 -10.02 -25.10
C ILE B 252 26.09 -10.87 -24.41
N GLN B 253 27.11 -10.20 -23.87
CA GLN B 253 28.16 -10.87 -23.10
C GLN B 253 27.56 -11.65 -21.95
N TRP B 254 26.64 -11.00 -21.24
CA TRP B 254 26.08 -11.57 -20.04
C TRP B 254 25.19 -12.79 -20.36
N LEU B 255 24.40 -12.68 -21.42
CA LEU B 255 23.50 -13.76 -21.83
C LEU B 255 24.25 -14.98 -22.35
N THR B 256 25.29 -14.77 -23.14
CA THR B 256 25.91 -15.84 -23.94
C THR B 256 27.29 -16.31 -23.48
N GLY B 257 27.92 -15.56 -22.57
CA GLY B 257 29.31 -15.75 -22.19
C GLY B 257 30.37 -15.24 -23.17
N HIS B 258 29.97 -14.68 -24.30
CA HIS B 258 30.93 -14.36 -25.37
C HIS B 258 30.54 -13.09 -26.15
N LEU B 259 31.54 -12.51 -26.81
CA LEU B 259 31.35 -11.55 -27.89
C LEU B 259 32.18 -11.98 -29.09
N PRO B 260 31.74 -11.64 -30.32
CA PRO B 260 32.40 -12.17 -31.51
C PRO B 260 33.86 -11.80 -31.71
N TRP B 261 34.27 -10.66 -31.15
CA TRP B 261 35.59 -10.07 -31.35
C TRP B 261 36.51 -10.34 -30.14
N GLU B 262 36.07 -11.19 -29.21
CA GLU B 262 36.80 -11.44 -27.96
C GLU B 262 38.17 -12.13 -28.09
N ASP B 263 38.41 -12.83 -29.20
CA ASP B 263 39.74 -13.45 -29.44
C ASP B 263 40.73 -12.48 -30.09
N ASN B 264 40.32 -11.23 -30.33
CA ASN B 264 41.11 -10.29 -31.08
C ASN B 264 41.31 -8.97 -30.38
N LEU B 265 41.25 -8.96 -29.05
CA LEU B 265 41.24 -7.70 -28.30
C LEU B 265 42.55 -6.93 -28.35
N LYS B 266 43.64 -7.58 -28.77
CA LYS B 266 44.92 -6.91 -28.99
C LYS B 266 45.01 -6.21 -30.34
N ASP B 267 43.98 -6.36 -31.19
CA ASP B 267 43.90 -5.67 -32.49
C ASP B 267 42.70 -4.72 -32.48
N PRO B 268 42.90 -3.47 -32.03
CA PRO B 268 41.77 -2.52 -31.90
C PRO B 268 41.02 -2.22 -33.21
N LYS B 269 41.78 -2.15 -34.33
CA LYS B 269 41.23 -2.00 -35.68
C LYS B 269 40.24 -3.12 -36.01
N TYR B 270 40.62 -4.35 -35.71
CA TYR B 270 39.75 -5.51 -35.96
C TYR B 270 38.49 -5.45 -35.09
N VAL B 271 38.63 -5.08 -33.81
CA VAL B 271 37.47 -4.97 -32.93
C VAL B 271 36.48 -3.94 -33.49
N ARG B 272 36.99 -2.78 -33.84
CA ARG B 272 36.21 -1.69 -34.46
C ARG B 272 35.46 -2.17 -35.70
N ASP B 273 36.19 -2.81 -36.62
CA ASP B 273 35.63 -3.21 -37.89
C ASP B 273 34.59 -4.32 -37.69
N SER B 274 34.85 -5.22 -36.73
CA SER B 274 33.87 -6.24 -36.39
C SER B 274 32.56 -5.61 -35.86
N LYS B 275 32.65 -4.69 -34.91
CA LYS B 275 31.44 -3.99 -34.39
C LYS B 275 30.68 -3.25 -35.48
N ILE B 276 31.40 -2.59 -36.39
CA ILE B 276 30.79 -1.88 -37.52
C ILE B 276 30.03 -2.86 -38.40
N ARG B 277 30.68 -3.97 -38.71
CA ARG B 277 30.07 -5.04 -39.51
C ARG B 277 28.77 -5.54 -38.88
N TYR B 278 28.80 -5.78 -37.57
CA TYR B 278 27.62 -6.28 -36.86
C TYR B 278 26.54 -5.23 -36.56
N ARG B 279 26.84 -3.94 -36.76
CA ARG B 279 25.84 -2.88 -36.71
C ARG B 279 25.15 -2.77 -38.08
N GLU B 280 25.92 -2.87 -39.15
CA GLU B 280 25.40 -2.94 -40.53
C GLU B 280 24.43 -4.13 -40.72
N ASN B 281 24.74 -5.24 -40.06
CA ASN B 281 24.01 -6.50 -40.18
C ASN B 281 23.74 -7.07 -38.80
N ILE B 282 22.68 -6.57 -38.17
CA ILE B 282 22.30 -7.01 -36.82
C ILE B 282 21.79 -8.44 -36.83
N ALA B 283 21.09 -8.84 -37.88
CA ALA B 283 20.72 -10.25 -38.03
C ALA B 283 21.94 -11.17 -37.89
N SER B 284 23.05 -10.81 -38.54
CA SER B 284 24.26 -11.63 -38.45
C SER B 284 24.88 -11.64 -37.04
N LEU B 285 24.69 -10.57 -36.28
CA LEU B 285 25.10 -10.56 -34.87
C LEU B 285 24.24 -11.47 -34.01
N MET B 286 22.93 -11.46 -34.24
CA MET B 286 22.02 -12.33 -33.50
C MET B 286 22.31 -13.82 -33.83
N ASP B 287 22.52 -14.12 -35.12
CA ASP B 287 22.90 -15.51 -35.51
C ASP B 287 24.20 -15.93 -34.86
N LYS B 288 25.20 -15.05 -34.94
CA LYS B 288 26.51 -15.34 -34.39
C LYS B 288 26.47 -15.59 -32.89
N CYS B 289 25.82 -14.71 -32.14
CA CYS B 289 25.88 -14.74 -30.69
C CYS B 289 24.91 -15.73 -30.05
N PHE B 290 23.80 -16.04 -30.74
CA PHE B 290 22.79 -16.99 -30.22
C PHE B 290 22.60 -18.22 -31.14
N PRO B 291 23.52 -19.20 -31.08
CA PRO B 291 23.44 -20.44 -31.89
C PRO B 291 22.35 -21.47 -31.46
N ALA B 292 22.03 -21.50 -30.17
CA ALA B 292 21.09 -22.48 -29.61
C ALA B 292 19.63 -22.33 -30.07
N ALA B 293 19.20 -21.11 -30.36
CA ALA B 293 17.81 -20.82 -30.75
C ALA B 293 17.71 -19.40 -31.36
N ASN B 294 16.50 -18.94 -31.66
CA ASN B 294 16.30 -17.52 -32.00
C ASN B 294 16.82 -16.63 -30.87
N ALA B 295 17.44 -15.52 -31.22
CA ALA B 295 17.93 -14.56 -30.21
C ALA B 295 16.73 -14.06 -29.41
N PRO B 296 16.91 -13.77 -28.11
CA PRO B 296 15.80 -13.07 -27.43
C PRO B 296 15.39 -11.86 -28.25
N GLY B 297 14.11 -11.75 -28.58
CA GLY B 297 13.59 -10.70 -29.47
C GLY B 297 13.90 -9.28 -29.00
N GLU B 298 13.86 -9.08 -27.69
CA GLU B 298 14.16 -7.77 -27.09
C GLU B 298 15.61 -7.31 -27.30
N ILE B 299 16.55 -8.25 -27.41
CA ILE B 299 17.94 -7.92 -27.69
C ILE B 299 18.11 -7.43 -29.09
N ALA B 300 17.48 -8.09 -30.05
CA ALA B 300 17.50 -7.62 -31.42
C ALA B 300 16.89 -6.22 -31.56
N LYS B 301 15.72 -5.99 -30.96
CA LYS B 301 15.04 -4.68 -31.03
C LYS B 301 15.87 -3.58 -30.37
N TYR B 302 16.53 -3.92 -29.27
CA TYR B 302 17.38 -2.99 -28.54
C TYR B 302 18.54 -2.55 -29.44
N MET B 303 19.23 -3.51 -30.05
CA MET B 303 20.33 -3.20 -30.93
C MET B 303 19.87 -2.45 -32.19
N GLU B 304 18.69 -2.80 -32.71
CA GLU B 304 18.10 -2.04 -33.85
C GLU B 304 17.80 -0.58 -33.49
N THR B 305 17.31 -0.35 -32.26
CA THR B 305 17.01 1.01 -31.79
C THR B 305 18.30 1.84 -31.65
N VAL B 306 19.34 1.26 -31.04
CA VAL B 306 20.64 1.90 -30.90
C VAL B 306 21.24 2.22 -32.28
N LYS B 307 21.11 1.32 -33.24
CA LYS B 307 21.58 1.57 -34.61
C LYS B 307 20.96 2.84 -35.21
N LEU B 308 19.66 3.01 -34.96
CA LEU B 308 18.92 4.17 -35.42
C LEU B 308 19.36 5.51 -34.82
N LEU B 309 20.05 5.49 -33.68
CA LEU B 309 20.47 6.74 -33.02
C LEU B 309 21.60 7.41 -33.75
N ASP B 310 21.44 8.72 -33.97
CA ASP B 310 22.55 9.56 -34.41
C ASP B 310 23.41 10.06 -33.28
N TYR B 311 24.57 10.59 -33.63
CA TYR B 311 25.55 10.97 -32.65
C TYR B 311 25.05 11.97 -31.56
N THR B 312 24.30 12.98 -31.97
CA THR B 312 23.78 13.99 -31.04
C THR B 312 22.34 13.70 -30.59
N GLU B 313 21.75 12.60 -31.06
CA GLU B 313 20.34 12.33 -30.80
C GLU B 313 20.06 11.99 -29.31
N LYS B 314 18.97 12.55 -28.79
CA LYS B 314 18.46 12.16 -27.48
C LYS B 314 17.73 10.82 -27.61
N PRO B 315 18.18 9.79 -26.88
CA PRO B 315 17.48 8.51 -26.93
C PRO B 315 16.08 8.57 -26.35
N LEU B 316 15.17 7.74 -26.87
CA LEU B 316 13.83 7.59 -26.27
C LEU B 316 13.96 6.48 -25.26
N TYR B 317 14.31 6.87 -24.05
CA TYR B 317 14.64 5.92 -23.00
C TYR B 317 13.43 5.04 -22.62
N GLU B 318 12.23 5.63 -22.67
CA GLU B 318 11.00 4.91 -22.35
C GLU B 318 10.74 3.77 -23.35
N ASN B 319 11.02 4.01 -24.62
CA ASN B 319 10.96 2.94 -25.63
C ASN B 319 11.91 1.78 -25.36
N LEU B 320 13.12 2.11 -24.93
CA LEU B 320 14.10 1.07 -24.60
C LEU B 320 13.66 0.26 -23.38
N ARG B 321 13.07 0.95 -22.41
CA ARG B 321 12.55 0.25 -21.22
C ARG B 321 11.39 -0.70 -21.62
N ASP B 322 10.49 -0.19 -22.45
CA ASP B 322 9.36 -0.99 -22.93
C ASP B 322 9.85 -2.20 -23.72
N ILE B 323 10.87 -2.02 -24.56
CA ILE B 323 11.50 -3.16 -25.24
C ILE B 323 11.92 -4.24 -24.25
N LEU B 324 12.61 -3.84 -23.19
CA LEU B 324 13.07 -4.79 -22.20
C LEU B 324 11.92 -5.39 -21.37
N LEU B 325 10.89 -4.59 -21.10
CA LEU B 325 9.71 -5.09 -20.39
C LEU B 325 8.94 -6.16 -21.18
N GLN B 326 8.89 -6.05 -22.51
CA GLN B 326 8.33 -7.10 -23.36
C GLN B 326 9.15 -8.39 -23.26
N GLY B 327 10.47 -8.27 -23.03
CA GLY B 327 11.32 -9.41 -22.74
C GLY B 327 10.92 -10.15 -21.48
N LEU B 328 10.68 -9.40 -20.40
CA LEU B 328 10.23 -9.97 -19.16
C LEU B 328 8.86 -10.63 -19.32
N LYS B 329 7.96 -9.98 -20.06
CA LYS B 329 6.63 -10.54 -20.34
C LYS B 329 6.72 -11.89 -21.11
N ALA B 330 7.58 -11.93 -22.13
CA ALA B 330 7.85 -13.15 -22.90
C ALA B 330 8.28 -14.36 -22.06
N ILE B 331 9.07 -14.13 -21.02
CA ILE B 331 9.51 -15.23 -20.14
C ILE B 331 8.59 -15.47 -18.93
N GLY B 332 7.40 -14.86 -18.94
CA GLY B 332 6.42 -15.07 -17.90
C GLY B 332 6.76 -14.41 -16.58
N SER B 333 7.50 -13.30 -16.63
CA SER B 333 7.89 -12.59 -15.42
C SER B 333 7.45 -11.12 -15.54
N LYS B 334 7.90 -10.29 -14.60
CA LYS B 334 7.69 -8.83 -14.71
C LYS B 334 8.75 -8.05 -13.96
N ASP B 335 8.72 -6.71 -14.05
CA ASP B 335 9.70 -5.88 -13.32
C ASP B 335 9.31 -5.75 -11.85
N ASP B 336 9.79 -6.70 -11.06
CA ASP B 336 9.61 -6.73 -9.60
C ASP B 336 10.90 -6.34 -8.87
N GLY B 337 11.90 -5.86 -9.61
CA GLY B 337 13.14 -5.41 -9.02
C GLY B 337 14.02 -6.52 -8.46
N LYS B 338 13.76 -7.76 -8.85
CA LYS B 338 14.52 -8.91 -8.33
C LYS B 338 15.61 -9.28 -9.34
N LEU B 339 16.86 -9.13 -8.93
CA LEU B 339 17.99 -9.41 -9.82
C LEU B 339 18.26 -10.90 -10.06
N ASP B 340 17.89 -11.76 -9.10
CA ASP B 340 18.04 -13.24 -9.19
C ASP B 340 19.47 -13.69 -9.45
N LEU B 341 20.43 -13.07 -8.78
CA LEU B 341 21.83 -13.36 -9.02
C LEU B 341 22.28 -14.68 -8.40
N GLU C 21 -17.58 -56.68 -8.80
CA GLU C 21 -18.74 -56.36 -9.70
C GLU C 21 -18.31 -55.52 -10.91
N GLN C 22 -17.66 -54.39 -10.67
CA GLN C 22 -17.39 -53.40 -11.75
C GLN C 22 -16.31 -53.84 -12.75
N PHE C 23 -15.24 -54.44 -12.22
CA PHE C 23 -14.13 -54.92 -13.06
C PHE C 23 -13.84 -56.38 -12.78
N ALA C 24 -13.27 -57.07 -13.77
CA ALA C 24 -12.74 -58.42 -13.59
C ALA C 24 -11.29 -58.26 -13.14
N VAL C 25 -10.86 -59.06 -12.16
CA VAL C 25 -9.46 -59.05 -11.70
C VAL C 25 -8.56 -59.42 -12.89
N GLY C 26 -7.64 -58.54 -13.27
CA GLY C 26 -6.79 -58.71 -14.46
C GLY C 26 -7.27 -58.02 -15.74
N GLU C 27 -8.47 -57.45 -15.72
CA GLU C 27 -8.95 -56.63 -16.81
C GLU C 27 -8.04 -55.41 -17.00
N ILE C 28 -7.93 -54.98 -18.25
CA ILE C 28 -7.15 -53.80 -18.62
C ILE C 28 -8.13 -52.67 -18.91
N ILE C 29 -7.92 -51.53 -18.26
CA ILE C 29 -8.78 -50.36 -18.50
C ILE C 29 -7.93 -49.25 -19.07
N THR C 30 -8.51 -48.45 -19.95
CA THR C 30 -7.83 -47.34 -20.57
C THR C 30 -8.49 -46.03 -20.16
N ASP C 31 -7.73 -45.13 -19.54
CA ASP C 31 -8.29 -43.84 -19.06
C ASP C 31 -8.50 -42.84 -20.21
N MET C 32 -9.06 -41.66 -19.90
CA MET C 32 -9.31 -40.66 -20.92
CA MET C 32 -9.26 -40.54 -20.82
C MET C 32 -8.00 -40.14 -21.59
N ALA C 33 -6.86 -40.24 -20.93
CA ALA C 33 -5.58 -39.86 -21.53
C ALA C 33 -4.94 -40.98 -22.37
N ALA C 34 -5.66 -42.09 -22.55
CA ALA C 34 -5.19 -43.31 -23.22
C ALA C 34 -4.06 -44.02 -22.49
N ALA C 35 -3.92 -43.80 -21.19
CA ALA C 35 -3.02 -44.59 -20.37
C ALA C 35 -3.73 -45.89 -19.95
N ALA C 36 -2.98 -47.00 -20.00
CA ALA C 36 -3.51 -48.33 -19.73
C ALA C 36 -3.13 -48.80 -18.32
N TRP C 37 -4.09 -49.37 -17.62
CA TRP C 37 -3.90 -49.89 -16.27
C TRP C 37 -4.49 -51.29 -16.19
N LYS C 38 -3.93 -52.10 -15.29
CA LYS C 38 -4.49 -53.40 -14.99
C LYS C 38 -5.11 -53.39 -13.60
N VAL C 39 -6.29 -54.00 -13.48
CA VAL C 39 -7.08 -54.04 -12.25
C VAL C 39 -6.76 -55.27 -11.39
N GLY C 40 -6.48 -55.02 -10.10
CA GLY C 40 -6.14 -56.05 -9.12
C GLY C 40 -7.33 -56.38 -8.25
N LEU C 41 -7.04 -56.88 -7.03
CA LEU C 41 -8.08 -57.28 -6.09
C LEU C 41 -8.83 -56.07 -5.52
N PRO C 42 -10.16 -56.21 -5.30
CA PRO C 42 -10.88 -55.16 -4.56
C PRO C 42 -10.36 -54.98 -3.13
N ILE C 43 -10.05 -53.75 -2.73
CA ILE C 43 -9.46 -53.43 -1.42
C ILE C 43 -10.13 -52.23 -0.76
N CYS C 50 -16.29 -48.68 -3.56
CA CYS C 50 -15.88 -49.66 -4.57
C CYS C 50 -14.49 -49.30 -5.10
N ILE C 51 -13.47 -49.99 -4.57
CA ILE C 51 -12.06 -49.65 -4.77
C ILE C 51 -11.28 -50.94 -5.10
N TYR C 52 -10.47 -50.89 -6.17
CA TYR C 52 -9.58 -52.00 -6.58
C TYR C 52 -8.11 -51.59 -6.58
N LEU C 53 -7.20 -52.50 -6.22
CA LEU C 53 -5.78 -52.32 -6.50
C LEU C 53 -5.57 -52.19 -7.99
N ALA C 54 -4.52 -51.47 -8.39
CA ALA C 54 -4.25 -51.27 -9.81
C ALA C 54 -2.80 -50.96 -10.06
N ASP C 55 -2.36 -51.25 -11.28
CA ASP C 55 -0.99 -50.99 -11.68
C ASP C 55 -1.01 -50.70 -13.17
N MET C 56 0.12 -50.23 -13.68
CA MET C 56 0.30 -50.00 -15.10
C MET C 56 0.07 -51.34 -15.82
N ASN C 57 -0.45 -51.27 -17.03
CA ASN C 57 -0.63 -52.46 -17.84
C ASN C 57 0.71 -53.10 -18.13
N SER C 58 0.82 -54.40 -17.82
CA SER C 58 1.98 -55.22 -18.17
C SER C 58 1.55 -56.69 -18.36
N SER C 59 2.52 -57.56 -18.58
CA SER C 59 2.31 -59.01 -18.57
C SER C 59 1.97 -59.53 -17.18
N GLU C 60 2.66 -59.02 -16.16
CA GLU C 60 2.43 -59.42 -14.78
C GLU C 60 0.99 -59.07 -14.33
N SER C 61 0.44 -59.88 -13.44
CA SER C 61 -0.82 -59.57 -12.79
C SER C 61 -0.55 -58.64 -11.60
N VAL C 62 -1.60 -57.97 -11.16
CA VAL C 62 -1.48 -56.93 -10.14
C VAL C 62 -1.34 -57.59 -8.76
N GLY C 63 -0.27 -57.23 -8.05
CA GLY C 63 0.07 -57.84 -6.77
C GLY C 63 -0.37 -57.10 -5.52
N SER C 64 -0.23 -57.80 -4.39
CA SER C 64 -0.40 -57.25 -3.02
C SER C 64 0.22 -55.87 -2.83
N ASP C 65 1.35 -55.63 -3.50
CA ASP C 65 2.08 -54.37 -3.43
C ASP C 65 1.80 -53.36 -4.58
N ALA C 66 0.64 -53.45 -5.23
CA ALA C 66 0.30 -52.50 -6.32
C ALA C 66 0.44 -51.04 -5.83
N PRO C 67 0.98 -50.15 -6.67
CA PRO C 67 1.23 -48.80 -6.19
C PRO C 67 0.00 -47.87 -6.33
N CYS C 68 -1.08 -48.35 -6.92
CA CYS C 68 -2.25 -47.50 -7.20
C CYS C 68 -3.53 -48.21 -6.78
N VAL C 69 -4.58 -47.42 -6.67
CA VAL C 69 -5.96 -47.94 -6.61
C VAL C 69 -6.80 -47.25 -7.67
N VAL C 70 -7.90 -47.91 -8.06
CA VAL C 70 -8.90 -47.33 -8.93
C VAL C 70 -10.22 -47.30 -8.18
N LYS C 71 -10.85 -46.12 -8.09
CA LYS C 71 -12.14 -45.93 -7.42
C LYS C 71 -13.16 -45.85 -8.50
N VAL C 72 -14.30 -46.53 -8.30
CA VAL C 72 -15.36 -46.59 -9.28
C VAL C 72 -16.69 -46.27 -8.60
N GLU C 73 -17.46 -45.36 -9.19
CA GLU C 73 -18.77 -45.02 -8.67
C GLU C 73 -19.66 -44.73 -9.88
N PRO C 74 -20.98 -44.78 -9.67
CA PRO C 74 -21.88 -44.31 -10.71
C PRO C 74 -21.54 -42.89 -11.13
N SER C 75 -21.69 -42.59 -12.42
N SER C 75 -21.70 -42.60 -12.42
CA SER C 75 -21.44 -41.27 -12.98
CA SER C 75 -21.44 -41.27 -12.98
C SER C 75 -22.29 -40.16 -12.32
C SER C 75 -22.29 -40.16 -12.33
N ASP C 76 -23.43 -40.52 -11.73
CA ASP C 76 -24.24 -39.54 -10.97
C ASP C 76 -23.76 -39.33 -9.50
N ASN C 77 -22.69 -39.99 -9.08
CA ASN C 77 -22.18 -39.82 -7.72
C ASN C 77 -21.52 -38.43 -7.63
N GLY C 78 -22.14 -37.56 -6.83
CA GLY C 78 -21.67 -36.21 -6.64
C GLY C 78 -20.28 -36.19 -6.02
N PRO C 79 -20.06 -36.98 -4.95
CA PRO C 79 -18.77 -36.96 -4.29
C PRO C 79 -17.58 -37.39 -5.16
N LEU C 80 -17.72 -38.41 -6.00
CA LEU C 80 -16.58 -38.80 -6.85
C LEU C 80 -16.25 -37.70 -7.83
N PHE C 81 -17.25 -36.99 -8.35
CA PHE C 81 -16.99 -35.85 -9.20
C PHE C 81 -16.23 -34.73 -8.48
N THR C 82 -16.70 -34.36 -7.30
CA THR C 82 -16.03 -33.34 -6.48
C THR C 82 -14.58 -33.72 -6.20
N GLU C 83 -14.37 -34.97 -5.81
CA GLU C 83 -13.05 -35.47 -5.48
C GLU C 83 -12.14 -35.48 -6.72
N LEU C 84 -12.70 -35.95 -7.83
CA LEU C 84 -11.93 -35.99 -9.09
C LEU C 84 -11.45 -34.61 -9.51
N LYS C 85 -12.35 -33.62 -9.44
CA LYS C 85 -11.99 -32.24 -9.77
C LYS C 85 -10.88 -31.72 -8.89
N PHE C 86 -10.96 -32.01 -7.59
CA PHE C 86 -9.86 -31.64 -6.69
C PHE C 86 -8.55 -32.25 -7.18
N TYR C 87 -8.60 -33.55 -7.46
CA TYR C 87 -7.37 -34.27 -7.85
C TYR C 87 -6.78 -33.74 -9.15
N GLN C 88 -7.64 -33.42 -10.14
CA GLN C 88 -7.18 -32.91 -11.43
C GLN C 88 -6.56 -31.53 -11.29
N ARG C 89 -7.14 -30.72 -10.42
CA ARG C 89 -6.74 -29.33 -10.25
C ARG C 89 -5.50 -29.20 -9.38
N ALA C 90 -5.39 -30.03 -8.36
CA ALA C 90 -4.40 -29.83 -7.27
C ALA C 90 -3.45 -30.98 -7.04
N ALA C 91 -3.62 -32.11 -7.71
CA ALA C 91 -2.85 -33.29 -7.40
C ALA C 91 -2.10 -33.90 -8.60
N LYS C 92 -1.78 -33.06 -9.57
CA LYS C 92 -1.00 -33.49 -10.73
C LYS C 92 0.41 -33.85 -10.26
N PRO C 93 0.96 -35.01 -10.69
CA PRO C 93 2.23 -35.43 -10.08
C PRO C 93 3.35 -34.40 -10.12
N GLU C 94 3.50 -33.68 -11.23
CA GLU C 94 4.57 -32.66 -11.36
C GLU C 94 4.29 -31.39 -10.59
N GLN C 95 3.01 -31.11 -10.43
CA GLN C 95 2.55 -30.00 -9.61
C GLN C 95 2.99 -30.20 -8.16
N ILE C 96 2.75 -31.40 -7.63
CA ILE C 96 3.14 -31.75 -6.26
C ILE C 96 4.67 -31.77 -6.10
N GLN C 97 5.36 -32.39 -7.06
CA GLN C 97 6.84 -32.45 -7.01
C GLN C 97 7.46 -31.06 -7.02
N LYS C 98 6.91 -30.16 -7.83
CA LYS C 98 7.43 -28.81 -7.88
C LYS C 98 7.28 -28.08 -6.53
N TRP C 99 6.09 -28.13 -5.95
CA TRP C 99 5.83 -27.59 -4.61
C TRP C 99 6.80 -28.15 -3.56
N ILE C 100 6.98 -29.47 -3.54
CA ILE C 100 7.94 -30.13 -2.63
C ILE C 100 9.35 -29.50 -2.75
N ARG C 101 9.78 -29.33 -3.98
CA ARG C 101 11.09 -28.72 -4.25
C ARG C 101 11.11 -27.25 -3.83
N THR C 102 10.13 -26.44 -4.23
CA THR C 102 10.15 -25.01 -3.91
C THR C 102 9.97 -24.70 -2.42
N ARG C 103 9.13 -25.46 -1.70
CA ARG C 103 8.91 -25.25 -0.27
CA ARG C 103 8.91 -25.26 -0.27
C ARG C 103 9.90 -26.07 0.59
N LYS C 104 10.85 -26.75 -0.04
CA LYS C 104 11.91 -27.50 0.64
C LYS C 104 11.33 -28.50 1.63
N LEU C 105 10.41 -29.33 1.14
CA LEU C 105 9.76 -30.38 1.94
C LEU C 105 10.41 -31.71 1.65
N LYS C 106 10.33 -32.62 2.59
CA LYS C 106 10.73 -34.01 2.35
C LYS C 106 9.74 -34.72 1.46
N TYR C 107 8.45 -34.42 1.67
CA TYR C 107 7.37 -35.03 0.92
C TYR C 107 6.14 -34.13 1.11
N LEU C 108 5.06 -34.43 0.40
CA LEU C 108 3.79 -33.73 0.61
C LEU C 108 2.68 -34.78 0.67
N GLY C 109 1.92 -34.77 1.78
CA GLY C 109 0.86 -35.77 1.97
C GLY C 109 -0.45 -35.59 1.21
N VAL C 110 -0.37 -35.14 -0.05
CA VAL C 110 -1.51 -35.11 -0.94
C VAL C 110 -1.32 -36.27 -1.90
N PRO C 111 -2.31 -37.18 -1.99
CA PRO C 111 -2.17 -38.26 -2.95
C PRO C 111 -2.12 -37.80 -4.40
N LYS C 112 -1.24 -38.42 -5.18
CA LYS C 112 -1.15 -38.13 -6.60
C LYS C 112 -2.32 -38.70 -7.41
N TYR C 113 -2.76 -37.91 -8.39
CA TYR C 113 -3.80 -38.24 -9.33
C TYR C 113 -3.15 -38.83 -10.60
N TRP C 114 -3.60 -39.99 -11.03
CA TRP C 114 -2.96 -40.69 -12.20
C TRP C 114 -3.83 -40.80 -13.43
N GLY C 115 -5.14 -40.58 -13.32
CA GLY C 115 -6.03 -40.73 -14.47
C GLY C 115 -7.46 -40.96 -14.10
N SER C 116 -8.34 -40.79 -15.08
CA SER C 116 -9.76 -41.06 -14.88
C SER C 116 -10.47 -41.29 -16.20
N GLY C 117 -11.70 -41.75 -16.11
CA GLY C 117 -12.54 -41.88 -17.29
C GLY C 117 -13.96 -42.32 -16.98
N LEU C 118 -14.65 -42.76 -18.03
CA LEU C 118 -16.01 -43.23 -17.96
C LEU C 118 -16.00 -44.70 -18.41
N HIS C 119 -16.95 -45.49 -17.93
CA HIS C 119 -16.91 -46.96 -18.11
C HIS C 119 -18.31 -47.54 -17.93
N ASP C 120 -18.65 -48.51 -18.79
CA ASP C 120 -19.97 -49.17 -18.77
C ASP C 120 -19.92 -50.63 -18.31
N LYS C 121 -20.93 -51.01 -17.54
CA LYS C 121 -21.21 -52.38 -17.16
C LYS C 121 -22.73 -52.47 -16.91
N ASN C 122 -23.37 -53.49 -17.48
CA ASN C 122 -24.82 -53.70 -17.34
C ASN C 122 -25.65 -52.47 -17.76
N GLY C 123 -25.26 -51.83 -18.86
CA GLY C 123 -25.98 -50.66 -19.40
C GLY C 123 -26.24 -49.49 -18.45
N LYS C 124 -25.25 -49.13 -17.63
CA LYS C 124 -25.28 -47.94 -16.78
C LYS C 124 -23.88 -47.29 -16.76
N SER C 125 -23.80 -45.95 -16.73
CA SER C 125 -22.52 -45.22 -16.80
C SER C 125 -21.83 -45.08 -15.43
N TYR C 126 -20.56 -45.50 -15.36
CA TYR C 126 -19.72 -45.34 -14.19
C TYR C 126 -18.54 -44.42 -14.47
N ARG C 127 -18.01 -43.82 -13.39
CA ARG C 127 -16.85 -42.95 -13.43
C ARG C 127 -15.75 -43.65 -12.65
N PHE C 128 -14.51 -43.65 -13.17
CA PHE C 128 -13.40 -44.19 -12.41
C PHE C 128 -12.25 -43.21 -12.31
N MET C 129 -11.43 -43.41 -11.29
CA MET C 129 -10.28 -42.55 -11.05
C MET C 129 -9.14 -43.39 -10.48
N ILE C 130 -7.93 -43.16 -10.97
CA ILE C 130 -6.75 -43.83 -10.45
C ILE C 130 -5.93 -42.86 -9.60
N MET C 131 -5.57 -43.30 -8.41
CA MET C 131 -4.77 -42.50 -7.47
C MET C 131 -3.79 -43.36 -6.69
N ASP C 132 -2.98 -42.72 -5.86
CA ASP C 132 -1.96 -43.44 -5.06
C ASP C 132 -2.60 -44.44 -4.11
N ARG C 133 -1.92 -45.56 -3.91
CA ARG C 133 -2.34 -46.59 -2.95
C ARG C 133 -1.65 -46.31 -1.64
N PHE C 134 -2.32 -46.57 -0.54
CA PHE C 134 -1.71 -46.37 0.77
C PHE C 134 -1.78 -47.58 1.68
N GLY C 135 -1.00 -47.50 2.76
CA GLY C 135 -1.04 -48.49 3.82
C GLY C 135 -2.17 -48.24 4.81
N SER C 136 -1.89 -48.47 6.08
CA SER C 136 -2.91 -48.37 7.12
C SER C 136 -3.39 -46.93 7.33
N ASP C 137 -4.66 -46.82 7.75
CA ASP C 137 -5.20 -45.56 8.29
C ASP C 137 -4.77 -45.38 9.74
N LEU C 138 -4.67 -44.12 10.19
CA LEU C 138 -4.21 -43.84 11.54
C LEU C 138 -5.19 -44.23 12.64
N GLN C 139 -6.46 -44.32 12.32
CA GLN C 139 -7.48 -44.70 13.31
C GLN C 139 -7.25 -46.15 13.78
N LYS C 140 -6.93 -47.06 12.87
CA LYS C 140 -6.58 -48.46 13.24
C LYS C 140 -5.42 -48.46 14.21
N ILE C 141 -4.36 -47.74 13.86
CA ILE C 141 -3.13 -47.70 14.66
C ILE C 141 -3.39 -47.06 16.05
N TYR C 142 -4.18 -46.00 16.06
CA TYR C 142 -4.60 -45.30 17.26
C TYR C 142 -5.32 -46.24 18.24
N GLU C 143 -6.29 -47.00 17.72
CA GLU C 143 -7.02 -47.98 18.51
C GLU C 143 -6.12 -49.13 19.01
N ALA C 144 -5.21 -49.60 18.16
CA ALA C 144 -4.21 -50.58 18.56
C ALA C 144 -3.26 -50.06 19.65
N ASN C 145 -3.05 -48.73 19.68
CA ASN C 145 -2.23 -48.10 20.72
C ASN C 145 -3.05 -47.55 21.91
N ALA C 146 -4.22 -48.17 22.15
CA ALA C 146 -5.09 -47.82 23.29
C ALA C 146 -5.69 -46.40 23.23
N LYS C 147 -5.93 -45.92 22.00
CA LYS C 147 -6.45 -44.57 21.75
C LYS C 147 -5.59 -43.49 22.38
N ARG C 148 -4.27 -43.62 22.21
CA ARG C 148 -3.31 -42.57 22.54
C ARG C 148 -2.25 -42.52 21.45
N PHE C 149 -1.79 -41.32 21.12
CA PHE C 149 -0.56 -41.12 20.41
C PHE C 149 0.26 -40.28 21.33
N SER C 150 1.57 -40.50 21.31
CA SER C 150 2.50 -39.71 22.08
C SER C 150 2.60 -38.26 21.58
N ARG C 151 3.13 -37.41 22.45
CA ARG C 151 3.38 -36.02 22.12
C ARG C 151 4.30 -35.87 20.90
N LYS C 152 5.35 -36.67 20.83
CA LYS C 152 6.21 -36.73 19.64
C LYS C 152 5.44 -37.07 18.38
N THR C 153 4.57 -38.07 18.43
CA THR C 153 3.80 -38.50 17.27
C THR C 153 2.83 -37.39 16.81
N VAL C 154 2.07 -36.85 17.76
CA VAL C 154 1.05 -35.85 17.45
C VAL C 154 1.71 -34.66 16.77
N LEU C 155 2.82 -34.20 17.33
CA LEU C 155 3.54 -33.07 16.78
C LEU C 155 4.08 -33.33 15.37
N GLN C 156 4.60 -34.53 15.15
CA GLN C 156 5.13 -34.91 13.83
C GLN C 156 4.01 -35.05 12.80
N LEU C 157 2.90 -35.68 13.19
CA LEU C 157 1.73 -35.77 12.30
C LEU C 157 1.26 -34.37 11.92
N SER C 158 1.11 -33.52 12.92
CA SER C 158 0.52 -32.21 12.76
C SER C 158 1.35 -31.25 11.93
N LEU C 159 2.67 -31.30 12.08
CA LEU C 159 3.56 -30.53 11.20
C LEU C 159 3.29 -30.86 9.73
N ARG C 160 3.11 -32.14 9.43
CA ARG C 160 2.93 -32.59 8.05
C ARG C 160 1.50 -32.26 7.56
N ILE C 161 0.53 -32.38 8.45
CA ILE C 161 -0.84 -31.96 8.14
C ILE C 161 -0.90 -30.45 7.85
N LEU C 162 -0.16 -29.66 8.61
CA LEU C 162 -0.04 -28.25 8.30
C LEU C 162 0.59 -27.99 6.89
N ASP C 163 1.59 -28.79 6.50
CA ASP C 163 2.08 -28.73 5.11
C ASP C 163 0.97 -29.02 4.09
N ILE C 164 0.15 -30.03 4.35
CA ILE C 164 -0.91 -30.43 3.44
C ILE C 164 -1.98 -29.33 3.35
N LEU C 165 -2.38 -28.82 4.51
CA LEU C 165 -3.42 -27.80 4.57
C LEU C 165 -2.96 -26.53 3.89
N GLU C 166 -1.72 -26.12 4.13
CA GLU C 166 -1.17 -24.97 3.41
C GLU C 166 -1.26 -25.16 1.88
N TYR C 167 -0.93 -26.37 1.42
CA TYR C 167 -0.99 -26.68 0.00
C TYR C 167 -2.40 -26.61 -0.58
N ILE C 168 -3.34 -27.33 0.00
CA ILE C 168 -4.69 -27.35 -0.57
C ILE C 168 -5.35 -25.98 -0.47
N HIS C 169 -5.12 -25.27 0.64
CA HIS C 169 -5.64 -23.91 0.81
C HIS C 169 -5.10 -22.98 -0.26
N GLU C 170 -3.82 -23.10 -0.54
CA GLU C 170 -3.22 -22.31 -1.62
C GLU C 170 -3.76 -22.72 -2.99
N HIS C 171 -4.33 -23.92 -3.11
CA HIS C 171 -5.02 -24.35 -4.33
C HIS C 171 -6.53 -24.31 -4.27
N GLU C 172 -7.04 -23.39 -3.44
CA GLU C 172 -8.43 -22.92 -3.40
C GLU C 172 -9.39 -23.87 -2.69
N TYR C 173 -8.86 -24.90 -2.00
CA TYR C 173 -9.72 -25.90 -1.38
C TYR C 173 -9.49 -26.00 0.13
N VAL C 174 -10.56 -26.34 0.85
CA VAL C 174 -10.49 -26.79 2.22
C VAL C 174 -11.04 -28.23 2.27
N HIS C 175 -10.57 -28.97 3.24
CA HIS C 175 -10.94 -30.37 3.41
C HIS C 175 -12.20 -30.54 4.26
N GLY C 176 -12.22 -29.84 5.40
CA GLY C 176 -13.37 -29.84 6.31
C GLY C 176 -13.64 -31.10 7.12
N ASP C 177 -12.78 -32.11 7.03
CA ASP C 177 -13.04 -33.40 7.67
C ASP C 177 -11.76 -34.17 7.98
N ILE C 178 -10.77 -33.44 8.50
CA ILE C 178 -9.52 -34.02 8.97
C ILE C 178 -9.83 -34.88 10.21
N LYS C 179 -9.31 -36.10 10.21
CA LYS C 179 -9.44 -37.07 11.31
C LYS C 179 -8.56 -38.28 10.98
N ALA C 180 -8.24 -39.06 12.01
CA ALA C 180 -7.34 -40.22 11.89
C ALA C 180 -7.75 -41.21 10.79
N SER C 181 -9.06 -41.43 10.61
CA SER C 181 -9.56 -42.33 9.58
C SER C 181 -9.33 -41.85 8.13
N ASN C 182 -9.02 -40.56 7.95
CA ASN C 182 -8.73 -39.96 6.64
C ASN C 182 -7.24 -39.63 6.49
N LEU C 183 -6.41 -40.21 7.38
CA LEU C 183 -4.98 -40.06 7.31
C LEU C 183 -4.40 -41.46 7.12
N LEU C 184 -3.72 -41.66 5.98
CA LEU C 184 -3.19 -42.98 5.59
C LEU C 184 -1.69 -42.85 5.46
N LEU C 185 -0.99 -43.94 5.80
CA LEU C 185 0.47 -43.93 5.73
C LEU C 185 0.89 -44.36 4.33
N ASN C 186 2.00 -43.79 3.85
CA ASN C 186 2.63 -44.22 2.59
C ASN C 186 2.93 -45.74 2.72
N TYR C 187 2.48 -46.49 1.72
CA TYR C 187 2.60 -47.95 1.72
C TYR C 187 4.03 -48.46 1.93
N LYS C 188 5.02 -47.73 1.40
CA LYS C 188 6.44 -48.11 1.45
C LYS C 188 7.25 -47.32 2.49
N ASN C 189 6.67 -46.29 3.09
CA ASN C 189 7.38 -45.48 4.09
C ASN C 189 6.41 -45.03 5.19
N PRO C 190 6.41 -45.74 6.34
CA PRO C 190 5.41 -45.47 7.37
C PRO C 190 5.66 -44.19 8.21
N ASP C 191 6.70 -43.42 7.88
CA ASP C 191 6.86 -42.05 8.41
C ASP C 191 6.22 -40.92 7.55
N GLN C 192 5.49 -41.29 6.49
CA GLN C 192 4.81 -40.32 5.62
C GLN C 192 3.29 -40.53 5.69
N VAL C 193 2.60 -39.50 6.13
CA VAL C 193 1.17 -39.56 6.35
C VAL C 193 0.52 -38.70 5.28
N TYR C 194 -0.55 -39.22 4.71
CA TYR C 194 -1.26 -38.56 3.62
C TYR C 194 -2.73 -38.22 4.07
N LEU C 195 -3.29 -37.05 3.65
CA LEU C 195 -4.68 -36.64 3.98
C LEU C 195 -5.48 -37.10 2.72
N VAL C 196 -6.48 -38.00 2.85
CA VAL C 196 -7.32 -38.57 1.76
C VAL C 196 -8.81 -38.16 1.93
N ASP C 197 -9.68 -38.58 1.00
CA ASP C 197 -11.13 -38.34 1.03
C ASP C 197 -11.61 -36.87 0.73
N TYR C 198 -11.50 -36.42 -0.55
CA TYR C 198 -11.95 -35.07 -1.04
C TYR C 198 -13.38 -35.13 -1.70
N GLY C 199 -14.19 -36.17 -1.50
CA GLY C 199 -15.53 -36.24 -2.06
C GLY C 199 -16.43 -35.07 -1.54
N LEU C 200 -16.23 -34.73 -0.28
CA LEU C 200 -16.90 -33.56 0.31
C LEU C 200 -15.95 -32.33 0.53
N ALA C 201 -14.83 -32.21 -0.21
CA ALA C 201 -13.90 -31.04 -0.05
C ALA C 201 -14.64 -29.80 -0.66
N TYR C 202 -14.32 -28.58 -0.22
CA TYR C 202 -14.98 -27.31 -0.63
C TYR C 202 -14.00 -26.33 -1.27
N ARG C 203 -14.37 -25.84 -2.44
CA ARG C 203 -13.56 -24.83 -3.07
C ARG C 203 -13.98 -23.47 -2.48
N TYR C 204 -13.28 -23.06 -1.41
CA TYR C 204 -13.60 -21.85 -0.64
C TYR C 204 -13.20 -20.54 -1.37
N CYS C 205 -12.29 -20.64 -2.34
CA CYS C 205 -11.72 -19.47 -3.02
C CYS C 205 -11.64 -19.65 -4.57
N PRO C 206 -12.73 -20.03 -5.22
CA PRO C 206 -12.65 -20.31 -6.68
C PRO C 206 -12.23 -19.07 -7.48
N GLU C 207 -11.16 -19.22 -8.26
CA GLU C 207 -10.52 -18.12 -9.00
C GLU C 207 -10.19 -16.90 -8.15
N GLY C 208 -9.72 -17.15 -6.93
CA GLY C 208 -9.35 -16.08 -6.03
C GLY C 208 -10.48 -15.31 -5.36
N VAL C 209 -11.73 -15.76 -5.50
CA VAL C 209 -12.87 -15.09 -4.91
C VAL C 209 -13.34 -15.86 -3.67
N HIS C 210 -13.07 -15.32 -2.50
CA HIS C 210 -13.43 -15.99 -1.23
C HIS C 210 -14.94 -16.04 -1.06
N LYS C 211 -15.47 -17.17 -0.61
CA LYS C 211 -16.87 -17.29 -0.32
C LYS C 211 -17.26 -16.35 0.81
N ALA C 212 -18.51 -15.93 0.81
CA ALA C 212 -19.06 -15.08 1.87
C ALA C 212 -19.35 -15.88 3.15
N TYR C 213 -19.48 -15.15 4.25
CA TYR C 213 -19.82 -15.74 5.53
C TYR C 213 -21.30 -16.14 5.57
N ALA C 214 -21.61 -17.30 4.99
CA ALA C 214 -23.00 -17.77 4.88
C ALA C 214 -23.00 -19.24 4.48
N ALA C 215 -24.16 -19.86 4.60
CA ALA C 215 -24.35 -21.24 4.11
C ALA C 215 -24.16 -21.24 2.59
N ASP C 216 -23.54 -22.29 2.07
CA ASP C 216 -23.49 -22.53 0.64
C ASP C 216 -24.57 -23.56 0.36
N PRO C 217 -25.65 -23.17 -0.36
CA PRO C 217 -26.75 -24.13 -0.62
C PRO C 217 -26.33 -25.38 -1.45
N LYS C 218 -25.28 -25.27 -2.25
CA LYS C 218 -24.73 -26.41 -2.98
C LYS C 218 -23.92 -27.40 -2.09
N ARG C 219 -23.78 -27.10 -0.78
CA ARG C 219 -23.10 -27.98 0.19
C ARG C 219 -24.02 -28.37 1.37
N CYS C 220 -24.14 -29.67 1.63
CA CYS C 220 -24.95 -30.23 2.74
C CYS C 220 -24.12 -30.65 3.97
N HIS C 221 -22.86 -31.01 3.74
CA HIS C 221 -22.02 -31.61 4.79
C HIS C 221 -21.57 -30.60 5.83
N ASP C 222 -21.53 -31.04 7.10
CA ASP C 222 -21.06 -30.23 8.23
C ASP C 222 -19.84 -30.84 8.93
N GLY C 223 -19.22 -31.86 8.31
CA GLY C 223 -17.99 -32.48 8.82
C GLY C 223 -18.29 -33.65 9.74
N THR C 224 -17.33 -34.00 10.60
CA THR C 224 -17.56 -35.01 11.63
C THR C 224 -17.81 -34.27 12.95
N ILE C 225 -18.97 -34.50 13.57
CA ILE C 225 -19.46 -33.59 14.60
C ILE C 225 -18.50 -33.31 15.77
N GLU C 226 -17.79 -34.33 16.25
CA GLU C 226 -16.85 -34.10 17.38
C GLU C 226 -15.61 -33.27 17.03
N PHE C 227 -15.23 -33.24 15.75
CA PHE C 227 -14.03 -32.51 15.29
C PHE C 227 -14.32 -31.25 14.50
N THR C 228 -15.56 -31.07 14.04
CA THR C 228 -15.87 -30.02 13.12
C THR C 228 -15.74 -28.62 13.72
N SER C 229 -15.61 -27.63 12.84
CA SER C 229 -15.33 -26.24 13.23
C SER C 229 -16.60 -25.55 13.75
N ILE C 230 -16.40 -24.47 14.50
CA ILE C 230 -17.50 -23.63 14.94
C ILE C 230 -18.27 -23.02 13.72
N ASP C 231 -17.51 -22.59 12.71
CA ASP C 231 -18.11 -22.13 11.45
C ASP C 231 -19.11 -23.13 10.91
N ALA C 232 -18.71 -24.39 10.84
CA ALA C 232 -19.59 -25.45 10.35
C ALA C 232 -20.82 -25.61 11.25
N HIS C 233 -20.62 -25.58 12.57
CA HIS C 233 -21.76 -25.63 13.50
C HIS C 233 -22.73 -24.46 13.30
N ASN C 234 -22.21 -23.28 12.87
CA ASN C 234 -23.02 -22.10 12.59
C ASN C 234 -23.71 -22.11 11.21
N GLY C 235 -23.51 -23.17 10.45
CA GLY C 235 -24.16 -23.37 9.20
C GLY C 235 -23.53 -22.65 8.05
N VAL C 236 -22.30 -22.16 8.19
CA VAL C 236 -21.65 -21.46 7.09
C VAL C 236 -20.66 -22.38 6.40
N ALA C 237 -20.28 -21.99 5.20
CA ALA C 237 -19.34 -22.76 4.39
C ALA C 237 -18.00 -22.79 5.12
N PRO C 238 -17.30 -23.93 5.05
CA PRO C 238 -16.00 -24.07 5.70
C PRO C 238 -14.97 -23.13 5.06
N SER C 239 -14.09 -22.55 5.87
CA SER C 239 -12.92 -21.82 5.34
C SER C 239 -11.61 -22.34 5.99
N ARG C 240 -10.52 -21.61 5.80
CA ARG C 240 -9.23 -22.08 6.17
C ARG C 240 -9.07 -22.22 7.69
N ARG C 241 -9.61 -21.25 8.46
CA ARG C 241 -9.54 -21.33 9.93
C ARG C 241 -10.24 -22.59 10.43
N GLY C 242 -11.32 -22.99 9.76
CA GLY C 242 -12.03 -24.20 10.11
C GLY C 242 -11.18 -25.47 10.08
N ASP C 243 -10.41 -25.63 9.02
CA ASP C 243 -9.51 -26.78 8.91
C ASP C 243 -8.49 -26.81 10.06
N LEU C 244 -7.95 -25.66 10.42
CA LEU C 244 -6.96 -25.58 11.48
C LEU C 244 -7.59 -25.83 12.85
N GLU C 245 -8.81 -25.38 13.01
CA GLU C 245 -9.58 -25.66 14.22
C GLU C 245 -9.81 -27.17 14.35
N ILE C 246 -10.16 -27.81 13.24
CA ILE C 246 -10.39 -29.25 13.24
C ILE C 246 -9.13 -30.02 13.66
N LEU C 247 -7.98 -29.60 13.13
CA LEU C 247 -6.70 -30.19 13.52
C LEU C 247 -6.43 -30.03 15.03
N GLY C 248 -6.78 -28.88 15.60
CA GLY C 248 -6.66 -28.64 17.04
C GLY C 248 -7.38 -29.67 17.87
N TYR C 249 -8.63 -29.96 17.50
CA TYR C 249 -9.43 -30.94 18.24
C TYR C 249 -8.87 -32.35 18.03
N CYS C 250 -8.39 -32.63 16.81
CA CYS C 250 -7.71 -33.90 16.56
C CYS C 250 -6.50 -34.11 17.49
N MET C 251 -5.70 -33.07 17.70
CA MET C 251 -4.49 -33.16 18.50
C MET C 251 -4.85 -33.51 19.95
N ILE C 252 -5.90 -32.91 20.46
CA ILE C 252 -6.38 -33.20 21.81
C ILE C 252 -6.90 -34.61 21.92
N GLN C 253 -7.76 -35.00 20.97
CA GLN C 253 -8.24 -36.36 20.89
C GLN C 253 -7.10 -37.40 20.87
N TRP C 254 -6.07 -37.13 20.08
CA TRP C 254 -4.97 -38.08 19.90
C TRP C 254 -4.15 -38.17 21.19
N LEU C 255 -3.81 -37.03 21.77
CA LEU C 255 -3.05 -36.96 23.00
C LEU C 255 -3.76 -37.59 24.21
N THR C 256 -5.08 -37.41 24.32
CA THR C 256 -5.80 -37.75 25.56
C THR C 256 -6.79 -38.90 25.46
N GLY C 257 -7.11 -39.34 24.24
CA GLY C 257 -8.18 -40.32 24.05
C GLY C 257 -9.60 -39.77 24.10
N HIS C 258 -9.79 -38.48 24.39
CA HIS C 258 -11.11 -37.92 24.62
C HIS C 258 -11.29 -36.46 24.13
N LEU C 259 -12.54 -36.09 23.93
CA LEU C 259 -12.95 -34.68 23.89
C LEU C 259 -14.14 -34.45 24.85
N PRO C 260 -14.23 -33.25 25.45
CA PRO C 260 -15.25 -32.99 26.49
C PRO C 260 -16.73 -33.20 26.10
N TRP C 261 -17.03 -33.01 24.81
CA TRP C 261 -18.38 -33.00 24.29
C TRP C 261 -18.78 -34.35 23.71
N GLU C 262 -17.91 -35.37 23.81
CA GLU C 262 -18.17 -36.69 23.19
C GLU C 262 -19.35 -37.48 23.79
N ASP C 263 -19.81 -37.11 24.98
CA ASP C 263 -21.00 -37.74 25.59
C ASP C 263 -22.33 -37.27 25.02
N ASN C 264 -22.37 -36.14 24.34
CA ASN C 264 -23.63 -35.62 23.83
C ASN C 264 -23.53 -35.21 22.35
N LEU C 265 -22.97 -36.09 21.52
CA LEU C 265 -22.82 -35.81 20.09
C LEU C 265 -24.13 -35.86 19.34
N LYS C 266 -25.21 -36.39 19.95
CA LYS C 266 -26.56 -36.30 19.37
C LYS C 266 -27.25 -34.97 19.66
N ASP C 267 -26.54 -34.05 20.31
CA ASP C 267 -27.06 -32.74 20.67
C ASP C 267 -26.12 -31.65 20.09
N PRO C 268 -26.26 -31.34 18.79
CA PRO C 268 -25.30 -30.42 18.14
C PRO C 268 -25.19 -29.05 18.82
N LYS C 269 -26.29 -28.53 19.37
CA LYS C 269 -26.24 -27.22 20.02
C LYS C 269 -25.35 -27.26 21.26
N TYR C 270 -25.31 -28.39 21.96
CA TYR C 270 -24.43 -28.56 23.11
C TYR C 270 -22.96 -28.66 22.66
N VAL C 271 -22.70 -29.41 21.60
CA VAL C 271 -21.35 -29.51 21.04
C VAL C 271 -20.84 -28.12 20.62
N ARG C 272 -21.67 -27.35 19.91
CA ARG C 272 -21.27 -26.00 19.51
C ARG C 272 -21.03 -25.12 20.74
N ASP C 273 -21.98 -25.18 21.68
CA ASP C 273 -21.89 -24.37 22.88
C ASP C 273 -20.60 -24.64 23.64
N SER C 274 -20.21 -25.91 23.79
CA SER C 274 -18.96 -26.26 24.52
C SER C 274 -17.75 -25.77 23.75
N LYS C 275 -17.71 -26.02 22.43
CA LYS C 275 -16.60 -25.53 21.60
C LYS C 275 -16.41 -24.01 21.71
N ILE C 276 -17.51 -23.25 21.64
CA ILE C 276 -17.46 -21.79 21.74
C ILE C 276 -16.90 -21.35 23.09
N ARG C 277 -17.44 -21.94 24.15
CA ARG C 277 -16.98 -21.65 25.52
C ARG C 277 -15.49 -21.95 25.71
N TYR C 278 -15.06 -23.12 25.22
CA TYR C 278 -13.67 -23.53 25.31
C TYR C 278 -12.73 -22.75 24.39
N ARG C 279 -13.25 -22.17 23.30
CA ARG C 279 -12.47 -21.21 22.52
C ARG C 279 -12.34 -19.86 23.24
N GLU C 280 -13.41 -19.38 23.86
CA GLU C 280 -13.33 -18.14 24.63
C GLU C 280 -12.38 -18.27 25.83
N ASN C 281 -12.21 -19.48 26.38
CA ASN C 281 -11.34 -19.73 27.55
C ASN C 281 -10.53 -21.03 27.31
N ILE C 282 -9.45 -20.90 26.55
CA ILE C 282 -8.62 -22.03 26.16
C ILE C 282 -7.90 -22.69 27.37
N ALA C 283 -7.47 -21.90 28.35
CA ALA C 283 -6.93 -22.48 29.61
C ALA C 283 -7.91 -23.45 30.26
N SER C 284 -9.20 -23.12 30.25
CA SER C 284 -10.21 -24.05 30.77
C SER C 284 -10.31 -25.33 29.97
N LEU C 285 -10.10 -25.28 28.66
CA LEU C 285 -10.09 -26.50 27.86
C LEU C 285 -8.89 -27.40 28.21
N MET C 286 -7.72 -26.80 28.35
CA MET C 286 -6.49 -27.54 28.71
C MET C 286 -6.62 -28.22 30.09
N ASP C 287 -7.20 -27.51 31.06
CA ASP C 287 -7.50 -28.10 32.41
C ASP C 287 -8.50 -29.25 32.33
N LYS C 288 -9.53 -29.10 31.50
CA LYS C 288 -10.53 -30.16 31.32
C LYS C 288 -9.97 -31.40 30.63
N CYS C 289 -9.11 -31.21 29.64
CA CYS C 289 -8.63 -32.32 28.81
C CYS C 289 -7.40 -33.04 29.33
N PHE C 290 -6.56 -32.33 30.08
CA PHE C 290 -5.28 -32.88 30.54
C PHE C 290 -5.17 -32.94 32.06
N PRO C 291 -4.68 -34.08 32.62
CA PRO C 291 -4.32 -34.07 34.04
C PRO C 291 -3.30 -32.95 34.34
N ALA C 292 -3.35 -32.43 35.57
CA ALA C 292 -2.41 -31.42 36.05
C ALA C 292 -1.00 -31.74 35.60
N ALA C 293 -0.32 -30.73 35.06
CA ALA C 293 1.07 -30.82 34.59
C ALA C 293 1.28 -31.49 33.23
N ASN C 294 0.23 -32.07 32.65
CA ASN C 294 0.36 -32.77 31.36
C ASN C 294 0.06 -31.90 30.14
N ALA C 295 -0.59 -30.75 30.29
CA ALA C 295 -1.05 -29.95 29.11
C ALA C 295 0.16 -29.39 28.33
N PRO C 296 0.38 -29.88 27.09
CA PRO C 296 1.46 -29.28 26.30
C PRO C 296 1.15 -27.86 25.90
N GLY C 297 2.07 -26.95 26.21
CA GLY C 297 1.87 -25.52 25.98
C GLY C 297 1.65 -25.13 24.52
N GLU C 298 2.26 -25.89 23.60
CA GLU C 298 2.07 -25.68 22.16
C GLU C 298 0.62 -25.85 21.67
N ILE C 299 -0.17 -26.70 22.32
CA ILE C 299 -1.57 -26.91 21.94
C ILE C 299 -2.41 -25.66 22.22
N ALA C 300 -2.28 -25.12 23.43
CA ALA C 300 -2.91 -23.87 23.81
C ALA C 300 -2.46 -22.70 22.90
N LYS C 301 -1.17 -22.60 22.60
CA LYS C 301 -0.66 -21.50 21.77
C LYS C 301 -1.17 -21.60 20.32
N TYR C 302 -1.20 -22.84 19.79
CA TYR C 302 -1.80 -23.16 18.50
C TYR C 302 -3.28 -22.68 18.46
N MET C 303 -4.07 -23.06 19.46
CA MET C 303 -5.47 -22.66 19.50
C MET C 303 -5.68 -21.16 19.64
N GLU C 304 -4.83 -20.48 20.42
CA GLU C 304 -4.90 -19.02 20.55
C GLU C 304 -4.61 -18.34 19.20
N THR C 305 -3.64 -18.87 18.46
CA THR C 305 -3.32 -18.30 17.14
C THR C 305 -4.46 -18.49 16.15
N VAL C 306 -5.08 -19.68 16.15
CA VAL C 306 -6.21 -19.99 15.26
C VAL C 306 -7.41 -19.12 15.60
N LYS C 307 -7.64 -18.94 16.90
CA LYS C 307 -8.71 -18.09 17.41
C LYS C 307 -8.66 -16.64 16.90
N LEU C 308 -7.47 -16.16 16.61
CA LEU C 308 -7.27 -14.81 16.11
C LEU C 308 -7.58 -14.63 14.62
N LEU C 309 -7.76 -15.74 13.90
CA LEU C 309 -8.05 -15.68 12.46
C LEU C 309 -9.49 -15.30 12.16
N ASP C 310 -9.67 -14.32 11.28
CA ASP C 310 -10.99 -14.02 10.72
C ASP C 310 -11.37 -15.08 9.66
N TYR C 311 -12.64 -15.08 9.29
CA TYR C 311 -13.21 -16.08 8.38
C TYR C 311 -12.47 -16.17 7.03
N THR C 312 -12.07 -15.02 6.50
CA THR C 312 -11.45 -14.94 5.17
C THR C 312 -9.95 -14.83 5.24
N GLU C 313 -9.39 -14.83 6.45
CA GLU C 313 -7.96 -14.52 6.64
C GLU C 313 -7.05 -15.68 6.24
N LYS C 314 -5.92 -15.34 5.62
CA LYS C 314 -4.88 -16.29 5.32
C LYS C 314 -4.10 -16.67 6.59
N PRO C 315 -4.06 -17.96 6.94
CA PRO C 315 -3.26 -18.36 8.10
C PRO C 315 -1.77 -18.12 7.87
N LEU C 316 -1.03 -17.93 8.97
CA LEU C 316 0.43 -17.89 8.92
C LEU C 316 0.93 -19.28 9.31
N TYR C 317 1.02 -20.14 8.30
CA TYR C 317 1.23 -21.56 8.51
C TYR C 317 2.60 -21.81 9.16
N GLU C 318 3.61 -21.06 8.73
CA GLU C 318 4.99 -21.24 9.24
C GLU C 318 5.09 -20.91 10.73
N ASN C 319 4.40 -19.86 11.17
CA ASN C 319 4.24 -19.53 12.59
C ASN C 319 3.55 -20.65 13.39
N LEU C 320 2.54 -21.27 12.79
CA LEU C 320 1.86 -22.40 13.41
C LEU C 320 2.81 -23.58 13.53
N ARG C 321 3.55 -23.88 12.46
CA ARG C 321 4.59 -24.91 12.52
C ARG C 321 5.66 -24.58 13.59
N ASP C 322 6.10 -23.33 13.66
CA ASP C 322 7.05 -22.89 14.68
C ASP C 322 6.54 -23.14 16.09
N ILE C 323 5.25 -22.88 16.33
CA ILE C 323 4.62 -23.21 17.59
C ILE C 323 4.78 -24.67 17.94
N LEU C 324 4.49 -25.54 16.96
CA LEU C 324 4.61 -26.97 17.21
C LEU C 324 6.06 -27.39 17.39
N LEU C 325 7.00 -26.72 16.71
CA LEU C 325 8.43 -27.05 16.87
C LEU C 325 8.93 -26.80 18.30
N GLN C 326 8.34 -25.84 19.01
CA GLN C 326 8.68 -25.58 20.42
C GLN C 326 8.29 -26.76 21.30
N GLY C 327 7.25 -27.49 20.90
CA GLY C 327 6.86 -28.74 21.56
C GLY C 327 7.87 -29.86 21.44
N LEU C 328 8.43 -30.02 20.25
CA LEU C 328 9.48 -31.01 20.02
C LEU C 328 10.73 -30.69 20.85
N LYS C 329 11.10 -29.41 20.85
CA LYS C 329 12.19 -28.86 21.64
C LYS C 329 11.98 -29.11 23.15
N ALA C 330 10.75 -28.92 23.64
CA ALA C 330 10.41 -29.19 25.05
C ALA C 330 10.57 -30.66 25.46
N ILE C 331 10.29 -31.61 24.55
CA ILE C 331 10.52 -33.03 24.82
C ILE C 331 11.91 -33.53 24.39
N GLY C 332 12.83 -32.60 24.11
CA GLY C 332 14.19 -32.95 23.76
C GLY C 332 14.26 -33.70 22.45
N SER C 333 13.59 -33.13 21.44
CA SER C 333 13.59 -33.71 20.11
C SER C 333 13.71 -32.60 19.08
N LYS C 334 13.52 -32.98 17.83
CA LYS C 334 13.51 -32.03 16.74
C LYS C 334 12.64 -32.65 15.63
N ASP C 335 12.36 -31.87 14.59
CA ASP C 335 11.60 -32.38 13.45
C ASP C 335 12.54 -33.26 12.61
N ASP C 336 12.58 -34.54 12.95
CA ASP C 336 13.38 -35.55 12.23
C ASP C 336 12.51 -36.39 11.30
N GLY C 337 11.23 -36.06 11.19
CA GLY C 337 10.32 -36.76 10.29
C GLY C 337 9.87 -38.11 10.78
N LYS C 338 10.19 -38.46 12.02
CA LYS C 338 9.91 -39.76 12.59
C LYS C 338 8.58 -39.70 13.33
N LEU C 339 7.58 -40.43 12.85
CA LEU C 339 6.23 -40.39 13.42
C LEU C 339 6.11 -41.22 14.68
N ASP C 340 7.06 -42.15 14.89
CA ASP C 340 7.06 -43.03 16.05
C ASP C 340 5.86 -43.97 16.10
N LEU C 341 5.44 -44.49 14.95
CA LEU C 341 4.43 -45.54 14.90
C LEU C 341 5.11 -46.89 14.67
N GLN D 22 9.47 22.98 40.90
CA GLN D 22 10.79 22.87 41.58
C GLN D 22 11.94 22.74 40.57
N PHE D 23 11.89 21.71 39.71
CA PHE D 23 13.00 21.37 38.78
C PHE D 23 13.44 22.52 37.88
N ALA D 24 14.72 22.53 37.53
CA ALA D 24 15.34 23.63 36.79
C ALA D 24 15.69 23.21 35.37
N VAL D 25 15.41 24.08 34.40
CA VAL D 25 15.78 23.83 33.01
C VAL D 25 17.27 23.46 32.94
N GLY D 26 17.58 22.37 32.24
CA GLY D 26 18.95 21.85 32.15
C GLY D 26 19.41 20.90 33.25
N GLU D 27 18.64 20.78 34.34
CA GLU D 27 19.00 19.91 35.46
C GLU D 27 19.06 18.42 35.08
N ILE D 28 19.95 17.69 35.74
CA ILE D 28 20.27 16.32 35.37
C ILE D 28 19.72 15.33 36.39
N ILE D 29 19.06 14.28 35.90
CA ILE D 29 18.52 13.20 36.75
C ILE D 29 18.94 11.83 36.24
N THR D 30 18.96 10.87 37.16
CA THR D 30 19.52 9.54 36.90
C THR D 30 18.47 8.48 37.25
N ASP D 31 18.28 7.55 36.31
CA ASP D 31 17.24 6.56 36.45
C ASP D 31 17.83 5.26 37.03
N MET D 32 17.00 4.22 37.12
CA MET D 32 17.38 2.96 37.74
C MET D 32 18.26 2.05 36.89
N ALA D 33 18.43 2.38 35.61
CA ALA D 33 19.47 1.76 34.78
C ALA D 33 20.75 2.62 34.76
N ALA D 34 20.82 3.63 35.62
CA ALA D 34 21.92 4.63 35.67
C ALA D 34 22.06 5.51 34.41
N ALA D 35 21.04 5.54 33.54
CA ALA D 35 21.02 6.44 32.39
C ALA D 35 20.72 7.85 32.89
N ALA D 36 21.33 8.85 32.25
CA ALA D 36 21.22 10.24 32.67
C ALA D 36 20.27 11.01 31.73
N TRP D 37 19.37 11.81 32.31
CA TRP D 37 18.37 12.60 31.54
C TRP D 37 18.48 14.09 31.87
N LYS D 38 18.22 14.94 30.87
CA LYS D 38 18.17 16.41 31.05
C LYS D 38 16.73 16.93 31.02
N VAL D 39 16.39 17.81 31.95
CA VAL D 39 15.06 18.39 32.08
C VAL D 39 14.95 19.68 31.28
N GLY D 40 13.85 19.82 30.52
CA GLY D 40 13.57 21.03 29.73
C GLY D 40 12.49 21.88 30.38
N LEU D 41 11.82 22.69 29.56
CA LEU D 41 10.73 23.56 30.03
C LEU D 41 9.51 22.72 30.45
N PRO D 42 8.72 23.23 31.41
CA PRO D 42 7.45 22.58 31.74
C PRO D 42 6.39 22.81 30.65
N ILE D 43 5.26 22.10 30.75
CA ILE D 43 4.20 22.11 29.72
C ILE D 43 2.80 22.04 30.32
N CYS D 50 5.02 19.76 37.44
CA CYS D 50 4.62 18.35 37.52
C CYS D 50 5.11 17.53 36.34
N ILE D 51 5.04 18.09 35.14
CA ILE D 51 5.51 17.44 33.91
C ILE D 51 6.36 18.41 33.10
N TYR D 52 7.52 17.96 32.63
CA TYR D 52 8.47 18.76 31.87
C TYR D 52 8.91 18.00 30.63
N LEU D 53 9.33 18.75 29.61
CA LEU D 53 10.05 18.15 28.48
C LEU D 53 11.36 17.53 28.97
N ALA D 54 11.84 16.53 28.24
CA ALA D 54 13.04 15.81 28.64
C ALA D 54 13.68 15.05 27.49
N ASP D 55 14.97 14.76 27.66
CA ASP D 55 15.75 14.06 26.64
C ASP D 55 16.94 13.35 27.27
N MET D 56 17.49 12.38 26.55
CA MET D 56 18.74 11.70 26.94
C MET D 56 19.82 12.79 27.11
N ASN D 57 20.57 12.73 28.21
CA ASN D 57 21.61 13.72 28.46
C ASN D 57 22.83 13.45 27.59
N SER D 61 20.97 21.78 25.34
CA SER D 61 19.67 22.15 25.90
C SER D 61 18.56 21.23 25.39
N VAL D 62 17.46 21.20 26.14
CA VAL D 62 16.28 20.42 25.76
C VAL D 62 15.36 21.32 24.91
N GLY D 63 15.20 20.95 23.64
CA GLY D 63 14.37 21.72 22.71
C GLY D 63 12.88 21.56 22.97
N SER D 64 12.08 22.47 22.42
CA SER D 64 10.61 22.41 22.47
C SER D 64 10.01 21.18 21.77
N ASP D 65 10.83 20.47 21.00
CA ASP D 65 10.45 19.27 20.25
C ASP D 65 11.08 17.98 20.82
N ALA D 66 11.31 17.95 22.14
CA ALA D 66 11.95 16.79 22.77
C ALA D 66 11.06 15.53 22.64
N PRO D 67 11.67 14.35 22.53
CA PRO D 67 10.90 13.11 22.34
C PRO D 67 10.35 12.49 23.64
N CYS D 68 10.68 13.04 24.81
CA CYS D 68 10.21 12.50 26.09
C CYS D 68 9.71 13.58 26.98
N VAL D 69 9.02 13.14 28.05
CA VAL D 69 8.68 14.01 29.16
C VAL D 69 9.12 13.33 30.44
N VAL D 70 9.18 14.12 31.51
CA VAL D 70 9.42 13.60 32.84
C VAL D 70 8.31 14.06 33.76
N LYS D 71 7.66 13.08 34.37
CA LYS D 71 6.55 13.30 35.29
C LYS D 71 7.22 13.17 36.69
N VAL D 72 7.09 14.17 37.59
CA VAL D 72 7.69 14.21 38.96
C VAL D 72 6.60 14.43 40.07
N GLU D 73 6.68 13.65 41.17
CA GLU D 73 5.80 13.74 42.37
C GLU D 73 6.61 13.54 43.70
N PRO D 74 6.08 13.92 44.86
CA PRO D 74 6.84 13.70 46.08
C PRO D 74 7.18 12.18 46.27
N SER D 75 8.32 11.81 46.87
CA SER D 75 8.65 10.36 46.99
C SER D 75 7.56 9.49 47.73
N ASP D 76 6.84 10.02 48.73
CA ASP D 76 5.84 9.15 49.44
C ASP D 76 4.80 8.59 48.41
N ASN D 77 4.68 7.25 48.25
CA ASN D 77 3.79 6.51 47.30
C ASN D 77 2.95 7.40 46.25
N GLY D 78 1.62 7.53 46.37
CA GLY D 78 0.85 8.35 45.46
C GLY D 78 0.62 7.74 44.07
N PRO D 79 0.05 8.51 43.15
CA PRO D 79 -0.25 8.02 41.81
C PRO D 79 1.00 7.55 40.98
N LEU D 80 2.09 8.28 41.11
CA LEU D 80 3.30 7.96 40.28
C LEU D 80 3.79 6.51 40.61
N PHE D 81 3.75 6.14 41.88
CA PHE D 81 4.21 4.75 42.27
C PHE D 81 3.25 3.70 41.61
N THR D 82 1.95 3.96 41.66
CA THR D 82 0.95 3.08 41.04
C THR D 82 1.23 2.94 39.54
N GLU D 83 1.54 4.07 38.91
CA GLU D 83 1.85 4.13 37.49
C GLU D 83 3.10 3.31 37.17
N LEU D 84 4.15 3.48 37.97
CA LEU D 84 5.39 2.76 37.74
C LEU D 84 5.17 1.25 37.78
N LYS D 85 4.43 0.77 38.78
CA LYS D 85 4.18 -0.67 38.88
C LYS D 85 3.34 -1.21 37.73
N PHE D 86 2.40 -0.39 37.24
CA PHE D 86 1.64 -0.72 36.02
C PHE D 86 2.56 -0.89 34.81
N TYR D 87 3.35 0.12 34.51
CA TYR D 87 4.26 0.03 33.35
C TYR D 87 5.25 -1.13 33.42
N GLN D 88 5.81 -1.38 34.61
CA GLN D 88 6.79 -2.47 34.78
C GLN D 88 6.16 -3.86 34.62
N ARG D 89 4.95 -4.03 35.14
CA ARG D 89 4.30 -5.35 34.99
C ARG D 89 3.56 -5.58 33.63
N ALA D 90 2.88 -4.56 33.14
CA ALA D 90 1.93 -4.75 32.04
C ALA D 90 2.28 -4.11 30.71
N ALA D 91 3.20 -3.16 30.69
CA ALA D 91 3.45 -2.34 29.52
C ALA D 91 4.91 -2.19 29.16
N LYS D 92 5.66 -3.29 29.30
CA LYS D 92 7.01 -3.34 28.78
C LYS D 92 6.99 -3.33 27.25
N PRO D 93 8.03 -2.78 26.60
CA PRO D 93 7.95 -2.65 25.14
C PRO D 93 7.74 -3.95 24.35
N GLU D 94 8.31 -5.06 24.82
CA GLU D 94 8.08 -6.35 24.16
C GLU D 94 6.65 -6.90 24.34
N GLN D 95 5.99 -6.57 25.44
CA GLN D 95 4.60 -6.92 25.65
C GLN D 95 3.74 -6.16 24.66
N ILE D 96 3.98 -4.87 24.49
CA ILE D 96 3.22 -4.04 23.55
C ILE D 96 3.44 -4.50 22.10
N GLN D 97 4.70 -4.73 21.71
CA GLN D 97 4.98 -5.16 20.34
C GLN D 97 4.43 -6.54 20.00
N LYS D 98 4.49 -7.48 20.94
CA LYS D 98 3.88 -8.80 20.72
C LYS D 98 2.38 -8.68 20.47
N TRP D 99 1.69 -7.83 21.24
CA TRP D 99 0.26 -7.63 21.08
C TRP D 99 -0.06 -6.99 19.73
N ILE D 100 0.68 -5.95 19.37
CA ILE D 100 0.51 -5.27 18.07
C ILE D 100 0.65 -6.29 16.93
N ARG D 101 1.66 -7.15 17.03
CA ARG D 101 1.93 -8.16 16.00
C ARG D 101 0.82 -9.23 15.95
N THR D 102 0.50 -9.83 17.09
CA THR D 102 -0.47 -10.93 17.13
C THR D 102 -1.92 -10.49 16.85
N ARG D 103 -2.28 -9.25 17.20
CA ARG D 103 -3.63 -8.72 16.93
CA ARG D 103 -3.63 -8.72 16.93
C ARG D 103 -3.69 -7.92 15.61
N LYS D 104 -2.54 -7.80 14.92
CA LYS D 104 -2.46 -7.16 13.61
C LYS D 104 -2.98 -5.73 13.66
N LEU D 105 -2.49 -4.97 14.63
CA LEU D 105 -2.90 -3.60 14.80
C LEU D 105 -1.93 -2.72 14.05
N LYS D 106 -2.41 -1.57 13.60
CA LYS D 106 -1.54 -0.53 13.07
C LYS D 106 -0.71 0.07 14.17
N TYR D 107 -1.30 0.22 15.35
CA TYR D 107 -0.59 0.74 16.53
C TYR D 107 -1.37 0.33 17.78
N LEU D 108 -0.81 0.61 18.96
CA LEU D 108 -1.51 0.45 20.22
C LEU D 108 -1.21 1.66 21.08
N GLY D 109 -2.25 2.34 21.57
CA GLY D 109 -2.07 3.61 22.26
C GLY D 109 -1.75 3.51 23.75
N VAL D 110 -0.76 2.66 24.08
CA VAL D 110 -0.17 2.59 25.41
C VAL D 110 1.19 3.26 25.32
N PRO D 111 1.44 4.30 26.12
CA PRO D 111 2.67 5.04 25.97
C PRO D 111 3.93 4.20 26.32
N LYS D 112 5.06 4.62 25.79
CA LYS D 112 6.35 4.01 26.10
C LYS D 112 6.89 4.61 27.38
N TYR D 113 7.20 3.72 28.32
CA TYR D 113 7.93 4.05 29.56
C TYR D 113 9.42 3.88 29.28
N TRP D 114 10.20 4.92 29.53
CA TRP D 114 11.64 4.92 29.26
C TRP D 114 12.51 4.69 30.50
N GLY D 115 12.03 5.06 31.67
CA GLY D 115 12.78 4.86 32.92
C GLY D 115 12.23 5.67 34.07
N SER D 116 12.71 5.36 35.27
CA SER D 116 12.22 5.96 36.50
C SER D 116 13.38 6.10 37.48
N GLY D 117 13.24 7.01 38.43
CA GLY D 117 14.27 7.19 39.45
C GLY D 117 13.84 8.07 40.60
N LEU D 118 14.85 8.58 41.30
CA LEU D 118 14.65 9.49 42.42
C LEU D 118 15.46 10.73 42.20
N HIS D 119 15.11 11.78 42.90
CA HIS D 119 15.83 13.05 42.83
C HIS D 119 15.54 13.88 44.09
N ASP D 120 16.60 14.16 44.85
CA ASP D 120 16.55 15.14 45.95
C ASP D 120 16.76 16.53 45.34
N LYS D 121 15.84 17.47 45.62
CA LYS D 121 15.96 18.86 45.16
C LYS D 121 15.61 19.83 46.30
N ASN D 122 16.62 20.59 46.75
CA ASN D 122 16.45 21.55 47.86
C ASN D 122 15.80 20.93 49.11
N GLY D 123 16.28 19.75 49.51
CA GLY D 123 15.85 19.09 50.75
C GLY D 123 14.78 17.99 50.68
N LYS D 124 13.91 18.01 49.66
CA LYS D 124 12.80 17.03 49.55
C LYS D 124 13.07 15.97 48.47
N SER D 125 12.50 14.78 48.67
CA SER D 125 12.69 13.62 47.77
C SER D 125 11.57 13.47 46.73
N TYR D 126 11.92 13.39 45.46
CA TYR D 126 10.94 13.21 44.37
C TYR D 126 11.14 11.90 43.61
N ARG D 127 10.03 11.26 43.25
CA ARG D 127 10.05 10.13 42.29
C ARG D 127 9.76 10.73 40.92
N PHE D 128 10.36 10.16 39.89
CA PHE D 128 10.10 10.60 38.51
C PHE D 128 9.95 9.42 37.55
N MET D 129 9.29 9.69 36.43
CA MET D 129 9.11 8.72 35.34
C MET D 129 9.29 9.43 34.01
N ILE D 130 10.06 8.80 33.13
CA ILE D 130 10.35 9.29 31.81
C ILE D 130 9.42 8.53 30.87
N MET D 131 8.61 9.31 30.12
CA MET D 131 7.55 8.78 29.24
C MET D 131 7.65 9.41 27.84
N ASP D 132 6.96 8.83 26.86
CA ASP D 132 6.81 9.46 25.52
C ASP D 132 6.31 10.89 25.63
N ARG D 133 6.85 11.75 24.78
CA ARG D 133 6.26 13.08 24.54
C ARG D 133 5.20 12.93 23.48
N PHE D 134 4.03 13.49 23.75
CA PHE D 134 2.91 13.45 22.82
C PHE D 134 2.56 14.82 22.28
N GLY D 135 1.56 14.86 21.41
CA GLY D 135 0.97 16.11 20.94
C GLY D 135 -0.10 16.59 21.90
N SER D 136 -1.16 17.15 21.32
CA SER D 136 -2.26 17.73 22.08
C SER D 136 -3.13 16.66 22.76
N ASP D 137 -3.77 17.04 23.86
CA ASP D 137 -4.86 16.23 24.42
C ASP D 137 -6.16 16.43 23.61
N LEU D 138 -7.08 15.48 23.75
CA LEU D 138 -8.36 15.59 23.11
C LEU D 138 -9.28 16.65 23.73
N GLN D 139 -9.12 16.98 25.01
CA GLN D 139 -10.00 17.94 25.66
C GLN D 139 -9.84 19.35 25.07
N LYS D 140 -8.60 19.70 24.70
CA LYS D 140 -8.32 20.96 24.02
C LYS D 140 -9.00 21.01 22.66
N ILE D 141 -8.85 19.95 21.87
CA ILE D 141 -9.43 19.89 20.52
C ILE D 141 -10.96 19.84 20.58
N TYR D 142 -11.51 19.17 21.58
CA TYR D 142 -12.94 19.15 21.82
C TYR D 142 -13.50 20.53 22.12
N GLU D 143 -12.84 21.27 23.00
CA GLU D 143 -13.31 22.61 23.35
C GLU D 143 -13.21 23.58 22.16
N ALA D 144 -12.10 23.49 21.43
CA ALA D 144 -11.91 24.24 20.17
C ALA D 144 -12.97 23.90 19.12
N ASN D 145 -13.52 22.69 19.16
CA ASN D 145 -14.57 22.25 18.23
C ASN D 145 -15.99 22.44 18.79
N ALA D 146 -16.18 23.46 19.63
CA ALA D 146 -17.47 23.76 20.30
C ALA D 146 -18.08 22.57 21.08
N LYS D 147 -17.20 21.77 21.69
CA LYS D 147 -17.60 20.63 22.53
C LYS D 147 -18.45 19.61 21.80
N ARG D 148 -18.01 19.23 20.60
CA ARG D 148 -18.55 18.09 19.89
C ARG D 148 -17.40 17.36 19.22
N PHE D 149 -17.59 16.06 19.03
CA PHE D 149 -16.87 15.32 18.01
C PHE D 149 -17.94 14.70 17.16
N SER D 150 -17.65 14.49 15.89
CA SER D 150 -18.57 13.81 14.99
C SER D 150 -18.75 12.34 15.38
N ARG D 151 -19.84 11.76 14.89
CA ARG D 151 -20.09 10.35 15.06
C ARG D 151 -18.94 9.51 14.50
N LYS D 152 -18.40 9.93 13.36
CA LYS D 152 -17.19 9.32 12.77
C LYS D 152 -16.04 9.33 13.76
N THR D 153 -15.70 10.51 14.25
CA THR D 153 -14.59 10.70 15.16
C THR D 153 -14.76 9.89 16.46
N VAL D 154 -15.96 9.98 17.04
CA VAL D 154 -16.26 9.28 18.28
C VAL D 154 -16.07 7.78 18.07
N LEU D 155 -16.59 7.25 16.97
CA LEU D 155 -16.48 5.82 16.73
C LEU D 155 -15.04 5.36 16.48
N GLN D 156 -14.26 6.17 15.77
CA GLN D 156 -12.88 5.87 15.48
C GLN D 156 -12.01 5.92 16.74
N LEU D 157 -12.20 6.97 17.55
CA LEU D 157 -11.56 7.08 18.87
C LEU D 157 -11.85 5.87 19.74
N SER D 158 -13.13 5.50 19.81
CA SER D 158 -13.59 4.46 20.69
C SER D 158 -13.09 3.08 20.30
N LEU D 159 -12.98 2.82 18.99
CA LEU D 159 -12.38 1.59 18.54
C LEU D 159 -10.92 1.46 19.03
N ARG D 160 -10.17 2.55 19.02
CA ARG D 160 -8.77 2.51 19.41
C ARG D 160 -8.64 2.42 20.93
N ILE D 161 -9.58 3.02 21.66
CA ILE D 161 -9.64 2.90 23.11
C ILE D 161 -10.01 1.48 23.50
N LEU D 162 -10.94 0.83 22.78
CA LEU D 162 -11.19 -0.58 23.01
C LEU D 162 -9.94 -1.47 22.86
N ASP D 163 -9.08 -1.17 21.88
CA ASP D 163 -7.80 -1.89 21.76
C ASP D 163 -6.94 -1.71 23.02
N ILE D 164 -6.83 -0.46 23.50
CA ILE D 164 -6.05 -0.17 24.70
C ILE D 164 -6.61 -0.88 25.94
N LEU D 165 -7.92 -0.80 26.11
CA LEU D 165 -8.61 -1.44 27.21
C LEU D 165 -8.49 -2.95 27.19
N GLU D 166 -8.67 -3.57 26.03
CA GLU D 166 -8.53 -5.02 25.97
C GLU D 166 -7.10 -5.44 26.38
N TYR D 167 -6.10 -4.69 25.92
CA TYR D 167 -4.70 -4.98 26.22
C TYR D 167 -4.45 -4.90 27.73
N ILE D 168 -4.81 -3.77 28.34
CA ILE D 168 -4.56 -3.61 29.76
C ILE D 168 -5.34 -4.63 30.59
N HIS D 169 -6.60 -4.86 30.22
CA HIS D 169 -7.43 -5.85 30.90
C HIS D 169 -6.83 -7.25 30.84
N GLU D 170 -6.34 -7.64 29.68
CA GLU D 170 -5.69 -8.91 29.50
C GLU D 170 -4.35 -9.01 30.24
N HIS D 171 -3.76 -7.87 30.60
CA HIS D 171 -2.60 -7.80 31.46
C HIS D 171 -2.95 -7.43 32.91
N GLU D 172 -4.16 -7.78 33.36
CA GLU D 172 -4.59 -7.70 34.76
C GLU D 172 -4.90 -6.31 35.34
N TYR D 173 -5.01 -5.28 34.48
CA TYR D 173 -5.24 -3.91 34.93
C TYR D 173 -6.49 -3.25 34.32
N VAL D 174 -7.10 -2.37 35.10
CA VAL D 174 -8.13 -1.46 34.59
C VAL D 174 -7.58 -0.06 34.81
N HIS D 175 -8.02 0.88 33.97
CA HIS D 175 -7.54 2.28 34.03
C HIS D 175 -8.33 3.16 35.00
N GLY D 176 -9.67 3.07 34.95
CA GLY D 176 -10.56 3.82 35.85
C GLY D 176 -10.77 5.32 35.65
N ASP D 177 -10.15 5.90 34.63
CA ASP D 177 -10.21 7.34 34.44
C ASP D 177 -10.10 7.78 32.97
N ILE D 178 -10.77 7.06 32.11
CA ILE D 178 -10.75 7.36 30.68
C ILE D 178 -11.53 8.67 30.54
N LYS D 179 -10.92 9.64 29.86
CA LYS D 179 -11.53 10.92 29.52
C LYS D 179 -10.63 11.64 28.50
N ALA D 180 -11.21 12.63 27.84
CA ALA D 180 -10.50 13.38 26.81
C ALA D 180 -9.18 14.02 27.26
N SER D 181 -9.11 14.52 28.49
CA SER D 181 -7.83 15.06 29.03
C SER D 181 -6.71 14.01 29.21
N ASN D 182 -7.08 12.73 29.28
CA ASN D 182 -6.13 11.60 29.40
C ASN D 182 -5.96 10.88 28.08
N LEU D 183 -6.40 11.51 26.99
CA LEU D 183 -6.20 10.97 25.65
C LEU D 183 -5.33 11.97 24.86
N LEU D 184 -4.13 11.52 24.44
CA LEU D 184 -3.13 12.40 23.81
C LEU D 184 -2.80 11.83 22.45
N LEU D 185 -2.57 12.72 21.49
CA LEU D 185 -2.28 12.30 20.12
C LEU D 185 -0.79 12.05 20.01
N ASN D 186 -0.43 11.05 19.22
CA ASN D 186 0.96 10.82 18.82
C ASN D 186 1.53 12.17 18.29
N TYR D 187 2.74 12.50 18.74
CA TYR D 187 3.42 13.73 18.32
C TYR D 187 3.68 13.76 16.82
N LYS D 188 4.06 12.63 16.24
CA LYS D 188 4.38 12.53 14.83
C LYS D 188 3.22 12.00 13.96
N ASN D 189 2.05 11.69 14.54
CA ASN D 189 0.89 11.20 13.79
C ASN D 189 -0.45 11.53 14.48
N PRO D 190 -1.16 12.58 14.00
CA PRO D 190 -2.41 13.00 14.68
C PRO D 190 -3.62 12.06 14.53
N ASP D 191 -3.49 10.94 13.80
CA ASP D 191 -4.51 9.91 13.76
C ASP D 191 -4.32 8.76 14.78
N GLN D 192 -3.37 8.91 15.69
CA GLN D 192 -3.07 7.87 16.68
C GLN D 192 -3.28 8.46 18.06
N VAL D 193 -4.22 7.89 18.80
CA VAL D 193 -4.55 8.39 20.12
C VAL D 193 -4.02 7.41 21.18
N TYR D 194 -3.43 7.98 22.22
CA TYR D 194 -2.84 7.22 23.32
C TYR D 194 -3.65 7.51 24.65
N LEU D 195 -3.84 6.50 25.53
CA LEU D 195 -4.53 6.66 26.85
C LEU D 195 -3.32 6.82 27.83
N VAL D 196 -3.21 7.94 28.58
CA VAL D 196 -2.10 8.27 29.52
C VAL D 196 -2.62 8.35 30.98
N ASP D 197 -1.75 8.65 31.95
CA ASP D 197 -2.12 8.79 33.34
C ASP D 197 -2.73 7.50 34.01
N TYR D 198 -1.91 6.47 34.32
CA TYR D 198 -2.33 5.21 35.02
C TYR D 198 -2.23 5.33 36.57
N GLY D 199 -2.26 6.55 37.16
CA GLY D 199 -2.21 6.74 38.59
C GLY D 199 -3.39 6.07 39.37
N LEU D 200 -4.61 5.99 38.79
CA LEU D 200 -5.79 5.28 39.39
C LEU D 200 -5.84 3.82 38.88
N ALA D 201 -4.85 3.38 38.10
CA ALA D 201 -4.94 2.03 37.57
C ALA D 201 -4.93 1.02 38.71
N TYR D 202 -5.67 -0.07 38.52
CA TYR D 202 -5.89 -1.07 39.55
C TYR D 202 -5.66 -2.45 38.95
N ARG D 203 -4.91 -3.28 39.69
CA ARG D 203 -4.65 -4.64 39.30
C ARG D 203 -5.79 -5.50 39.82
N TYR D 204 -6.76 -5.71 38.95
CA TYR D 204 -8.05 -6.29 39.32
C TYR D 204 -8.02 -7.81 39.32
N CYS D 205 -7.00 -8.41 38.70
CA CYS D 205 -6.97 -9.84 38.46
C CYS D 205 -5.58 -10.42 38.71
N PRO D 206 -4.99 -10.16 39.90
CA PRO D 206 -3.60 -10.67 40.15
C PRO D 206 -3.55 -12.19 39.97
N GLU D 207 -2.72 -12.65 39.02
CA GLU D 207 -2.53 -14.06 38.66
C GLU D 207 -3.81 -14.78 38.31
N GLY D 208 -4.70 -14.07 37.62
CA GLY D 208 -5.91 -14.68 37.13
C GLY D 208 -7.00 -14.84 38.18
N VAL D 209 -6.83 -14.27 39.37
CA VAL D 209 -7.87 -14.33 40.39
C VAL D 209 -8.53 -12.94 40.52
N HIS D 210 -9.81 -12.85 40.16
CA HIS D 210 -10.51 -11.57 40.16
C HIS D 210 -10.77 -11.11 41.58
N LYS D 211 -10.44 -9.85 41.87
CA LYS D 211 -10.90 -9.14 43.06
C LYS D 211 -12.38 -9.39 43.32
N ALA D 212 -12.72 -9.79 44.56
CA ALA D 212 -14.11 -10.04 44.93
C ALA D 212 -14.84 -8.72 45.14
N TYR D 213 -16.11 -8.70 44.76
CA TYR D 213 -16.94 -7.52 44.88
C TYR D 213 -17.09 -7.13 46.34
N ALA D 214 -16.78 -5.89 46.68
CA ALA D 214 -17.03 -5.38 48.02
C ALA D 214 -17.00 -3.84 48.02
N ALA D 215 -17.91 -3.23 48.77
CA ALA D 215 -17.96 -1.76 48.90
C ALA D 215 -17.06 -1.32 50.05
N ASP D 216 -16.15 -0.40 49.78
CA ASP D 216 -15.20 0.13 50.73
C ASP D 216 -15.43 1.64 50.82
N PRO D 217 -15.77 2.15 52.02
CA PRO D 217 -15.97 3.59 52.26
C PRO D 217 -14.84 4.48 51.76
N LYS D 218 -13.60 3.99 51.84
CA LYS D 218 -12.44 4.74 51.38
C LYS D 218 -12.42 4.93 49.86
N ARG D 219 -13.07 4.03 49.11
CA ARG D 219 -13.12 4.10 47.64
C ARG D 219 -14.29 4.90 47.05
N CYS D 220 -15.31 5.23 47.84
CA CYS D 220 -16.52 5.85 47.29
C CYS D 220 -16.21 7.09 46.42
N HIS D 221 -16.74 7.07 45.19
CA HIS D 221 -16.62 8.16 44.20
C HIS D 221 -15.22 8.44 43.68
N ASP D 222 -14.34 7.45 43.69
CA ASP D 222 -13.05 7.57 43.01
C ASP D 222 -13.28 7.72 41.49
N GLY D 223 -12.31 8.36 40.83
CA GLY D 223 -12.35 8.60 39.40
C GLY D 223 -12.73 10.06 39.19
N THR D 224 -13.06 10.40 37.95
CA THR D 224 -13.56 11.73 37.61
C THR D 224 -15.09 11.65 37.70
N ILE D 225 -15.70 12.47 38.57
CA ILE D 225 -17.08 12.28 39.01
C ILE D 225 -18.09 12.16 37.85
N GLU D 226 -17.97 13.01 36.84
CA GLU D 226 -18.94 12.97 35.72
C GLU D 226 -18.86 11.70 34.87
N PHE D 227 -17.69 11.07 34.82
CA PHE D 227 -17.47 9.89 33.97
C PHE D 227 -17.32 8.56 34.72
N THR D 228 -17.14 8.58 36.05
CA THR D 228 -16.74 7.36 36.74
C THR D 228 -17.89 6.35 36.77
N SER D 229 -17.55 5.12 37.07
CA SER D 229 -18.51 4.00 37.05
C SER D 229 -19.41 4.00 38.27
N ILE D 230 -20.55 3.34 38.14
CA ILE D 230 -21.46 3.09 39.27
C ILE D 230 -20.72 2.29 40.39
N ASP D 231 -19.94 1.31 39.98
CA ASP D 231 -19.06 0.59 40.92
C ASP D 231 -18.20 1.56 41.74
N ALA D 232 -17.47 2.46 41.06
CA ALA D 232 -16.63 3.41 41.79
C ALA D 232 -17.42 4.31 42.72
N HIS D 233 -18.60 4.79 42.28
CA HIS D 233 -19.49 5.55 43.16
C HIS D 233 -19.84 4.77 44.43
N ASN D 234 -20.03 3.46 44.31
CA ASN D 234 -20.41 2.59 45.42
C ASN D 234 -19.22 2.16 46.31
N GLY D 235 -18.01 2.64 46.01
CA GLY D 235 -16.80 2.24 46.71
C GLY D 235 -16.27 0.88 46.34
N VAL D 236 -16.67 0.38 45.18
CA VAL D 236 -16.24 -0.92 44.72
C VAL D 236 -15.00 -0.71 43.87
N ALA D 237 -13.97 -1.53 44.11
CA ALA D 237 -12.75 -1.46 43.33
C ALA D 237 -13.09 -1.61 41.82
N PRO D 238 -12.44 -0.81 40.96
CA PRO D 238 -12.80 -0.78 39.53
C PRO D 238 -12.52 -2.13 38.85
N SER D 239 -13.38 -2.48 37.91
CA SER D 239 -13.19 -3.71 37.11
C SER D 239 -13.43 -3.40 35.64
N ARG D 240 -13.46 -4.44 34.82
CA ARG D 240 -13.48 -4.22 33.39
C ARG D 240 -14.76 -3.52 32.95
N ARG D 241 -15.91 -3.93 33.50
CA ARG D 241 -17.17 -3.29 33.11
C ARG D 241 -17.14 -1.79 33.40
N GLY D 242 -16.49 -1.42 34.51
CA GLY D 242 -16.27 0.00 34.86
C GLY D 242 -15.60 0.80 33.76
N ASP D 243 -14.53 0.25 33.19
CA ASP D 243 -13.78 0.96 32.17
C ASP D 243 -14.65 1.20 30.93
N LEU D 244 -15.43 0.19 30.55
CA LEU D 244 -16.33 0.25 29.40
C LEU D 244 -17.47 1.22 29.62
N GLU D 245 -18.02 1.24 30.84
CA GLU D 245 -19.02 2.19 31.26
C GLU D 245 -18.50 3.61 31.15
N ILE D 246 -17.28 3.84 31.66
CA ILE D 246 -16.66 5.17 31.59
C ILE D 246 -16.56 5.61 30.12
N LEU D 247 -16.08 4.72 29.25
CA LEU D 247 -15.99 5.04 27.82
C LEU D 247 -17.40 5.39 27.25
N GLY D 248 -18.45 4.68 27.68
CA GLY D 248 -19.83 4.99 27.26
C GLY D 248 -20.23 6.43 27.54
N TYR D 249 -19.95 6.87 28.77
CA TYR D 249 -20.21 8.24 29.20
C TYR D 249 -19.38 9.25 28.41
N CYS D 250 -18.11 8.94 28.17
CA CYS D 250 -17.28 9.78 27.31
C CYS D 250 -17.89 9.90 25.89
N MET D 251 -18.37 8.80 25.32
CA MET D 251 -18.89 8.81 23.96
C MET D 251 -20.13 9.73 23.90
N ILE D 252 -21.01 9.65 24.91
CA ILE D 252 -22.19 10.50 24.93
C ILE D 252 -21.78 11.97 25.07
N GLN D 253 -20.85 12.26 25.98
CA GLN D 253 -20.33 13.61 26.20
C GLN D 253 -19.77 14.21 24.92
N TRP D 254 -19.04 13.39 24.16
CA TRP D 254 -18.38 13.83 22.96
C TRP D 254 -19.39 14.06 21.84
N LEU D 255 -20.36 13.15 21.71
CA LEU D 255 -21.39 13.23 20.67
C LEU D 255 -22.34 14.43 20.86
N THR D 256 -22.70 14.71 22.11
CA THR D 256 -23.78 15.63 22.47
C THR D 256 -23.35 16.90 23.19
N GLY D 257 -22.09 16.98 23.63
CA GLY D 257 -21.66 18.08 24.48
C GLY D 257 -22.12 18.10 25.93
N HIS D 258 -22.88 17.09 26.36
CA HIS D 258 -23.50 17.07 27.70
C HIS D 258 -23.66 15.64 28.28
N LEU D 259 -23.83 15.59 29.60
CA LEU D 259 -24.31 14.40 30.28
C LEU D 259 -25.43 14.87 31.20
N PRO D 260 -26.47 14.02 31.44
CA PRO D 260 -27.61 14.44 32.26
C PRO D 260 -27.31 14.94 33.66
N TRP D 261 -26.22 14.48 34.27
CA TRP D 261 -25.93 14.77 35.69
C TRP D 261 -24.95 15.94 35.86
N GLU D 262 -24.56 16.56 34.75
CA GLU D 262 -23.47 17.55 34.76
C GLU D 262 -23.75 18.85 35.53
N ASP D 263 -25.01 19.13 35.85
CA ASP D 263 -25.40 20.32 36.63
C ASP D 263 -25.40 20.14 38.15
N ASN D 264 -25.06 18.96 38.67
CA ASN D 264 -24.98 18.81 40.11
C ASN D 264 -23.85 17.83 40.46
N LEU D 265 -22.68 18.11 39.90
CA LEU D 265 -21.46 17.33 40.13
C LEU D 265 -20.88 17.45 41.56
N LYS D 266 -21.31 18.48 42.31
CA LYS D 266 -20.95 18.67 43.71
C LYS D 266 -21.77 17.79 44.68
N ASP D 267 -22.76 17.06 44.15
CA ASP D 267 -23.57 16.14 44.93
C ASP D 267 -23.33 14.72 44.38
N PRO D 268 -22.39 14.00 45.01
CA PRO D 268 -21.99 12.77 44.33
C PRO D 268 -23.03 11.65 44.39
N LYS D 269 -23.88 11.68 45.41
CA LYS D 269 -25.02 10.79 45.51
C LYS D 269 -26.01 11.00 44.37
N TYR D 270 -26.27 12.27 44.03
CA TYR D 270 -27.12 12.60 42.89
C TYR D 270 -26.52 12.02 41.60
N VAL D 271 -25.22 12.25 41.40
CA VAL D 271 -24.56 11.72 40.21
C VAL D 271 -24.69 10.20 40.14
N ARG D 272 -24.39 9.51 41.25
N ARG D 272 -24.41 9.49 41.25
CA ARG D 272 -24.51 8.06 41.36
CA ARG D 272 -24.52 8.02 41.28
C ARG D 272 -25.92 7.56 41.01
C ARG D 272 -25.94 7.56 40.99
N ASP D 273 -26.91 8.17 41.65
CA ASP D 273 -28.31 7.80 41.49
C ASP D 273 -28.82 8.10 40.09
N SER D 274 -28.35 9.17 39.48
CA SER D 274 -28.73 9.45 38.09
C SER D 274 -28.16 8.36 37.14
N LYS D 275 -26.88 8.01 37.30
CA LYS D 275 -26.29 6.92 36.50
C LYS D 275 -27.05 5.60 36.71
N ILE D 276 -27.46 5.33 37.93
CA ILE D 276 -28.20 4.08 38.21
C ILE D 276 -29.54 4.09 37.50
N ARG D 277 -30.26 5.20 37.63
CA ARG D 277 -31.54 5.38 36.94
C ARG D 277 -31.38 5.20 35.42
N TYR D 278 -30.35 5.81 34.85
CA TYR D 278 -30.06 5.68 33.40
C TYR D 278 -29.47 4.35 32.92
N ARG D 279 -28.97 3.52 33.84
CA ARG D 279 -28.64 2.12 33.51
C ARG D 279 -29.91 1.23 33.59
N GLU D 280 -30.77 1.50 34.58
CA GLU D 280 -32.06 0.81 34.72
C GLU D 280 -32.91 1.04 33.46
N ASN D 281 -32.89 2.26 32.93
CA ASN D 281 -33.67 2.60 31.74
C ASN D 281 -32.83 3.32 30.68
N ILE D 282 -32.23 2.52 29.80
CA ILE D 282 -31.36 3.04 28.75
C ILE D 282 -32.18 3.78 27.68
N ALA D 283 -33.41 3.36 27.43
CA ALA D 283 -34.29 4.17 26.53
C ALA D 283 -34.41 5.61 27.01
N SER D 284 -34.52 5.82 28.32
CA SER D 284 -34.63 7.17 28.87
C SER D 284 -33.31 7.92 28.77
N LEU D 285 -32.19 7.20 28.81
CA LEU D 285 -30.89 7.84 28.61
C LEU D 285 -30.80 8.41 27.21
N MET D 286 -31.20 7.59 26.25
CA MET D 286 -31.15 7.96 24.85
C MET D 286 -32.11 9.12 24.53
N ASP D 287 -33.31 9.11 25.12
CA ASP D 287 -34.28 10.23 24.95
C ASP D 287 -33.72 11.50 25.55
N LYS D 288 -33.08 11.38 26.70
CA LYS D 288 -32.51 12.52 27.40
C LYS D 288 -31.36 13.15 26.64
N CYS D 289 -30.47 12.33 26.11
CA CYS D 289 -29.21 12.86 25.53
C CYS D 289 -29.32 13.16 24.03
N PHE D 290 -30.19 12.43 23.33
CA PHE D 290 -30.28 12.54 21.87
C PHE D 290 -31.70 12.93 21.44
N PRO D 291 -31.83 13.70 20.33
CA PRO D 291 -33.16 13.87 19.72
C PRO D 291 -33.70 12.53 19.26
N ALA D 292 -35.02 12.39 19.24
CA ALA D 292 -35.65 11.17 18.71
C ALA D 292 -35.20 10.83 17.28
N ALA D 293 -35.02 11.84 16.43
CA ALA D 293 -34.71 11.63 15.00
C ALA D 293 -33.27 11.23 14.74
N ASN D 294 -32.37 11.59 15.64
CA ASN D 294 -30.96 11.25 15.50
C ASN D 294 -30.39 10.63 16.79
N ALA D 295 -30.80 9.38 17.03
CA ALA D 295 -30.35 8.60 18.16
C ALA D 295 -29.43 7.48 17.66
N PRO D 296 -28.10 7.63 17.85
CA PRO D 296 -27.21 6.59 17.29
C PRO D 296 -27.46 5.26 17.97
N GLY D 297 -28.02 4.31 17.23
CA GLY D 297 -28.36 2.99 17.75
C GLY D 297 -27.20 2.17 18.33
N GLU D 298 -25.98 2.44 17.85
CA GLU D 298 -24.79 1.72 18.33
C GLU D 298 -24.47 2.07 19.79
N ILE D 299 -24.71 3.33 20.16
CA ILE D 299 -24.52 3.80 21.50
C ILE D 299 -25.49 3.08 22.44
N ALA D 300 -26.74 2.94 22.04
CA ALA D 300 -27.70 2.22 22.85
C ALA D 300 -27.29 0.77 23.03
N LYS D 301 -26.91 0.09 21.95
CA LYS D 301 -26.45 -1.31 22.05
C LYS D 301 -25.19 -1.43 22.90
N TYR D 302 -24.26 -0.50 22.74
CA TYR D 302 -23.07 -0.41 23.56
C TYR D 302 -23.47 -0.35 25.06
N MET D 303 -24.32 0.61 25.44
CA MET D 303 -24.72 0.77 26.84
C MET D 303 -25.48 -0.47 27.37
N GLU D 304 -26.33 -1.08 26.52
CA GLU D 304 -27.03 -2.32 26.88
C GLU D 304 -26.07 -3.48 27.16
N THR D 305 -25.05 -3.60 26.31
CA THR D 305 -24.04 -4.62 26.46
C THR D 305 -23.25 -4.41 27.75
N VAL D 306 -22.89 -3.16 28.06
CA VAL D 306 -22.21 -2.84 29.32
C VAL D 306 -23.10 -3.14 30.54
N LYS D 307 -24.38 -2.80 30.46
CA LYS D 307 -25.35 -3.14 31.52
C LYS D 307 -25.42 -4.65 31.80
N LEU D 308 -25.27 -5.47 30.76
CA LEU D 308 -25.29 -6.93 30.91
C LEU D 308 -24.05 -7.53 31.59
N LEU D 309 -22.97 -6.77 31.74
CA LEU D 309 -21.75 -7.32 32.37
C LEU D 309 -21.89 -7.40 33.87
N ASP D 310 -21.53 -8.55 34.43
CA ASP D 310 -21.31 -8.65 35.86
C ASP D 310 -19.95 -8.12 36.26
N TYR D 311 -19.78 -7.90 37.56
CA TYR D 311 -18.56 -7.29 38.09
C TYR D 311 -17.30 -8.02 37.69
N THR D 312 -17.34 -9.35 37.72
CA THR D 312 -16.16 -10.14 37.37
C THR D 312 -16.10 -10.60 35.93
N GLU D 313 -17.11 -10.26 35.11
CA GLU D 313 -17.27 -10.86 33.78
C GLU D 313 -16.26 -10.33 32.77
N LYS D 314 -15.72 -11.23 31.96
CA LYS D 314 -14.86 -10.86 30.86
C LYS D 314 -15.76 -10.33 29.74
N PRO D 315 -15.54 -9.09 29.30
CA PRO D 315 -16.34 -8.60 28.19
C PRO D 315 -16.04 -9.36 26.90
N LEU D 316 -17.00 -9.36 25.98
CA LEU D 316 -16.74 -9.85 24.62
C LEU D 316 -16.39 -8.63 23.82
N TYR D 317 -15.08 -8.39 23.71
CA TYR D 317 -14.54 -7.17 23.11
C TYR D 317 -14.86 -7.09 21.60
N GLU D 318 -14.90 -8.24 20.93
CA GLU D 318 -15.24 -8.29 19.49
C GLU D 318 -16.71 -7.92 19.22
N ASN D 319 -17.63 -8.41 20.07
CA ASN D 319 -19.06 -8.02 20.06
C ASN D 319 -19.14 -6.49 20.20
N LEU D 320 -18.37 -5.88 21.12
CA LEU D 320 -18.34 -4.40 21.27
C LEU D 320 -17.77 -3.67 20.09
N ARG D 321 -16.69 -4.20 19.51
CA ARG D 321 -16.10 -3.62 18.30
C ARG D 321 -17.10 -3.67 17.15
N ASP D 322 -17.76 -4.80 16.98
CA ASP D 322 -18.73 -4.98 15.93
C ASP D 322 -19.91 -4.01 16.07
N ILE D 323 -20.39 -3.80 17.31
CA ILE D 323 -21.38 -2.76 17.57
C ILE D 323 -20.96 -1.40 17.04
N LEU D 324 -19.73 -0.99 17.32
CA LEU D 324 -19.28 0.33 16.88
C LEU D 324 -19.05 0.39 15.36
N LEU D 325 -18.64 -0.74 14.78
CA LEU D 325 -18.40 -0.81 13.33
C LEU D 325 -19.72 -0.73 12.58
N GLN D 326 -20.77 -1.37 13.10
CA GLN D 326 -22.14 -1.23 12.58
C GLN D 326 -22.57 0.23 12.54
N GLY D 327 -22.11 1.02 13.51
CA GLY D 327 -22.31 2.46 13.53
C GLY D 327 -21.66 3.18 12.37
N LEU D 328 -20.39 2.84 12.11
CA LEU D 328 -19.65 3.41 11.00
C LEU D 328 -20.30 3.07 9.62
N LYS D 329 -20.64 1.81 9.41
CA LYS D 329 -21.37 1.34 8.23
C LYS D 329 -22.70 2.06 8.05
N ALA D 330 -23.44 2.22 9.14
CA ALA D 330 -24.73 2.89 9.12
C ALA D 330 -24.64 4.34 8.68
N ILE D 331 -23.53 5.02 8.97
CA ILE D 331 -23.28 6.38 8.41
C ILE D 331 -22.53 6.35 7.05
N GLY D 332 -22.36 5.17 6.46
CA GLY D 332 -21.67 5.03 5.17
C GLY D 332 -20.18 5.33 5.20
N SER D 333 -19.51 4.93 6.29
CA SER D 333 -18.07 5.06 6.40
C SER D 333 -17.48 3.70 6.73
N LYS D 334 -16.19 3.68 7.06
CA LYS D 334 -15.47 2.45 7.38
C LYS D 334 -14.40 2.77 8.42
N ASP D 335 -13.92 1.74 9.11
CA ASP D 335 -12.73 1.89 9.97
C ASP D 335 -11.50 2.00 9.09
N ASP D 336 -11.15 3.23 8.76
CA ASP D 336 -9.98 3.57 7.95
C ASP D 336 -8.89 4.27 8.77
N GLY D 337 -9.03 4.30 10.10
CA GLY D 337 -8.03 4.90 10.99
C GLY D 337 -7.90 6.41 10.96
N LYS D 338 -8.83 7.10 10.27
CA LYS D 338 -8.86 8.55 10.23
C LYS D 338 -9.77 9.08 11.37
N LEU D 339 -9.19 9.90 12.24
CA LEU D 339 -9.91 10.47 13.37
C LEU D 339 -10.70 11.73 13.02
N ASP D 340 -10.35 12.39 11.92
CA ASP D 340 -11.03 13.58 11.40
C ASP D 340 -11.22 14.64 12.47
N LEU D 341 -10.09 15.06 13.04
CA LEU D 341 -10.05 16.13 14.03
C LEU D 341 -9.65 17.45 13.38
CL CL E . 3.38 40.13 -32.69
CL CL F . -18.22 18.23 -3.23
CL CL G . 35.10 20.53 -17.06
CL CL H . 18.75 19.22 -10.90
CL CL I . 31.60 -21.05 -22.51
C4 E1D J . 34.12 -2.41 -2.67
C14 E1D J . 34.29 2.87 -6.67
C5 E1D J . 34.70 -1.73 -3.76
C6 E1D J . 35.35 -4.45 -3.22
C11 E1D J . 32.42 3.37 -4.70
C7 E1D J . 35.68 -3.83 -4.57
C8 E1D J . 34.04 -4.38 -1.15
C9 E1D J . 36.59 -1.60 -5.37
C10 E1D J . 34.76 -4.36 -5.65
C12 E1D J . 32.57 4.22 -5.77
C13 E1D J . 33.50 3.99 -6.77
N1 E1D J . 33.03 1.39 -3.52
N2 E1D J . 32.82 -0.46 -2.22
C3 E1D J . 33.17 -1.72 -1.92
N3 E1D J . 34.34 -0.46 -4.06
C1 E1D J . 33.22 2.23 -4.63
C2 E1D J . 33.41 0.12 -3.28
N4 E1D J . 34.52 -3.74 -2.38
N5 E1D J . 35.64 -2.35 -4.55
O1 E1D J . 35.82 -5.54 -2.90
C15 E1D J . 34.17 1.99 -5.63
F1 E1D J . 35.20 2.63 -7.64
O2 E1D J . 33.62 4.83 -7.80
F2 E1D J . 31.78 5.30 -5.84
C1 EDO K . 18.33 12.18 -37.01
O1 EDO K . 19.40 12.98 -36.50
C2 EDO K . 17.74 11.31 -35.92
O2 EDO K . 18.26 9.98 -36.03
S SO4 L . 5.63 -26.72 27.73
O1 SO4 L . 4.83 -25.94 28.68
O2 SO4 L . 4.92 -27.97 27.38
O3 SO4 L . 6.91 -27.11 28.35
O4 SO4 L . 5.93 -25.87 26.55
CL CL M . -9.66 -44.42 28.09
C1 GOL N . -16.70 -27.75 -10.25
O1 GOL N . -16.91 -27.60 -11.67
C2 GOL N . -16.43 -26.44 -9.51
O2 GOL N . -17.62 -25.65 -9.41
C3 GOL N . -15.85 -26.66 -8.10
O3 GOL N . -16.72 -26.40 -7.02
S SO4 O . -0.05 -11.29 24.26
O1 SO4 O . -1.10 -12.33 24.13
O2 SO4 O . -0.39 -10.38 25.38
O3 SO4 O . 1.25 -11.93 24.57
O4 SO4 O . 0.05 -10.52 22.99
S SO4 P . -24.18 23.43 23.55
O1 SO4 P . -24.57 24.32 24.66
O2 SO4 P . -25.21 22.37 23.47
O3 SO4 P . -24.17 24.16 22.25
O4 SO4 P . -22.83 22.88 23.74
S SO4 Q . 2.89 -10.80 27.68
O1 SO4 Q . 3.03 -10.30 29.08
O2 SO4 Q . 2.16 -9.79 26.87
O3 SO4 Q . 2.14 -12.08 27.71
O4 SO4 Q . 4.17 -10.97 27.00
S SO4 R . -25.29 -5.61 39.15
O1 SO4 R . -25.91 -4.47 38.44
O2 SO4 R . -26.39 -6.39 39.80
O3 SO4 R . -24.31 -5.09 40.16
O4 SO4 R . -24.58 -6.49 38.16
CL CL S . 0.46 -3.87 43.85
C4 E1D T . 2.24 16.85 26.42
C14 E1D T . 2.45 10.10 29.63
C5 E1D T . 1.68 16.37 27.62
C6 E1D T . 0.92 18.90 26.55
C11 E1D T . 1.78 12.77 29.81
C7 E1D T . 0.05 18.22 27.57
C8 E1D T . 2.65 18.72 24.82
C9 E1D T . 0.44 16.90 29.71
C10 E1D T . -1.22 17.68 26.93
C12 E1D T . 1.28 11.86 30.70
C13 E1D T . 1.61 10.52 30.65
N1 E1D T . 3.21 13.18 27.83
N2 E1D T . 3.43 14.80 26.23
C3 E1D T . 3.14 16.00 25.76
N3 E1D T . 1.99 15.16 28.09
C1 E1D T . 2.62 12.33 28.80
C2 E1D T . 2.85 14.41 27.38
N4 E1D T . 1.90 18.15 25.95
N5 E1D T . 0.76 17.15 28.30
O1 E1D T . 0.76 20.09 26.28
C15 E1D T . 2.96 10.98 28.70
F1 E1D T . 2.76 8.81 29.54
O2 E1D T . 1.10 9.68 31.53
F2 E1D T . 0.44 12.26 31.69
#